data_9F6F
#
_entry.id   9F6F
#
_cell.length_a   1.00
_cell.length_b   1.00
_cell.length_c   1.00
_cell.angle_alpha   90.00
_cell.angle_beta   90.00
_cell.angle_gamma   90.00
#
_symmetry.space_group_name_H-M   'P 1'
#
loop_
_entity.id
_entity.type
_entity.pdbx_description
1 polymer 'DNA polymerase epsilon catalytic subunit A'
2 polymer 'Proliferating cell nuclear antigen'
3 polymer 'DNA nascent strand'
4 polymer 'DNA template strand'
5 non-polymer 'IRON/SULFUR CLUSTER'
6 non-polymer "2',3'-dideoxyadenosine triphosphate"
#
loop_
_entity_poly.entity_id
_entity_poly.type
_entity_poly.pdbx_seq_one_letter_code
_entity_poly.pdbx_strand_id
1 'polypeptide(L)'
;MSLRSGGRRRADPGADGEASRDDGATSSVSALKRLERSQWTDKMDLRFGFERLKEPGEKTGWLINMHPTEILDEDKRLGS
AVDYYFIQDDGSRFKVALPYKPYFYIATRKGCEREVSSFLSKKFQGKIAKVETVPKEDLDLPNHLVGLKRNYIRLSFHTV
EDLVKVRKEISPAVKKNREQDHASDAYTALLSSVLQRGGVITDEEETSKKIADQLDNIVDMREYDVPYHIRLSIDLKIHV
AHWYNVRYRGNAFPVEITRRDDLVERPDPVVLAFAIATTKLPLKFPDAETDQIMMISYMIDGQGYLITNREIVSEDIEDF
EFTPKPEYEGPFCVFNEPDEAHLIQRWFEHVQETKPTIMVTYNGDFFDWPFVEARAAVHGLSMQQEIGFQKDSQGEYKAP
QCIHMDCLRWVKRDSYLPVGSHNLKAAAKAKLGYDPVELDPEDMCRMATEQPQTLATYSVSDAVATYYLYMKYVHPFIFA
LCTIIPMEPDEVLRKGSGTLCEALLMVQAFHANIIFPNKQEQEFNKLTDDGHVLDSETYVGGHVEALESGVFRSDIPCRF
RMNPAAFDFLLQRVEKTLRHALEEEEKVPVEQVTNFEEVCDEIKSKLASLKDVPSRIECPLIYHLDVGAMYPNIILTNRL
QPSAMVDEATCAACDFNKPGANCQRKMAWQWRGEFMPASRSEYHRIQHQLESEKFPPLFPEGPARAFHELSREEQAKYEK
RRLADYCRKAYKKIHITKVEERLTTICQRENSFYVDTVRAFRDRRYEFKGLHKVWKKKLSAAVEVGDAAEVKRCKNMEVL
YDSLQLAHKCILNSFYGYVMRKGARWYSMEMAGIVCFTGANIITQARELIEQIGRPLELDTDGIWCVLPNSFPENFVFKT
TNVKKPKVTISYPGAMLNIMVKEGFTNDQYQELAEPSSLTYVTRSENSIFFEVDGPYLAMILPASKEEGKKLKKRYAVFN
EDGSLAELKGFEVKRRGELQLIKIFQSSVFEAFLKGSTLEEVYGSVAKVADYWLDVLYSKAANMPDSELFELISENRSMS
RKLEDYGEQKSTSISTAKRLAEFLGDQMVKDAGLSCRYIISRKPEGSPVTERAIPLAIFQAEPTVRKHFLRKWLKSSSLQ
DFDIRAILDWDYYIERLGSAIQKIITIPAALQQVKNPVPRVKHPDWLHKKLLEKNDVYKQKKISELFTLEGRRQVTMAEA
;
A
2 'polypeptide(L)'
;MFEARLVQGSILKKVLEALKDLINEACWDISSSGVNLQSMDSSHVSLVQLTLRSEGFDTYRCDRNLAMGVNLTSMSKILK
CAGNEDIITLRAEDNADTLALVFEAPNQEKVSDYEMKLMDLDVEQLGIPEQEYSCVVKMPSGEFARICRDLSHIGDAVVI
SCAKDGVKFSASGELGNGNIKLSQTSNVDKEEEAVTIEMNEPVQLTFALRYLNFFTKATPLSSTVTLSMSADVPLVVEYK
IADMGHLKYYLAPKIEDEEGS
;
B,C,D
3 'polydeoxyribonucleotide'
;(DC)(DC)(DT)(DT)(DC)(DC)(DA)(DC)(DT)(DT)(DC)(DC)(DC)(DA)(DA)(DC)(DC)(DC)(DT)(DC)
(DA)(DC)(DC)(2DA)
;
P
4 'polydeoxyribonucleotide'
;(DA)(DA)(DG)(DG)(DC)(DT)(DG)(DA)(DA)(DC)(DG)(DA)(DA)(DT)(DT)(DG)(DG)(DT)(DG)(DA)
(DG)(DG)(DG)(DT)(DT)(DG)(DG)(DG)(DA)(DA)(DG)(DT)(DG)(DG)(DA)(DA)(DG)(DG)
;
T
#
loop_
_chem_comp.id
_chem_comp.type
_chem_comp.name
_chem_comp.formula
2DA DNA linking 2',3'-DIDEOXYADENOSINE-5'-MONOPHOSPHATE 'C10 H14 N5 O5 P'
DA DNA linking 2'-DEOXYADENOSINE-5'-MONOPHOSPHATE 'C10 H14 N5 O6 P'
DC DNA linking 2'-DEOXYCYTIDINE-5'-MONOPHOSPHATE 'C9 H14 N3 O7 P'
DDS non-polymer '2',3'-dideoxyadenosine triphosphate' 'C10 H16 N5 O11 P3'
DG DNA linking 2'-DEOXYGUANOSINE-5'-MONOPHOSPHATE 'C10 H14 N5 O7 P'
DT DNA linking THYMIDINE-5'-MONOPHOSPHATE 'C10 H15 N2 O8 P'
SF4 non-polymer 'IRON/SULFUR CLUSTER' 'Fe4 S4'
#
# COMPACT_ATOMS: atom_id res chain seq x y z
N SER A 27 -0.16 -54.76 -12.27
CA SER A 27 1.24 -54.50 -12.60
C SER A 27 1.49 -54.64 -14.09
N SER A 28 1.04 -55.77 -14.64
CA SER A 28 1.43 -56.14 -16.00
C SER A 28 1.07 -55.04 -17.00
N VAL A 29 -0.09 -54.40 -16.81
CA VAL A 29 -0.49 -53.33 -17.73
C VAL A 29 0.52 -52.19 -17.72
N SER A 30 0.98 -51.78 -16.54
CA SER A 30 1.99 -50.73 -16.45
C SER A 30 3.32 -51.18 -17.04
N ALA A 31 3.74 -52.41 -16.77
CA ALA A 31 4.99 -52.91 -17.33
C ALA A 31 4.95 -52.95 -18.85
N LEU A 32 3.85 -53.43 -19.43
CA LEU A 32 3.70 -53.43 -20.88
C LEU A 32 3.64 -52.02 -21.45
N LYS A 33 2.95 -51.10 -20.79
CA LYS A 33 2.92 -49.72 -21.27
C LYS A 33 4.31 -49.08 -21.24
N ARG A 34 5.06 -49.31 -20.16
CA ARG A 34 6.43 -48.81 -20.08
C ARG A 34 7.33 -49.40 -21.17
N LEU A 35 7.26 -50.72 -21.37
CA LEU A 35 8.01 -51.35 -22.45
C LEU A 35 7.61 -50.79 -23.81
N GLU A 36 6.30 -50.60 -24.03
CA GLU A 36 5.82 -50.05 -25.29
C GLU A 36 6.38 -48.66 -25.55
N ARG A 37 6.31 -47.76 -24.57
CA ARG A 37 6.84 -46.42 -24.78
C ARG A 37 8.36 -46.41 -24.86
N SER A 38 9.05 -47.29 -24.14
CA SER A 38 10.49 -47.39 -24.27
C SER A 38 10.91 -47.84 -25.66
N GLN A 39 10.19 -48.83 -26.21
CA GLN A 39 10.39 -49.21 -27.61
C GLN A 39 10.12 -48.04 -28.54
N TRP A 40 8.99 -47.37 -28.35
CA TRP A 40 8.63 -46.30 -29.27
C TRP A 40 9.70 -45.22 -29.27
N THR A 41 10.17 -44.82 -28.10
CA THR A 41 11.24 -43.83 -28.01
C THR A 41 12.51 -44.33 -28.67
N ASP A 42 12.83 -45.62 -28.53
CA ASP A 42 14.01 -46.16 -29.18
C ASP A 42 13.91 -46.13 -30.70
N LYS A 43 12.70 -46.31 -31.24
CA LYS A 43 12.51 -46.14 -32.68
C LYS A 43 12.57 -44.67 -33.06
N MET A 44 12.02 -43.80 -32.22
CA MET A 44 12.00 -42.38 -32.52
C MET A 44 13.41 -41.82 -32.63
N ASP A 45 14.25 -42.11 -31.64
CA ASP A 45 15.63 -41.64 -31.72
C ASP A 45 16.48 -42.41 -32.73
N LEU A 46 16.22 -43.69 -32.97
CA LEU A 46 16.91 -44.37 -34.06
C LEU A 46 16.59 -43.78 -35.42
N ARG A 47 15.35 -43.31 -35.62
CA ARG A 47 15.03 -42.57 -36.84
C ARG A 47 15.89 -41.32 -36.99
N PHE A 48 16.31 -40.70 -35.89
CA PHE A 48 17.22 -39.57 -35.90
C PHE A 48 18.69 -39.97 -35.84
N GLY A 49 19.02 -41.24 -36.05
CA GLY A 49 20.39 -41.65 -36.25
C GLY A 49 21.16 -41.96 -34.99
N PHE A 50 20.52 -41.89 -33.81
CA PHE A 50 21.18 -42.23 -32.55
C PHE A 50 21.10 -43.74 -32.35
N GLU A 51 22.01 -44.44 -33.02
CA GLU A 51 22.13 -45.88 -32.85
C GLU A 51 22.61 -46.23 -31.46
N ARG A 52 21.98 -47.25 -30.87
CA ARG A 52 22.47 -47.78 -29.61
C ARG A 52 23.76 -48.57 -29.82
N LEU A 53 24.67 -48.47 -28.84
CA LEU A 53 25.88 -49.27 -28.82
C LEU A 53 25.56 -50.69 -28.40
N LYS A 54 25.12 -51.48 -29.38
CA LYS A 54 24.71 -52.85 -29.13
C LYS A 54 25.89 -53.80 -29.05
N GLU A 55 26.98 -53.49 -29.75
CA GLU A 55 28.13 -54.38 -29.88
C GLU A 55 29.33 -53.88 -29.08
N PRO A 56 30.03 -54.78 -28.37
CA PRO A 56 31.21 -54.38 -27.60
C PRO A 56 32.22 -53.59 -28.42
N GLY A 57 32.89 -52.67 -27.74
CA GLY A 57 33.86 -51.81 -28.39
C GLY A 57 34.18 -50.61 -27.53
N GLU A 58 35.08 -49.78 -28.05
CA GLU A 58 35.54 -48.60 -27.33
C GLU A 58 35.64 -47.40 -28.25
N LYS A 59 35.10 -46.26 -27.82
CA LYS A 59 35.00 -45.07 -28.64
C LYS A 59 35.09 -43.85 -27.75
N THR A 60 35.18 -42.67 -28.36
CA THR A 60 35.10 -41.41 -27.64
C THR A 60 34.01 -40.52 -28.22
N GLY A 61 33.43 -39.70 -27.36
CA GLY A 61 32.42 -38.75 -27.80
C GLY A 61 32.13 -37.70 -26.76
N TRP A 62 31.31 -36.73 -27.16
CA TRP A 62 30.91 -35.61 -26.32
C TRP A 62 29.48 -35.82 -25.84
N LEU A 63 29.27 -35.71 -24.52
CA LEU A 63 27.97 -35.98 -23.90
C LEU A 63 27.05 -34.78 -24.06
N ILE A 64 26.03 -34.89 -24.92
CA ILE A 64 25.19 -33.74 -25.22
C ILE A 64 23.84 -33.74 -24.50
N ASN A 65 23.32 -34.90 -24.08
CA ASN A 65 22.01 -34.93 -23.47
C ASN A 65 21.84 -36.21 -22.66
N MET A 66 20.80 -36.26 -21.82
CA MET A 66 20.48 -37.50 -21.14
C MET A 66 18.99 -37.54 -20.79
N HIS A 67 18.49 -38.76 -20.56
CA HIS A 67 17.16 -38.98 -20.00
C HIS A 67 17.15 -40.28 -19.19
N PRO A 68 16.31 -40.37 -18.17
CA PRO A 68 16.09 -41.65 -17.47
C PRO A 68 15.15 -42.59 -18.20
N THR A 69 15.37 -43.89 -17.98
CA THR A 69 14.81 -44.98 -18.78
C THR A 69 14.81 -46.25 -17.93
N GLU A 70 13.91 -47.17 -18.24
CA GLU A 70 13.99 -48.55 -17.76
C GLU A 70 14.36 -49.52 -18.89
N ILE A 71 15.17 -50.52 -18.55
CA ILE A 71 15.62 -51.54 -19.49
C ILE A 71 15.52 -52.92 -18.83
N LEU A 72 15.65 -53.95 -19.66
CA LEU A 72 15.50 -55.34 -19.25
C LEU A 72 16.87 -55.92 -18.87
N ASP A 73 16.93 -56.56 -17.71
CA ASP A 73 18.18 -57.11 -17.19
C ASP A 73 18.44 -58.52 -17.70
N GLU A 74 19.40 -59.22 -17.07
CA GLU A 74 19.77 -60.57 -17.46
C GLU A 74 18.64 -61.58 -17.26
N ASP A 75 17.66 -61.28 -16.43
CA ASP A 75 16.44 -62.06 -16.34
C ASP A 75 15.34 -61.49 -17.23
N LYS A 76 15.64 -60.40 -17.93
CA LYS A 76 14.64 -59.54 -18.55
C LYS A 76 13.63 -59.02 -17.54
N ARG A 77 14.05 -58.92 -16.28
CA ARG A 77 13.33 -58.07 -15.34
C ARG A 77 13.58 -56.62 -15.73
N LEU A 78 12.56 -55.78 -15.58
CA LEU A 78 12.74 -54.36 -15.82
C LEU A 78 13.64 -53.75 -14.75
N GLY A 79 14.54 -52.88 -15.19
CA GLY A 79 15.35 -52.10 -14.27
C GLY A 79 15.53 -50.70 -14.83
N SER A 80 15.75 -49.76 -13.91
CA SER A 80 15.87 -48.37 -14.29
C SER A 80 17.27 -48.04 -14.79
N ALA A 81 17.35 -47.11 -15.74
CA ALA A 81 18.60 -46.78 -16.40
C ALA A 81 18.49 -45.35 -16.94
N VAL A 82 19.64 -44.79 -17.31
CA VAL A 82 19.69 -43.49 -17.98
C VAL A 82 20.30 -43.69 -19.36
N ASP A 83 19.61 -43.18 -20.39
CA ASP A 83 20.18 -43.07 -21.72
C ASP A 83 21.03 -41.80 -21.84
N TYR A 84 22.35 -41.98 -21.96
CA TYR A 84 23.26 -40.90 -22.30
C TYR A 84 23.43 -40.82 -23.81
N TYR A 85 23.32 -39.62 -24.34
CA TYR A 85 23.41 -39.35 -25.78
C TYR A 85 24.73 -38.65 -26.07
N PHE A 86 25.50 -39.20 -27.01
CA PHE A 86 26.80 -38.67 -27.34
C PHE A 86 26.80 -38.22 -28.81
N ILE A 87 27.72 -37.32 -29.12
CA ILE A 87 28.03 -36.92 -30.49
C ILE A 87 29.52 -37.10 -30.72
N GLN A 88 29.88 -37.58 -31.91
CA GLN A 88 31.27 -37.68 -32.33
C GLN A 88 31.65 -36.49 -33.20
N ASP A 89 32.97 -36.29 -33.34
CA ASP A 89 33.47 -35.14 -34.08
C ASP A 89 33.12 -35.21 -35.56
N ASP A 90 32.92 -36.40 -36.11
CA ASP A 90 32.53 -36.57 -37.49
C ASP A 90 31.04 -36.40 -37.73
N GLY A 91 30.25 -36.13 -36.69
CA GLY A 91 28.82 -35.97 -36.81
C GLY A 91 28.02 -37.24 -36.60
N SER A 92 28.68 -38.39 -36.43
CA SER A 92 27.97 -39.58 -35.97
C SER A 92 27.57 -39.41 -34.51
N ARG A 93 26.57 -40.16 -34.10
CA ARG A 93 25.92 -39.96 -32.82
C ARG A 93 25.52 -41.32 -32.27
N PHE A 94 25.39 -41.42 -30.95
CA PHE A 94 24.98 -42.72 -30.42
C PHE A 94 24.42 -42.59 -29.01
N LYS A 95 23.82 -43.68 -28.54
CA LYS A 95 23.26 -43.78 -27.21
C LYS A 95 23.97 -44.86 -26.41
N VAL A 96 23.99 -44.72 -25.10
CA VAL A 96 24.25 -45.82 -24.18
C VAL A 96 23.22 -45.76 -23.06
N ALA A 97 22.61 -46.89 -22.75
CA ALA A 97 21.85 -47.02 -21.51
C ALA A 97 22.74 -47.55 -20.40
N LEU A 98 22.84 -46.79 -19.30
CA LEU A 98 23.54 -47.25 -18.11
C LEU A 98 22.54 -47.52 -16.99
N PRO A 99 22.40 -48.76 -16.52
CA PRO A 99 21.50 -49.05 -15.40
C PRO A 99 22.10 -48.65 -14.06
N TYR A 100 21.28 -48.03 -13.21
CA TYR A 100 21.73 -47.73 -11.85
C TYR A 100 20.57 -47.78 -10.86
N LYS A 101 20.80 -48.49 -9.75
CA LYS A 101 19.80 -48.79 -8.73
C LYS A 101 19.61 -47.64 -7.74
N PRO A 102 18.49 -46.92 -7.79
CA PRO A 102 18.30 -45.80 -6.86
C PRO A 102 18.17 -46.28 -5.42
N TYR A 103 18.38 -45.34 -4.49
CA TYR A 103 18.41 -45.65 -3.07
C TYR A 103 18.07 -44.42 -2.25
N PHE A 104 17.75 -44.66 -0.97
CA PHE A 104 17.70 -43.60 0.03
C PHE A 104 18.11 -44.18 1.38
N TYR A 105 18.25 -43.32 2.39
CA TYR A 105 18.79 -43.74 3.68
C TYR A 105 17.72 -43.74 4.76
N ILE A 106 17.87 -44.64 5.72
CA ILE A 106 17.12 -44.59 6.97
C ILE A 106 18.08 -44.68 8.15
N ALA A 107 17.67 -44.11 9.27
CA ALA A 107 18.41 -44.18 10.52
C ALA A 107 17.49 -44.79 11.57
N THR A 108 18.05 -45.67 12.39
CA THR A 108 17.33 -46.36 13.45
C THR A 108 17.60 -45.75 14.82
N ARG A 109 16.79 -46.19 15.78
CA ARG A 109 17.15 -46.08 17.19
C ARG A 109 18.39 -46.90 17.49
N LYS A 110 18.99 -46.62 18.65
CA LYS A 110 20.30 -47.14 19.02
C LYS A 110 20.40 -48.64 18.84
N GLY A 111 21.35 -49.07 18.01
CA GLY A 111 21.73 -50.47 17.88
C GLY A 111 20.72 -51.38 17.23
N CYS A 112 19.70 -50.84 16.57
CA CYS A 112 18.61 -51.65 16.04
C CYS A 112 18.82 -52.02 14.57
N GLU A 113 20.01 -51.77 14.03
CA GLU A 113 20.21 -51.82 12.58
C GLU A 113 20.08 -53.23 12.03
N ARG A 114 20.57 -54.24 12.74
CA ARG A 114 20.47 -55.61 12.24
C ARG A 114 19.03 -56.10 12.25
N GLU A 115 18.29 -55.80 13.32
CA GLU A 115 16.89 -56.18 13.41
C GLU A 115 16.07 -55.50 12.32
N VAL A 116 16.25 -54.18 12.17
CA VAL A 116 15.49 -53.42 11.19
C VAL A 116 15.82 -53.88 9.77
N SER A 117 17.11 -54.10 9.48
CA SER A 117 17.47 -54.55 8.13
C SER A 117 16.97 -55.97 7.84
N SER A 118 16.96 -56.87 8.83
CA SER A 118 16.38 -58.19 8.62
C SER A 118 14.87 -58.12 8.41
N PHE A 119 14.19 -57.29 9.20
CA PHE A 119 12.76 -57.08 9.01
C PHE A 119 12.46 -56.50 7.64
N LEU A 120 13.17 -55.45 7.25
CA LEU A 120 12.96 -54.86 5.94
C LEU A 120 13.21 -55.86 4.81
N SER A 121 14.29 -56.63 4.91
CA SER A 121 14.65 -57.55 3.83
C SER A 121 13.69 -58.74 3.70
N LYS A 122 13.15 -59.24 4.81
CA LYS A 122 12.05 -60.21 4.69
C LYS A 122 10.74 -59.57 4.26
N LYS A 123 10.47 -58.34 4.70
CA LYS A 123 9.17 -57.71 4.44
C LYS A 123 8.88 -57.56 2.95
N PHE A 124 9.81 -56.99 2.21
CA PHE A 124 9.59 -56.61 0.81
C PHE A 124 10.45 -57.42 -0.13
N GLN A 125 10.58 -58.72 0.15
CA GLN A 125 11.37 -59.59 -0.71
C GLN A 125 10.90 -59.48 -2.15
N GLY A 126 11.87 -59.34 -3.06
CA GLY A 126 11.60 -59.13 -4.46
C GLY A 126 11.21 -57.72 -4.86
N LYS A 127 11.02 -56.81 -3.90
CA LYS A 127 10.75 -55.42 -4.20
C LYS A 127 11.96 -54.51 -4.01
N ILE A 128 12.94 -54.93 -3.21
CA ILE A 128 14.13 -54.12 -2.92
C ILE A 128 15.36 -54.86 -3.42
N ALA A 129 16.34 -54.08 -3.86
CA ALA A 129 17.56 -54.63 -4.44
C ALA A 129 18.65 -54.91 -3.41
N LYS A 130 19.01 -53.93 -2.58
CA LYS A 130 20.08 -54.17 -1.62
C LYS A 130 19.90 -53.26 -0.41
N VAL A 131 20.35 -53.73 0.74
CA VAL A 131 20.44 -52.91 1.94
C VAL A 131 21.85 -53.00 2.49
N GLU A 132 22.34 -51.88 3.03
CA GLU A 132 23.73 -51.86 3.48
C GLU A 132 23.93 -50.76 4.50
N THR A 133 24.96 -50.92 5.33
CA THR A 133 25.27 -49.96 6.38
C THR A 133 26.44 -49.08 5.97
N VAL A 134 26.24 -47.76 6.02
CA VAL A 134 27.24 -46.79 5.60
C VAL A 134 27.46 -45.79 6.73
N PRO A 135 28.68 -45.58 7.20
CA PRO A 135 28.94 -44.46 8.13
C PRO A 135 29.01 -43.14 7.37
N LYS A 136 28.34 -42.12 7.89
CA LYS A 136 28.41 -40.78 7.31
C LYS A 136 28.41 -39.73 8.41
N GLU A 137 28.88 -38.54 8.04
CA GLU A 137 28.89 -37.38 8.93
C GLU A 137 27.66 -36.53 8.66
N ASP A 138 26.95 -36.16 9.73
CA ASP A 138 25.80 -35.26 9.66
C ASP A 138 26.10 -33.99 10.44
N LEU A 139 25.98 -32.85 9.77
CA LEU A 139 26.46 -31.58 10.31
C LEU A 139 25.84 -31.25 11.65
N ASP A 140 24.60 -31.66 11.86
CA ASP A 140 23.87 -31.28 13.06
C ASP A 140 24.28 -32.09 14.28
N LEU A 141 25.10 -33.12 14.11
CA LEU A 141 25.37 -34.02 15.21
C LEU A 141 26.19 -33.31 16.28
N PRO A 142 25.88 -33.52 17.56
CA PRO A 142 26.70 -32.96 18.64
C PRO A 142 28.17 -33.36 18.52
N ASN A 143 29.04 -32.40 18.81
CA ASN A 143 30.48 -32.62 18.89
C ASN A 143 31.09 -33.10 17.58
N HIS A 144 30.44 -32.81 16.45
CA HIS A 144 30.85 -33.43 15.20
C HIS A 144 32.22 -32.96 14.73
N LEU A 145 32.70 -31.79 15.19
CA LEU A 145 33.99 -31.29 14.72
C LEU A 145 35.12 -32.26 15.01
N VAL A 146 34.99 -33.05 16.08
CA VAL A 146 35.99 -34.08 16.36
C VAL A 146 36.15 -35.02 15.18
N GLY A 147 35.09 -35.23 14.41
CA GLY A 147 35.09 -36.19 13.32
C GLY A 147 34.23 -37.40 13.56
N LEU A 148 33.41 -37.39 14.61
CA LEU A 148 32.47 -38.46 14.85
C LEU A 148 31.46 -38.56 13.72
N LYS A 149 30.99 -39.78 13.47
CA LYS A 149 30.05 -40.05 12.39
C LYS A 149 29.14 -41.19 12.82
N ARG A 150 28.00 -41.29 12.16
CA ARG A 150 26.96 -42.23 12.54
C ARG A 150 26.55 -43.08 11.35
N ASN A 151 26.12 -44.31 11.65
CA ASN A 151 25.67 -45.26 10.64
C ASN A 151 24.29 -44.92 10.12
N TYR A 152 24.10 -45.12 8.83
CA TYR A 152 22.79 -45.12 8.18
C TYR A 152 22.65 -46.41 7.39
N ILE A 153 21.42 -46.83 7.13
CA ILE A 153 21.17 -47.95 6.23
C ILE A 153 20.68 -47.39 4.90
N ARG A 154 21.39 -47.73 3.82
CA ARG A 154 20.89 -47.48 2.48
C ARG A 154 19.96 -48.61 2.07
N LEU A 155 18.81 -48.24 1.51
CA LEU A 155 17.91 -49.15 0.81
C LEU A 155 17.90 -48.80 -0.68
N SER A 156 18.14 -49.79 -1.53
CA SER A 156 18.16 -49.62 -2.98
C SER A 156 17.24 -50.64 -3.62
N PHE A 157 16.67 -50.25 -4.76
CA PHE A 157 15.55 -50.94 -5.39
C PHE A 157 15.89 -51.27 -6.83
N HIS A 158 15.28 -52.34 -7.34
CA HIS A 158 15.46 -52.70 -8.75
C HIS A 158 14.87 -51.64 -9.69
N THR A 159 13.86 -50.91 -9.24
CA THR A 159 13.38 -49.79 -10.04
C THR A 159 12.84 -48.69 -9.12
N VAL A 160 12.86 -47.47 -9.64
CA VAL A 160 12.28 -46.33 -8.95
C VAL A 160 10.82 -46.56 -8.58
N GLU A 161 10.10 -47.35 -9.37
CA GLU A 161 8.68 -47.57 -9.08
C GLU A 161 8.47 -48.33 -7.77
N ASP A 162 9.39 -49.20 -7.40
CA ASP A 162 9.27 -49.86 -6.10
C ASP A 162 9.70 -48.94 -4.96
N LEU A 163 10.70 -48.09 -5.18
CA LEU A 163 10.99 -47.08 -4.16
C LEU A 163 9.76 -46.20 -3.93
N VAL A 164 9.18 -45.69 -5.02
CA VAL A 164 8.01 -44.82 -4.94
C VAL A 164 6.85 -45.47 -4.22
N LYS A 165 6.67 -46.78 -4.39
CA LYS A 165 5.69 -47.48 -3.56
C LYS A 165 6.15 -47.61 -2.11
N VAL A 166 7.32 -48.22 -1.89
CA VAL A 166 7.71 -48.64 -0.56
C VAL A 166 7.89 -47.47 0.41
N ARG A 167 8.30 -46.30 -0.09
CA ARG A 167 8.39 -45.16 0.82
C ARG A 167 7.05 -44.87 1.49
N LYS A 168 5.95 -45.12 0.80
CA LYS A 168 4.63 -44.87 1.37
C LYS A 168 4.27 -45.90 2.43
N GLU A 169 4.92 -47.06 2.42
CA GLU A 169 4.76 -48.03 3.49
C GLU A 169 5.43 -47.57 4.78
N ILE A 170 6.45 -46.72 4.67
CA ILE A 170 7.29 -46.35 5.81
C ILE A 170 6.95 -44.97 6.35
N SER A 171 6.68 -44.01 5.48
CA SER A 171 6.64 -42.61 5.91
C SER A 171 5.62 -42.35 7.01
N PRO A 172 4.41 -42.90 7.00
CA PRO A 172 3.50 -42.65 8.13
C PRO A 172 4.03 -43.17 9.46
N ALA A 173 4.71 -44.31 9.46
CA ALA A 173 5.21 -44.88 10.71
C ALA A 173 6.30 -44.00 11.31
N VAL A 174 7.34 -43.71 10.53
CA VAL A 174 8.40 -42.83 11.00
C VAL A 174 7.87 -41.44 11.32
N LYS A 175 6.84 -40.98 10.62
CA LYS A 175 6.22 -39.71 10.94
C LYS A 175 5.57 -39.72 12.33
N LYS A 176 4.76 -40.72 12.62
CA LYS A 176 4.16 -40.81 13.95
C LYS A 176 5.21 -41.03 15.04
N ASN A 177 6.27 -41.75 14.73
CA ASN A 177 7.38 -41.89 15.66
C ASN A 177 8.02 -40.53 15.96
N ARG A 178 8.27 -39.74 14.92
CA ARG A 178 8.74 -38.37 15.12
C ARG A 178 7.76 -37.55 15.96
N GLU A 179 6.47 -37.69 15.69
CA GLU A 179 5.49 -36.91 16.43
C GLU A 179 5.49 -37.28 17.91
N GLN A 180 5.71 -38.55 18.23
CA GLN A 180 5.95 -38.94 19.61
C GLN A 180 7.35 -38.51 20.06
N ASP A 181 8.37 -38.85 19.27
CA ASP A 181 9.73 -38.39 19.54
C ASP A 181 9.89 -36.91 19.22
N ASP A 213 6.21 -52.92 16.50
CA ASP A 213 7.03 -53.71 15.60
C ASP A 213 8.36 -53.01 15.31
N GLN A 214 9.27 -53.75 14.67
CA GLN A 214 10.59 -53.20 14.36
C GLN A 214 10.48 -51.91 13.58
N LEU A 215 9.42 -51.75 12.78
CA LEU A 215 9.25 -50.53 11.99
C LEU A 215 9.32 -49.28 12.86
N ASP A 216 8.81 -49.36 14.10
CA ASP A 216 8.93 -48.25 15.03
C ASP A 216 10.38 -47.93 15.39
N ASN A 217 11.27 -48.93 15.36
CA ASN A 217 12.70 -48.66 15.52
C ASN A 217 13.26 -47.73 14.43
N ILE A 218 12.64 -47.70 13.24
CA ILE A 218 13.05 -46.69 12.28
C ILE A 218 12.78 -45.31 12.86
N VAL A 219 13.82 -44.49 12.96
CA VAL A 219 13.72 -43.17 13.55
C VAL A 219 13.64 -42.06 12.50
N ASP A 220 14.34 -42.20 11.38
CA ASP A 220 14.18 -41.19 10.33
C ASP A 220 14.58 -41.74 8.97
N MET A 221 14.15 -41.03 7.92
CA MET A 221 14.54 -41.37 6.56
C MET A 221 14.94 -40.11 5.79
N ARG A 222 15.92 -40.28 4.91
CA ARG A 222 16.63 -39.18 4.26
C ARG A 222 16.84 -39.43 2.78
N GLU A 223 16.94 -38.33 2.04
CA GLU A 223 17.24 -38.26 0.62
C GLU A 223 16.18 -38.92 -0.25
N TYR A 224 15.03 -39.27 0.32
CA TYR A 224 14.03 -40.07 -0.37
C TYR A 224 13.37 -39.34 -1.55
N ASP A 225 13.62 -38.04 -1.73
CA ASP A 225 12.96 -37.30 -2.80
C ASP A 225 13.92 -36.72 -3.82
N VAL A 226 15.20 -37.04 -3.76
CA VAL A 226 16.13 -36.53 -4.78
C VAL A 226 15.77 -37.11 -6.14
N PRO A 227 15.71 -36.31 -7.20
CA PRO A 227 15.41 -36.86 -8.53
C PRO A 227 16.43 -37.91 -8.95
N TYR A 228 15.92 -38.98 -9.57
CA TYR A 228 16.76 -40.15 -9.84
C TYR A 228 18.02 -39.81 -10.60
N HIS A 229 17.88 -39.12 -11.74
CA HIS A 229 19.07 -38.84 -12.55
C HIS A 229 19.96 -37.78 -11.92
N ILE A 230 19.42 -36.89 -11.11
CA ILE A 230 20.28 -35.98 -10.36
C ILE A 230 21.06 -36.73 -9.30
N ARG A 231 20.52 -37.85 -8.81
CA ARG A 231 21.35 -38.78 -8.07
C ARG A 231 22.45 -39.37 -8.93
N LEU A 232 22.10 -39.83 -10.13
CA LEU A 232 23.09 -40.53 -10.94
C LEU A 232 24.26 -39.64 -11.36
N SER A 233 23.96 -38.48 -11.96
CA SER A 233 25.03 -37.58 -12.41
C SER A 233 25.99 -37.21 -11.30
N ILE A 234 25.47 -37.01 -10.09
CA ILE A 234 26.33 -36.74 -8.92
C ILE A 234 27.13 -37.97 -8.56
N ASP A 235 26.46 -39.09 -8.37
CA ASP A 235 27.12 -40.28 -7.81
C ASP A 235 28.24 -40.78 -8.70
N LEU A 236 28.11 -40.66 -10.01
CA LEU A 236 29.15 -41.08 -10.95
C LEU A 236 30.01 -39.93 -11.46
N LYS A 237 29.78 -38.71 -11.00
CA LYS A 237 30.54 -37.56 -11.48
C LYS A 237 30.47 -37.48 -13.01
N ILE A 238 29.26 -37.65 -13.53
CA ILE A 238 29.01 -37.55 -14.97
C ILE A 238 28.33 -36.23 -15.25
N HIS A 239 28.86 -35.50 -16.23
CA HIS A 239 28.59 -34.09 -16.44
C HIS A 239 28.63 -33.84 -17.93
N VAL A 240 27.94 -32.80 -18.35
CA VAL A 240 27.64 -32.56 -19.75
C VAL A 240 28.66 -31.58 -20.32
N ALA A 241 28.87 -31.66 -21.62
CA ALA A 241 29.85 -30.84 -22.35
C ALA A 241 31.30 -31.20 -22.01
N HIS A 242 31.57 -32.48 -21.72
CA HIS A 242 32.93 -33.00 -21.64
C HIS A 242 33.12 -34.11 -22.67
N TRP A 243 34.37 -34.30 -23.09
CA TRP A 243 34.74 -35.46 -23.90
C TRP A 243 34.94 -36.67 -23.01
N TYR A 244 34.45 -37.82 -23.46
CA TYR A 244 34.47 -39.05 -22.68
C TYR A 244 34.96 -40.20 -23.53
N ASN A 245 35.74 -41.10 -22.92
CA ASN A 245 35.79 -42.47 -23.37
C ASN A 245 34.49 -43.17 -23.01
N VAL A 246 34.06 -44.07 -23.89
CA VAL A 246 33.02 -45.04 -23.62
C VAL A 246 33.53 -46.41 -24.03
N ARG A 247 33.29 -47.39 -23.17
CA ARG A 247 33.74 -48.76 -23.40
C ARG A 247 32.62 -49.71 -23.00
N TYR A 248 32.19 -50.55 -23.94
CA TYR A 248 31.25 -51.62 -23.65
C TYR A 248 31.97 -52.95 -23.81
N ARG A 249 31.95 -53.76 -22.75
CA ARG A 249 32.63 -55.03 -22.68
C ARG A 249 31.80 -56.19 -23.21
N GLY A 250 30.54 -55.95 -23.54
CA GLY A 250 29.54 -57.00 -23.57
C GLY A 250 28.80 -57.11 -22.25
N ASN A 251 27.60 -57.69 -22.33
CA ASN A 251 26.65 -57.61 -21.23
C ASN A 251 27.17 -58.24 -19.94
N ALA A 252 28.28 -58.97 -19.99
CA ALA A 252 28.89 -59.46 -18.76
C ALA A 252 29.34 -58.35 -17.82
N PHE A 253 29.44 -57.11 -18.28
CA PHE A 253 29.84 -56.01 -17.43
C PHE A 253 29.02 -54.77 -17.76
N PRO A 254 28.89 -53.84 -16.80
CA PRO A 254 28.37 -52.51 -17.13
C PRO A 254 29.21 -51.80 -18.18
N VAL A 255 28.60 -50.82 -18.84
CA VAL A 255 29.34 -49.89 -19.68
C VAL A 255 30.18 -48.96 -18.80
N GLU A 256 31.35 -48.58 -19.31
CA GLU A 256 32.19 -47.56 -18.70
C GLU A 256 32.10 -46.26 -19.49
N ILE A 257 31.85 -45.15 -18.79
CA ILE A 257 32.01 -43.79 -19.31
C ILE A 257 33.00 -43.07 -18.42
N THR A 258 34.00 -42.43 -19.02
CA THR A 258 34.97 -41.71 -18.20
C THR A 258 35.56 -40.54 -18.96
N ARG A 259 35.66 -39.40 -18.28
CA ARG A 259 36.08 -38.16 -18.90
C ARG A 259 37.55 -38.22 -19.28
N ARG A 260 37.88 -37.57 -20.39
CA ARG A 260 39.26 -37.25 -20.71
C ARG A 260 39.43 -35.74 -20.86
N ASP A 261 40.33 -35.18 -20.06
CA ASP A 261 40.59 -33.75 -20.05
C ASP A 261 41.51 -33.30 -21.17
N ASP A 262 42.05 -34.24 -21.95
CA ASP A 262 42.97 -33.91 -23.02
C ASP A 262 42.38 -32.91 -24.02
N LEU A 263 41.08 -32.95 -24.24
CA LEU A 263 40.47 -32.32 -25.40
C LEU A 263 39.78 -31.02 -25.01
N VAL A 264 40.17 -29.93 -25.66
CA VAL A 264 39.64 -28.60 -25.42
C VAL A 264 38.42 -28.31 -26.29
N GLU A 265 38.57 -28.45 -27.60
CA GLU A 265 37.58 -27.94 -28.53
C GLU A 265 36.28 -28.73 -28.44
N ARG A 266 35.16 -28.00 -28.37
CA ARG A 266 33.85 -28.59 -28.45
C ARG A 266 33.53 -29.07 -29.86
N PRO A 267 32.65 -30.06 -30.00
CA PRO A 267 31.99 -30.27 -31.28
C PRO A 267 31.06 -29.12 -31.61
N ASP A 268 30.46 -29.14 -32.80
CA ASP A 268 29.64 -28.04 -33.30
C ASP A 268 28.24 -28.53 -33.66
N PRO A 269 27.41 -28.84 -32.65
CA PRO A 269 26.16 -29.54 -32.92
C PRO A 269 25.18 -28.72 -33.76
N VAL A 270 24.32 -29.43 -34.48
CA VAL A 270 23.35 -28.84 -35.39
C VAL A 270 22.19 -28.25 -34.60
N VAL A 271 21.88 -26.98 -34.88
CA VAL A 271 20.85 -26.24 -34.14
C VAL A 271 19.91 -25.58 -35.13
N LEU A 272 18.61 -25.68 -34.83
CA LEU A 272 17.53 -25.14 -35.65
C LEU A 272 16.72 -24.14 -34.83
N ALA A 273 16.42 -23.00 -35.43
CA ALA A 273 15.47 -22.05 -34.86
C ALA A 273 14.32 -21.87 -35.83
N PHE A 274 13.10 -21.67 -35.30
CA PHE A 274 11.99 -21.41 -36.21
C PHE A 274 10.98 -20.43 -35.60
N ALA A 275 10.20 -19.82 -36.48
CA ALA A 275 9.14 -18.89 -36.10
C ALA A 275 7.98 -19.00 -37.10
N ILE A 276 6.79 -18.61 -36.63
CA ILE A 276 5.54 -18.78 -37.37
C ILE A 276 4.68 -17.52 -37.25
N ALA A 277 3.72 -17.40 -38.16
CA ALA A 277 2.70 -16.35 -38.10
C ALA A 277 1.39 -16.89 -38.65
N THR A 278 0.27 -16.36 -38.15
CA THR A 278 -1.04 -16.92 -38.45
C THR A 278 -2.01 -15.83 -38.90
N THR A 279 -2.96 -16.25 -39.74
CA THR A 279 -4.25 -15.56 -39.85
C THR A 279 -4.93 -15.46 -38.49
N LYS A 280 -5.80 -14.46 -38.36
CA LYS A 280 -6.58 -14.30 -37.14
C LYS A 280 -7.80 -13.43 -37.44
N LEU A 281 -8.76 -13.47 -36.53
CA LEU A 281 -9.87 -12.53 -36.57
C LEU A 281 -9.37 -11.12 -36.29
N PRO A 282 -10.01 -10.10 -36.87
CA PRO A 282 -9.75 -8.72 -36.43
C PRO A 282 -9.96 -8.54 -34.93
N LEU A 283 -9.08 -7.72 -34.35
CA LEU A 283 -9.26 -7.19 -33.00
C LEU A 283 -9.32 -8.25 -31.90
N LYS A 284 -9.17 -9.53 -32.26
CA LYS A 284 -9.11 -10.59 -31.25
C LYS A 284 -7.94 -11.50 -31.58
N PHE A 285 -7.58 -12.35 -30.61
CA PHE A 285 -6.55 -13.34 -30.84
C PHE A 285 -6.95 -14.31 -31.96
N PRO A 286 -5.96 -14.99 -32.56
CA PRO A 286 -6.26 -16.19 -33.34
C PRO A 286 -6.68 -17.33 -32.45
N ASP A 287 -7.30 -18.34 -33.06
CA ASP A 287 -7.52 -19.61 -32.38
C ASP A 287 -7.26 -20.79 -33.32
N ALA A 288 -6.89 -21.91 -32.70
CA ALA A 288 -6.39 -23.08 -33.42
C ALA A 288 -7.44 -23.74 -34.30
N GLU A 289 -8.72 -23.55 -34.00
CA GLU A 289 -9.77 -24.05 -34.88
C GLU A 289 -9.90 -23.24 -36.16
N THR A 290 -10.02 -21.91 -36.03
CA THR A 290 -10.45 -21.11 -37.18
C THR A 290 -9.32 -20.76 -38.14
N ASP A 291 -8.09 -20.65 -37.66
CA ASP A 291 -7.04 -19.97 -38.40
C ASP A 291 -5.96 -20.93 -38.86
N GLN A 292 -5.30 -20.58 -39.96
CA GLN A 292 -4.33 -21.43 -40.63
C GLN A 292 -3.01 -20.69 -40.80
N ILE A 293 -1.91 -21.42 -40.68
CA ILE A 293 -0.58 -20.83 -40.75
C ILE A 293 -0.30 -20.31 -42.15
N MET A 294 0.27 -19.11 -42.22
CA MET A 294 0.56 -18.41 -43.47
C MET A 294 1.96 -18.72 -43.97
N MET A 295 2.94 -18.66 -43.08
CA MET A 295 4.33 -18.92 -43.40
C MET A 295 5.01 -19.50 -42.17
N ILE A 296 6.07 -20.27 -42.40
CA ILE A 296 7.01 -20.64 -41.34
C ILE A 296 8.43 -20.38 -41.83
N SER A 297 9.21 -19.70 -41.01
CA SER A 297 10.60 -19.38 -41.35
C SER A 297 11.51 -20.06 -40.33
N TYR A 298 12.66 -20.53 -40.79
CA TYR A 298 13.55 -21.24 -39.88
C TYR A 298 14.98 -21.14 -40.40
N MET A 299 15.93 -21.38 -39.51
CA MET A 299 17.33 -21.45 -39.88
C MET A 299 17.98 -22.64 -39.21
N ILE A 300 18.88 -23.30 -39.94
CA ILE A 300 19.77 -24.31 -39.38
C ILE A 300 21.20 -23.91 -39.67
N ASP A 301 22.02 -23.86 -38.63
CA ASP A 301 23.46 -23.68 -38.76
C ASP A 301 23.85 -22.58 -39.74
N GLY A 302 23.16 -21.45 -39.69
CA GLY A 302 23.46 -20.31 -40.54
C GLY A 302 22.90 -20.35 -41.95
N GLN A 303 22.13 -21.36 -42.31
CA GLN A 303 21.39 -21.38 -43.57
C GLN A 303 19.91 -21.19 -43.28
N GLY A 304 19.28 -20.25 -43.99
CA GLY A 304 17.88 -19.93 -43.76
C GLY A 304 16.94 -20.56 -44.79
N TYR A 305 15.69 -20.77 -44.35
CA TYR A 305 14.67 -21.40 -45.15
C TYR A 305 13.33 -20.76 -44.85
N LEU A 306 12.45 -20.76 -45.85
CA LEU A 306 11.09 -20.26 -45.71
C LEU A 306 10.11 -21.21 -46.40
N ILE A 307 8.96 -21.43 -45.76
CA ILE A 307 7.82 -22.08 -46.40
C ILE A 307 6.62 -21.14 -46.33
N THR A 308 5.89 -21.05 -47.44
CA THR A 308 4.74 -20.17 -47.59
C THR A 308 3.55 -20.93 -48.15
N ASN A 309 2.35 -20.63 -47.65
CA ASN A 309 1.13 -21.18 -48.23
C ASN A 309 0.73 -20.33 -49.42
N ARG A 310 1.01 -20.83 -50.63
CA ARG A 310 0.72 -20.11 -51.86
C ARG A 310 -0.77 -19.96 -52.14
N GLU A 311 -1.64 -20.65 -51.40
CA GLU A 311 -3.07 -20.47 -51.61
C GLU A 311 -3.57 -19.21 -50.93
N ILE A 312 -2.94 -18.82 -49.82
CA ILE A 312 -3.24 -17.57 -49.14
C ILE A 312 -2.34 -16.46 -49.61
N VAL A 313 -1.04 -16.74 -49.72
CA VAL A 313 -0.06 -15.77 -50.20
C VAL A 313 -0.16 -15.71 -51.72
N SER A 314 -0.36 -14.50 -52.23
CA SER A 314 -0.91 -14.30 -53.58
C SER A 314 0.12 -14.51 -54.69
N GLU A 315 1.41 -14.52 -54.40
CA GLU A 315 2.41 -14.73 -55.45
C GLU A 315 3.56 -15.56 -54.93
N ASP A 316 4.30 -16.15 -55.89
CA ASP A 316 5.44 -17.00 -55.57
C ASP A 316 6.56 -16.19 -54.92
N ILE A 317 7.16 -16.78 -53.89
CA ILE A 317 8.25 -16.17 -53.14
C ILE A 317 9.54 -16.88 -53.51
N GLU A 318 10.63 -16.13 -53.59
CA GLU A 318 11.91 -16.66 -54.04
C GLU A 318 13.02 -16.23 -53.10
N ASP A 319 14.12 -16.98 -53.17
CA ASP A 319 15.21 -16.82 -52.21
C ASP A 319 15.75 -15.39 -52.23
N PHE A 320 16.11 -14.90 -51.05
CA PHE A 320 16.64 -13.55 -50.89
C PHE A 320 17.58 -13.57 -49.70
N GLU A 321 18.34 -12.50 -49.54
CA GLU A 321 19.38 -12.41 -48.53
C GLU A 321 19.18 -11.16 -47.70
N PHE A 322 19.30 -11.32 -46.38
CA PHE A 322 18.93 -10.31 -45.40
C PHE A 322 20.04 -10.23 -44.37
N THR A 323 20.61 -9.04 -44.19
CA THR A 323 21.88 -8.86 -43.48
C THR A 323 21.77 -7.71 -42.49
N PRO A 324 21.46 -7.98 -41.22
CA PRO A 324 21.41 -6.90 -40.23
C PRO A 324 22.76 -6.29 -39.95
N LYS A 325 23.81 -7.10 -39.97
CA LYS A 325 25.17 -6.68 -39.69
C LYS A 325 26.10 -7.45 -40.61
N PRO A 326 27.26 -6.90 -40.92
CA PRO A 326 28.26 -7.67 -41.68
C PRO A 326 28.54 -9.04 -41.08
N GLU A 327 28.32 -9.20 -39.77
CA GLU A 327 28.46 -10.53 -39.17
C GLU A 327 27.22 -11.40 -39.34
N TYR A 328 26.03 -10.82 -39.49
CA TYR A 328 24.81 -11.61 -39.68
C TYR A 328 24.44 -11.61 -41.16
N GLU A 329 24.91 -12.61 -41.89
CA GLU A 329 24.78 -12.62 -43.34
C GLU A 329 23.38 -13.00 -43.80
N GLY A 330 22.74 -13.96 -43.12
CA GLY A 330 21.35 -14.30 -43.36
C GLY A 330 20.98 -14.63 -44.80
N PRO A 331 21.57 -15.69 -45.35
CA PRO A 331 21.05 -16.26 -46.62
C PRO A 331 19.80 -17.08 -46.38
N PHE A 332 18.73 -16.78 -47.13
CA PHE A 332 17.47 -17.50 -46.99
C PHE A 332 17.01 -18.14 -48.30
N CYS A 333 16.96 -19.47 -48.30
CA CYS A 333 16.26 -20.25 -49.31
C CYS A 333 14.76 -20.19 -49.07
N VAL A 334 13.98 -20.41 -50.13
CA VAL A 334 12.52 -20.33 -50.08
C VAL A 334 11.91 -21.55 -50.77
N PHE A 335 10.86 -22.09 -50.16
CA PHE A 335 10.01 -23.12 -50.75
C PHE A 335 8.56 -22.65 -50.74
N ASN A 336 7.85 -22.91 -51.84
CA ASN A 336 6.43 -22.62 -51.96
C ASN A 336 5.67 -23.94 -51.96
N GLU A 337 4.60 -23.99 -51.17
CA GLU A 337 3.81 -25.21 -51.00
C GLU A 337 2.34 -24.95 -51.32
N PRO A 338 1.64 -25.94 -51.86
CA PRO A 338 0.29 -25.70 -52.38
C PRO A 338 -0.83 -25.83 -51.37
N ASP A 339 -0.56 -26.22 -50.13
CA ASP A 339 -1.60 -26.29 -49.12
C ASP A 339 -0.97 -26.32 -47.74
N GLU A 340 -1.79 -26.02 -46.73
CA GLU A 340 -1.35 -26.12 -45.35
C GLU A 340 -0.87 -27.53 -45.02
N ALA A 341 -1.59 -28.55 -45.47
CA ALA A 341 -1.16 -29.92 -45.24
C ALA A 341 0.19 -30.18 -45.89
N HIS A 342 0.41 -29.64 -47.08
CA HIS A 342 1.70 -29.82 -47.76
C HIS A 342 2.79 -28.99 -47.10
N LEU A 343 2.47 -27.79 -46.64
CA LEU A 343 3.42 -27.00 -45.86
C LEU A 343 3.87 -27.74 -44.60
N ILE A 344 2.91 -28.27 -43.85
CA ILE A 344 3.23 -29.04 -42.64
C ILE A 344 4.08 -30.26 -43.00
N GLN A 345 3.64 -31.04 -43.99
CA GLN A 345 4.39 -32.23 -44.36
C GLN A 345 5.80 -31.89 -44.80
N ARG A 346 5.96 -30.84 -45.59
CA ARG A 346 7.29 -30.41 -46.02
C ARG A 346 8.18 -30.09 -44.83
N TRP A 347 7.66 -29.32 -43.88
CA TRP A 347 8.47 -28.97 -42.71
C TRP A 347 8.83 -30.21 -41.89
N PHE A 348 7.86 -31.11 -41.68
CA PHE A 348 8.15 -32.34 -40.96
C PHE A 348 9.24 -33.15 -41.64
N GLU A 349 9.15 -33.28 -42.97
CA GLU A 349 10.15 -34.03 -43.71
C GLU A 349 11.52 -33.37 -43.66
N HIS A 350 11.58 -32.05 -43.79
CA HIS A 350 12.88 -31.38 -43.77
C HIS A 350 13.53 -31.46 -42.40
N VAL A 351 12.73 -31.51 -41.33
CA VAL A 351 13.27 -31.80 -40.00
C VAL A 351 13.77 -33.24 -39.92
N GLN A 352 13.01 -34.19 -40.45
CA GLN A 352 13.46 -35.58 -40.47
C GLN A 352 14.72 -35.77 -41.31
N GLU A 353 14.92 -34.92 -42.32
CA GLU A 353 16.18 -34.93 -43.05
C GLU A 353 17.33 -34.34 -42.25
N THR A 354 17.18 -33.10 -41.78
CA THR A 354 18.33 -32.41 -41.20
C THR A 354 18.62 -32.84 -39.77
N LYS A 355 17.65 -33.44 -39.08
CA LYS A 355 17.87 -34.10 -37.80
C LYS A 355 18.62 -33.22 -36.81
N PRO A 356 18.08 -32.05 -36.46
CA PRO A 356 18.73 -31.18 -35.50
C PRO A 356 18.73 -31.81 -34.12
N THR A 357 19.69 -31.37 -33.29
CA THR A 357 19.75 -31.80 -31.91
C THR A 357 19.30 -30.74 -30.92
N ILE A 358 19.47 -29.46 -31.24
CA ILE A 358 18.89 -28.37 -30.46
C ILE A 358 17.89 -27.62 -31.34
N MET A 359 16.70 -27.39 -30.80
CA MET A 359 15.66 -26.65 -31.50
C MET A 359 15.21 -25.50 -30.61
N VAL A 360 14.92 -24.35 -31.24
CA VAL A 360 14.66 -23.14 -30.47
C VAL A 360 13.55 -22.29 -31.08
N THR A 361 12.89 -21.56 -30.19
CA THR A 361 11.76 -20.69 -30.43
C THR A 361 11.80 -19.61 -29.37
N TYR A 362 11.35 -18.41 -29.72
CA TYR A 362 11.17 -17.35 -28.74
C TYR A 362 9.75 -17.37 -28.21
N ASN A 363 9.59 -17.83 -26.97
CA ASN A 363 8.28 -18.06 -26.35
C ASN A 363 7.49 -19.14 -27.09
N GLY A 364 8.03 -20.35 -27.10
CA GLY A 364 7.50 -21.44 -27.90
C GLY A 364 6.31 -22.15 -27.26
N ASP A 365 6.42 -22.43 -25.96
CA ASP A 365 5.37 -23.14 -25.23
C ASP A 365 4.07 -22.34 -25.17
N PHE A 366 4.13 -21.05 -25.43
CA PHE A 366 2.92 -20.24 -25.37
C PHE A 366 2.08 -20.39 -26.64
N PHE A 367 2.67 -20.18 -27.81
CA PHE A 367 1.91 -20.16 -29.04
C PHE A 367 2.33 -21.18 -30.08
N ASP A 368 3.61 -21.23 -30.45
CA ASP A 368 4.02 -21.96 -31.66
C ASP A 368 3.70 -23.45 -31.59
N TRP A 369 4.09 -24.13 -30.51
CA TRP A 369 3.84 -25.57 -30.49
C TRP A 369 2.38 -25.96 -30.36
N PRO A 370 1.61 -25.43 -29.42
CA PRO A 370 0.16 -25.75 -29.43
C PRO A 370 -0.54 -25.43 -30.75
N PHE A 371 -0.18 -24.32 -31.39
CA PHE A 371 -0.83 -23.95 -32.64
C PHE A 371 -0.45 -24.90 -33.77
N VAL A 372 0.84 -25.16 -33.95
CA VAL A 372 1.20 -26.05 -35.05
C VAL A 372 0.75 -27.47 -34.77
N GLU A 373 0.75 -27.89 -33.51
CA GLU A 373 0.23 -29.21 -33.17
C GLU A 373 -1.24 -29.34 -33.57
N ALA A 374 -2.06 -28.36 -33.20
CA ALA A 374 -3.48 -28.45 -33.52
C ALA A 374 -3.71 -28.38 -35.03
N ARG A 375 -2.98 -27.53 -35.75
CA ARG A 375 -3.11 -27.53 -37.20
C ARG A 375 -2.65 -28.85 -37.84
N ALA A 376 -1.68 -29.54 -37.24
CA ALA A 376 -1.33 -30.86 -37.72
C ALA A 376 -2.44 -31.88 -37.45
N ALA A 377 -2.96 -31.88 -36.22
CA ALA A 377 -4.03 -32.81 -35.85
C ALA A 377 -5.28 -32.61 -36.70
N VAL A 378 -5.53 -31.39 -37.17
CA VAL A 378 -6.64 -31.18 -38.10
C VAL A 378 -6.44 -32.01 -39.37
N HIS A 379 -5.21 -32.07 -39.88
CA HIS A 379 -4.89 -32.95 -41.00
C HIS A 379 -4.43 -34.35 -40.55
N GLY A 380 -4.67 -34.72 -39.31
CA GLY A 380 -4.36 -36.05 -38.83
C GLY A 380 -2.90 -36.35 -38.60
N LEU A 381 -2.01 -35.38 -38.83
CA LEU A 381 -0.57 -35.60 -38.68
C LEU A 381 -0.23 -35.58 -37.19
N SER A 382 0.17 -36.73 -36.66
CA SER A 382 0.55 -36.80 -35.25
C SER A 382 1.96 -36.24 -35.09
N MET A 383 2.04 -34.98 -34.65
CA MET A 383 3.32 -34.34 -34.39
C MET A 383 4.09 -35.10 -33.32
N GLN A 384 3.39 -35.64 -32.32
CA GLN A 384 4.05 -36.42 -31.28
C GLN A 384 4.70 -37.68 -31.83
N GLN A 385 4.18 -38.23 -32.93
CA GLN A 385 4.79 -39.39 -33.56
C GLN A 385 5.87 -39.02 -34.58
N GLU A 386 5.57 -38.07 -35.46
CA GLU A 386 6.51 -37.78 -36.55
C GLU A 386 7.73 -37.02 -36.05
N ILE A 387 7.52 -35.91 -35.34
CA ILE A 387 8.63 -35.17 -34.76
C ILE A 387 9.06 -35.77 -33.42
N GLY A 388 8.10 -35.99 -32.52
CA GLY A 388 8.41 -36.48 -31.19
C GLY A 388 8.18 -35.48 -30.08
N PHE A 389 7.84 -34.23 -30.38
CA PHE A 389 7.50 -33.26 -29.36
C PHE A 389 6.11 -33.56 -28.79
N GLN A 390 6.03 -33.74 -27.48
CA GLN A 390 4.77 -33.90 -26.77
C GLN A 390 4.68 -32.89 -25.64
N LYS A 391 3.49 -32.35 -25.42
CA LYS A 391 3.27 -31.43 -24.30
C LYS A 391 3.34 -32.18 -22.99
N ASP A 392 4.34 -31.84 -22.17
CA ASP A 392 4.53 -32.46 -20.87
C ASP A 392 3.47 -32.00 -19.87
N SER A 393 3.45 -32.69 -18.73
CA SER A 393 2.53 -32.38 -17.64
C SER A 393 2.62 -30.93 -17.19
N GLN A 394 3.78 -30.30 -17.29
CA GLN A 394 3.95 -28.91 -16.90
C GLN A 394 3.57 -27.94 -18.01
N GLY A 395 3.03 -28.43 -19.13
CA GLY A 395 2.66 -27.55 -20.21
C GLY A 395 3.81 -27.17 -21.09
N GLU A 396 4.82 -28.02 -21.20
CA GLU A 396 6.09 -27.68 -21.82
C GLU A 396 6.36 -28.73 -22.89
N TYR A 397 6.74 -28.28 -24.08
CA TYR A 397 6.97 -29.22 -25.18
C TYR A 397 8.39 -29.76 -25.08
N LYS A 398 8.51 -31.08 -24.92
CA LYS A 398 9.78 -31.74 -24.70
C LYS A 398 9.83 -32.99 -25.58
N ALA A 399 11.04 -33.46 -25.86
CA ALA A 399 11.19 -34.58 -26.77
C ALA A 399 12.32 -35.47 -26.26
N PRO A 400 12.29 -36.76 -26.61
CA PRO A 400 13.31 -37.69 -26.11
C PRO A 400 14.66 -37.57 -26.80
N GLN A 401 14.65 -37.19 -28.08
CA GLN A 401 15.86 -37.24 -28.90
C GLN A 401 16.55 -35.90 -29.08
N CYS A 402 15.92 -34.79 -28.70
CA CYS A 402 16.55 -33.49 -28.91
C CYS A 402 16.15 -32.53 -27.80
N ILE A 403 16.90 -31.43 -27.71
CA ILE A 403 16.75 -30.42 -26.67
C ILE A 403 15.95 -29.26 -27.25
N HIS A 404 14.97 -28.77 -26.49
CA HIS A 404 14.20 -27.58 -26.85
C HIS A 404 14.57 -26.44 -25.92
N MET A 405 15.19 -25.40 -26.47
CA MET A 405 15.59 -24.22 -25.70
C MET A 405 14.80 -23.01 -26.15
N ASP A 406 14.18 -22.32 -25.19
CA ASP A 406 13.41 -21.12 -25.42
C ASP A 406 14.18 -19.94 -24.86
N CYS A 407 14.50 -18.97 -25.72
CA CYS A 407 15.27 -17.80 -25.30
C CYS A 407 14.59 -16.97 -24.23
N LEU A 408 13.25 -16.89 -24.25
CA LEU A 408 12.57 -16.08 -23.25
C LEU A 408 12.66 -16.62 -21.84
N ARG A 409 12.90 -17.92 -21.67
CA ARG A 409 13.20 -18.43 -20.34
C ARG A 409 14.57 -17.99 -19.84
N TRP A 410 15.49 -17.64 -20.74
CA TRP A 410 16.71 -16.95 -20.33
C TRP A 410 16.44 -15.47 -20.04
N VAL A 411 15.92 -14.73 -21.03
CA VAL A 411 15.81 -13.28 -20.90
C VAL A 411 15.06 -12.93 -19.62
N LYS A 412 13.98 -13.65 -19.33
CA LYS A 412 13.23 -13.39 -18.11
C LYS A 412 14.11 -13.51 -16.87
N ARG A 413 15.00 -14.50 -16.85
CA ARG A 413 15.70 -14.84 -15.62
C ARG A 413 17.08 -14.20 -15.50
N ASP A 414 17.79 -14.01 -16.61
CA ASP A 414 19.23 -13.81 -16.54
C ASP A 414 19.70 -12.50 -17.13
N SER A 415 18.90 -11.83 -17.95
CA SER A 415 19.42 -10.73 -18.74
C SER A 415 19.53 -9.44 -17.95
N TYR A 416 18.79 -9.31 -16.85
CA TYR A 416 18.65 -8.01 -16.19
C TYR A 416 18.20 -6.95 -17.19
N LEU A 417 17.31 -7.34 -18.05
CA LEU A 417 16.48 -6.33 -18.68
C LEU A 417 15.25 -6.05 -17.84
N PRO A 418 14.75 -4.82 -17.84
CA PRO A 418 13.46 -4.56 -17.21
C PRO A 418 12.35 -5.37 -17.89
N VAL A 419 11.27 -5.60 -17.15
CA VAL A 419 10.10 -6.23 -17.74
C VAL A 419 9.60 -5.43 -18.93
N GLY A 420 9.90 -4.14 -18.97
CA GLY A 420 9.61 -3.34 -20.15
C GLY A 420 10.18 -3.89 -21.43
N SER A 421 11.31 -4.60 -21.35
CA SER A 421 12.02 -5.06 -22.54
C SER A 421 12.02 -6.57 -22.74
N HIS A 422 11.18 -7.34 -22.06
CA HIS A 422 11.14 -8.76 -22.37
C HIS A 422 10.50 -9.05 -23.71
N ASN A 423 10.07 -8.05 -24.46
CA ASN A 423 9.68 -8.28 -25.84
C ASN A 423 10.92 -8.59 -26.68
N LEU A 424 10.77 -9.55 -27.59
CA LEU A 424 11.88 -9.92 -28.48
C LEU A 424 12.50 -8.71 -29.14
N LYS A 425 11.69 -7.76 -29.60
CA LYS A 425 12.22 -6.61 -30.28
C LYS A 425 13.07 -5.74 -29.35
N ALA A 426 12.67 -5.62 -28.08
CA ALA A 426 13.51 -4.88 -27.13
C ALA A 426 14.77 -5.63 -26.76
N ALA A 427 14.69 -6.92 -26.46
CA ALA A 427 15.90 -7.64 -26.07
C ALA A 427 16.92 -7.72 -27.21
N ALA A 428 16.45 -7.93 -28.44
CA ALA A 428 17.33 -7.84 -29.59
C ALA A 428 17.89 -6.45 -29.79
N LYS A 429 17.05 -5.43 -29.74
CA LYS A 429 17.54 -4.06 -29.92
C LYS A 429 18.59 -3.68 -28.89
N ALA A 430 18.41 -4.11 -27.63
CA ALA A 430 19.38 -3.78 -26.59
C ALA A 430 20.68 -4.58 -26.71
N LYS A 431 20.57 -5.90 -26.74
CA LYS A 431 21.76 -6.78 -26.80
C LYS A 431 22.41 -6.70 -28.19
N LEU A 432 21.62 -6.87 -29.26
CA LEU A 432 22.19 -6.92 -30.60
C LEU A 432 22.40 -5.54 -31.20
N GLY A 433 21.76 -4.51 -30.67
CA GLY A 433 21.95 -3.18 -31.22
C GLY A 433 21.34 -2.92 -32.58
N TYR A 434 20.29 -3.65 -32.95
CA TYR A 434 19.56 -3.34 -34.18
C TYR A 434 18.08 -3.57 -33.93
N ASP A 435 17.26 -2.89 -34.75
CA ASP A 435 15.81 -3.03 -34.68
C ASP A 435 15.31 -4.14 -35.60
N PRO A 436 14.66 -5.17 -35.06
CA PRO A 436 13.78 -5.99 -35.92
C PRO A 436 12.58 -5.18 -36.36
N VAL A 437 11.85 -5.70 -37.32
CA VAL A 437 10.99 -4.88 -38.16
C VAL A 437 9.56 -4.93 -37.67
N GLU A 438 8.82 -3.85 -37.97
CA GLU A 438 7.54 -3.55 -37.33
C GLU A 438 6.38 -4.15 -38.11
N LEU A 439 5.45 -4.77 -37.40
CA LEU A 439 4.15 -5.11 -37.97
C LEU A 439 3.08 -5.01 -36.89
N ASP A 440 1.83 -4.75 -37.32
CA ASP A 440 0.66 -4.89 -36.47
C ASP A 440 -0.06 -6.20 -36.75
N PRO A 441 -0.40 -6.99 -35.72
CA PRO A 441 -1.14 -8.24 -35.95
C PRO A 441 -2.42 -8.07 -36.75
N GLU A 442 -2.99 -6.87 -36.76
CA GLU A 442 -4.18 -6.63 -37.57
C GLU A 442 -3.88 -6.57 -39.07
N ASP A 443 -2.69 -6.11 -39.45
CA ASP A 443 -2.38 -5.91 -40.86
C ASP A 443 -1.82 -7.14 -41.56
N MET A 444 -1.30 -8.12 -40.82
CA MET A 444 -0.57 -9.21 -41.44
C MET A 444 -1.38 -9.87 -42.56
N CYS A 445 -2.66 -10.15 -42.32
CA CYS A 445 -3.46 -10.83 -43.33
C CYS A 445 -3.62 -10.00 -44.61
N ARG A 446 -3.87 -8.71 -44.45
CA ARG A 446 -3.98 -7.85 -45.63
C ARG A 446 -2.63 -7.65 -46.30
N MET A 447 -1.55 -7.52 -45.53
CA MET A 447 -0.26 -7.28 -46.16
C MET A 447 0.20 -8.53 -46.91
N ALA A 448 0.02 -9.70 -46.31
CA ALA A 448 0.29 -10.96 -47.00
C ALA A 448 -0.57 -11.15 -48.22
N THR A 449 -1.75 -10.52 -48.26
CA THR A 449 -2.56 -10.61 -49.48
C THR A 449 -2.08 -9.63 -50.54
N GLU A 450 -1.87 -8.37 -50.15
CA GLU A 450 -1.59 -7.29 -51.10
C GLU A 450 -0.13 -7.21 -51.50
N GLN A 451 0.79 -7.59 -50.60
CA GLN A 451 2.20 -7.33 -50.81
C GLN A 451 3.09 -8.32 -50.07
N PRO A 452 3.04 -9.59 -50.48
CA PRO A 452 3.56 -10.70 -49.65
C PRO A 452 4.94 -10.51 -49.06
N GLN A 453 5.86 -9.87 -49.80
CA GLN A 453 7.25 -9.84 -49.40
C GLN A 453 7.49 -9.07 -48.11
N THR A 454 6.57 -8.20 -47.70
CA THR A 454 6.76 -7.50 -46.43
C THR A 454 6.56 -8.45 -45.24
N LEU A 455 5.52 -9.30 -45.27
CA LEU A 455 5.39 -10.32 -44.24
C LEU A 455 6.51 -11.35 -44.32
N ALA A 456 6.94 -11.70 -45.53
CA ALA A 456 8.11 -12.57 -45.66
C ALA A 456 9.32 -11.96 -44.98
N THR A 457 9.58 -10.69 -45.26
CA THR A 457 10.69 -9.98 -44.64
C THR A 457 10.59 -10.00 -43.12
N TYR A 458 9.41 -9.69 -42.58
CA TYR A 458 9.22 -9.74 -41.13
C TYR A 458 9.50 -11.13 -40.57
N SER A 459 8.86 -12.15 -41.13
CA SER A 459 8.97 -13.48 -40.57
C SER A 459 10.40 -14.02 -40.66
N VAL A 460 11.10 -13.69 -41.76
CA VAL A 460 12.53 -13.97 -41.84
C VAL A 460 13.33 -13.22 -40.78
N SER A 461 13.00 -11.94 -40.55
CA SER A 461 13.73 -11.15 -39.58
C SER A 461 13.61 -11.72 -38.17
N ASP A 462 12.41 -12.20 -37.83
CA ASP A 462 12.24 -12.87 -36.54
C ASP A 462 13.11 -14.12 -36.43
N ALA A 463 13.30 -14.83 -37.54
CA ALA A 463 14.19 -15.98 -37.53
C ALA A 463 15.64 -15.56 -37.30
N VAL A 464 16.11 -14.58 -38.08
CA VAL A 464 17.50 -14.12 -37.94
C VAL A 464 17.79 -13.69 -36.51
N ALA A 465 16.91 -12.85 -35.96
CA ALA A 465 17.08 -12.41 -34.57
C ALA A 465 17.08 -13.57 -33.59
N THR A 466 16.17 -14.52 -33.75
CA THR A 466 16.13 -15.65 -32.81
C THR A 466 17.41 -16.46 -32.90
N TYR A 467 17.92 -16.68 -34.10
CA TYR A 467 19.08 -17.55 -34.22
C TYR A 467 20.32 -16.89 -33.66
N TYR A 468 20.62 -15.67 -34.09
CA TYR A 468 21.88 -15.09 -33.65
C TYR A 468 21.84 -14.77 -32.16
N LEU A 469 20.69 -14.31 -31.65
CA LEU A 469 20.56 -14.12 -30.21
C LEU A 469 20.81 -15.41 -29.46
N TYR A 470 20.31 -16.53 -29.98
CA TYR A 470 20.59 -17.80 -29.34
C TYR A 470 22.08 -18.10 -29.33
N MET A 471 22.72 -17.97 -30.49
CA MET A 471 24.12 -18.38 -30.63
C MET A 471 25.07 -17.58 -29.76
N LYS A 472 25.02 -16.25 -29.83
CA LYS A 472 26.06 -15.48 -29.15
C LYS A 472 25.95 -15.52 -27.63
N TYR A 473 24.79 -15.15 -27.09
CA TYR A 473 24.62 -15.07 -25.63
C TYR A 473 24.32 -16.40 -24.96
N VAL A 474 23.32 -17.14 -25.46
CA VAL A 474 22.83 -18.29 -24.70
C VAL A 474 23.78 -19.48 -24.79
N HIS A 475 24.35 -19.73 -25.95
CA HIS A 475 25.10 -20.97 -26.13
C HIS A 475 26.30 -21.02 -25.19
N PRO A 476 27.17 -19.99 -25.14
CA PRO A 476 28.31 -20.08 -24.23
C PRO A 476 27.86 -20.16 -22.80
N PHE A 477 26.92 -19.33 -22.41
CA PHE A 477 26.58 -19.20 -21.00
C PHE A 477 25.98 -20.50 -20.48
N ILE A 478 24.93 -21.00 -21.14
CA ILE A 478 24.27 -22.20 -20.66
C ILE A 478 25.21 -23.40 -20.73
N PHE A 479 25.88 -23.61 -21.86
CA PHE A 479 26.72 -24.79 -21.91
C PHE A 479 27.94 -24.71 -21.00
N ALA A 480 28.42 -23.51 -20.68
CA ALA A 480 29.39 -23.38 -19.60
C ALA A 480 28.80 -23.82 -18.27
N LEU A 481 27.66 -23.25 -17.90
CA LEU A 481 27.07 -23.55 -16.60
C LEU A 481 26.72 -25.03 -16.46
N CYS A 482 26.30 -25.68 -17.54
CA CYS A 482 25.99 -27.10 -17.51
C CYS A 482 27.19 -27.97 -17.13
N THR A 483 28.40 -27.45 -17.26
CA THR A 483 29.58 -28.23 -16.89
C THR A 483 29.64 -28.54 -15.40
N ILE A 484 28.87 -27.83 -14.58
CA ILE A 484 29.00 -27.95 -13.13
C ILE A 484 27.67 -28.28 -12.45
N ILE A 485 26.56 -28.18 -13.17
CA ILE A 485 25.25 -28.53 -12.65
C ILE A 485 24.84 -29.89 -13.19
N PRO A 486 24.44 -30.85 -12.34
CA PRO A 486 24.11 -32.19 -12.83
C PRO A 486 22.98 -32.26 -13.86
N MET A 487 22.24 -31.19 -14.09
CA MET A 487 21.00 -31.27 -14.85
C MET A 487 21.21 -31.17 -16.36
N GLU A 488 20.23 -31.70 -17.11
CA GLU A 488 20.12 -31.54 -18.54
C GLU A 488 20.01 -30.05 -18.91
N PRO A 489 20.39 -29.69 -20.13
CA PRO A 489 20.16 -28.31 -20.58
C PRO A 489 18.71 -27.85 -20.54
N ASP A 490 17.75 -28.73 -20.78
CA ASP A 490 16.34 -28.32 -20.64
C ASP A 490 16.07 -27.95 -19.20
N GLU A 491 16.54 -28.77 -18.27
CA GLU A 491 16.22 -28.58 -16.87
C GLU A 491 16.98 -27.38 -16.32
N VAL A 492 18.26 -27.26 -16.65
CA VAL A 492 19.04 -26.11 -16.15
C VAL A 492 18.48 -24.80 -16.69
N LEU A 493 18.06 -24.76 -17.95
CA LEU A 493 17.47 -23.52 -18.41
C LEU A 493 16.15 -23.23 -17.71
N ARG A 494 15.30 -24.24 -17.56
CA ARG A 494 13.95 -24.01 -17.04
C ARG A 494 13.91 -23.77 -15.53
N LYS A 495 14.69 -24.52 -14.76
CA LYS A 495 14.55 -24.49 -13.31
C LYS A 495 14.76 -23.10 -12.72
N GLY A 496 14.20 -22.90 -11.53
CA GLY A 496 14.38 -21.68 -10.77
C GLY A 496 15.72 -21.57 -10.06
N SER A 497 16.15 -20.32 -9.89
CA SER A 497 17.51 -20.02 -9.45
C SER A 497 17.84 -20.62 -8.09
N GLY A 498 16.84 -20.87 -7.25
CA GLY A 498 17.12 -21.49 -5.96
C GLY A 498 17.45 -22.97 -6.07
N THR A 499 16.80 -23.66 -7.01
CA THR A 499 17.06 -25.09 -7.13
C THR A 499 18.42 -25.35 -7.75
N LEU A 500 18.81 -24.58 -8.78
CA LEU A 500 20.15 -24.75 -9.31
C LEU A 500 21.17 -24.71 -8.18
N CYS A 501 21.07 -23.70 -7.32
CA CYS A 501 22.02 -23.55 -6.23
C CYS A 501 21.92 -24.68 -5.22
N GLU A 502 20.72 -25.26 -5.07
CA GLU A 502 20.66 -26.45 -4.23
C GLU A 502 21.35 -27.63 -4.88
N ALA A 503 21.35 -27.70 -6.20
CA ALA A 503 22.08 -28.78 -6.87
C ALA A 503 23.58 -28.63 -6.68
N LEU A 504 24.11 -27.43 -6.90
CA LEU A 504 25.54 -27.20 -6.68
C LEU A 504 25.93 -27.53 -5.24
N LEU A 505 25.10 -27.13 -4.28
CA LEU A 505 25.39 -27.46 -2.90
C LEU A 505 25.32 -28.95 -2.64
N MET A 506 24.40 -29.67 -3.29
CA MET A 506 24.35 -31.11 -3.11
C MET A 506 25.59 -31.78 -3.70
N VAL A 507 26.05 -31.32 -4.87
CA VAL A 507 27.30 -31.82 -5.43
C VAL A 507 28.41 -31.74 -4.41
N GLN A 508 28.62 -30.54 -3.87
CA GLN A 508 29.69 -30.36 -2.89
C GLN A 508 29.46 -31.16 -1.61
N ALA A 509 28.23 -31.19 -1.11
CA ALA A 509 27.94 -31.95 0.10
C ALA A 509 28.20 -33.43 -0.11
N PHE A 510 27.90 -33.95 -1.29
CA PHE A 510 28.18 -35.34 -1.58
C PHE A 510 29.67 -35.60 -1.62
N HIS A 511 30.43 -34.73 -2.30
CA HIS A 511 31.88 -34.90 -2.26
C HIS A 511 32.39 -34.82 -0.83
N ALA A 512 31.82 -33.92 -0.03
CA ALA A 512 32.14 -33.88 1.38
C ALA A 512 31.59 -35.08 2.15
N ASN A 513 30.85 -35.98 1.49
CA ASN A 513 30.27 -37.14 2.14
C ASN A 513 29.36 -36.75 3.31
N ILE A 514 28.58 -35.69 3.11
CA ILE A 514 27.60 -35.23 4.09
C ILE A 514 26.23 -35.75 3.69
N ILE A 515 25.53 -36.38 4.63
CA ILE A 515 24.14 -36.75 4.38
C ILE A 515 23.27 -35.50 4.46
N PHE A 516 22.38 -35.33 3.49
CA PHE A 516 21.57 -34.13 3.43
C PHE A 516 20.54 -34.09 4.56
N PRO A 517 20.11 -32.91 4.95
CA PRO A 517 18.86 -32.78 5.72
C PRO A 517 17.65 -32.88 4.79
N ASN A 518 16.52 -33.28 5.39
CA ASN A 518 15.26 -33.23 4.66
C ASN A 518 14.82 -31.79 4.45
N LYS A 519 13.93 -31.60 3.48
CA LYS A 519 13.36 -30.28 3.25
C LYS A 519 12.71 -29.73 4.51
N GLN A 520 12.77 -28.40 4.65
CA GLN A 520 12.22 -27.68 5.79
C GLN A 520 10.70 -27.75 5.80
N GLU A 521 10.14 -28.41 6.81
CA GLU A 521 8.69 -28.45 7.02
C GLU A 521 8.21 -27.13 7.60
N GLN A 522 6.98 -26.75 7.26
CA GLN A 522 6.49 -25.40 7.50
C GLN A 522 5.55 -25.36 8.70
N GLU A 523 5.84 -24.48 9.66
CA GLU A 523 4.93 -24.15 10.74
C GLU A 523 3.79 -23.26 10.26
N PHE A 524 2.65 -23.35 10.95
CA PHE A 524 1.55 -22.40 10.79
C PHE A 524 1.14 -21.83 12.14
N ASN A 525 0.87 -20.53 12.15
CA ASN A 525 0.35 -19.82 13.32
C ASN A 525 1.18 -20.07 14.57
N LYS A 526 2.50 -20.09 14.43
CA LYS A 526 3.33 -20.25 15.61
C LYS A 526 3.16 -19.05 16.52
N LEU A 527 3.27 -19.28 17.83
CA LEU A 527 3.08 -18.24 18.82
C LEU A 527 4.37 -17.50 19.12
N THR A 528 4.26 -16.21 19.39
CA THR A 528 5.26 -15.51 20.16
C THR A 528 5.28 -16.03 21.60
N ASP A 529 6.40 -15.84 22.28
CA ASP A 529 6.49 -16.25 23.67
C ASP A 529 5.58 -15.42 24.58
N ASP A 530 5.30 -14.17 24.22
CA ASP A 530 4.22 -13.44 24.88
C ASP A 530 2.84 -13.83 24.36
N GLY A 531 2.73 -14.94 23.63
CA GLY A 531 1.48 -15.63 23.42
C GLY A 531 0.67 -15.16 22.22
N HIS A 532 0.96 -13.99 21.68
CA HIS A 532 0.26 -13.50 20.51
C HIS A 532 0.57 -14.36 19.30
N VAL A 533 -0.45 -14.66 18.50
CA VAL A 533 -0.23 -15.33 17.22
C VAL A 533 0.50 -14.39 16.28
N LEU A 534 1.60 -14.88 15.70
CA LEU A 534 2.37 -14.09 14.76
C LEU A 534 1.74 -14.14 13.37
N ASP A 535 1.51 -12.97 12.78
CA ASP A 535 1.22 -12.94 11.35
C ASP A 535 2.48 -13.15 10.52
N SER A 536 3.56 -12.46 10.85
CA SER A 536 4.74 -12.49 9.97
C SER A 536 6.02 -12.35 10.78
N GLU A 537 7.11 -12.88 10.22
CA GLU A 537 8.46 -12.63 10.68
C GLU A 537 9.34 -12.22 9.50
N THR A 538 10.33 -11.38 9.79
CA THR A 538 11.19 -10.83 8.74
C THR A 538 12.45 -10.26 9.40
N TYR A 539 13.50 -10.09 8.61
CA TYR A 539 14.67 -9.32 9.03
C TYR A 539 14.68 -7.96 8.34
N VAL A 540 15.11 -6.94 9.07
CA VAL A 540 15.18 -5.59 8.54
C VAL A 540 16.13 -5.52 7.36
N GLY A 541 15.64 -5.00 6.24
CA GLY A 541 16.38 -5.02 4.99
C GLY A 541 17.44 -3.95 4.85
N GLY A 542 17.78 -3.67 3.60
CA GLY A 542 18.80 -2.67 3.31
C GLY A 542 18.38 -1.27 3.73
N HIS A 543 19.33 -0.53 4.30
CA HIS A 543 19.11 0.85 4.67
C HIS A 543 19.04 1.74 3.43
N VAL A 544 18.19 2.77 3.47
CA VAL A 544 18.07 3.71 2.36
C VAL A 544 17.80 5.10 2.92
N GLU A 545 18.47 6.11 2.37
CA GLU A 545 18.23 7.50 2.73
C GLU A 545 18.53 8.39 1.53
N ALA A 546 17.87 9.55 1.46
CA ALA A 546 18.04 10.49 0.35
C ALA A 546 18.21 11.90 0.92
N LEU A 547 19.46 12.26 1.21
CA LEU A 547 19.74 13.40 2.07
C LEU A 547 19.50 14.76 1.41
N GLU A 548 19.68 14.88 0.10
CA GLU A 548 19.68 16.18 -0.57
C GLU A 548 18.61 16.24 -1.65
N SER A 549 18.56 17.38 -2.33
CA SER A 549 17.57 17.60 -3.38
C SER A 549 18.06 18.69 -4.33
N GLY A 550 17.48 18.70 -5.51
CA GLY A 550 17.81 19.69 -6.53
C GLY A 550 18.81 19.18 -7.57
N VAL A 551 19.85 19.96 -7.81
CA VAL A 551 20.74 19.79 -8.96
C VAL A 551 22.19 19.98 -8.54
N PHE A 552 23.09 19.22 -9.14
CA PHE A 552 24.52 19.43 -8.98
C PHE A 552 25.23 19.30 -10.32
N ARG A 553 26.14 20.22 -10.60
CA ARG A 553 26.93 20.18 -11.82
C ARG A 553 28.34 20.62 -11.47
N SER A 554 29.35 19.95 -12.02
CA SER A 554 30.70 20.42 -11.84
C SER A 554 30.92 21.77 -12.53
N ASP A 555 30.04 22.11 -13.47
CA ASP A 555 30.16 23.33 -14.24
C ASP A 555 29.95 24.62 -13.42
N ILE A 556 29.30 24.56 -12.26
CA ILE A 556 28.96 25.79 -11.53
C ILE A 556 29.27 25.62 -10.06
N PRO A 557 29.61 26.71 -9.39
CA PRO A 557 29.96 26.66 -7.96
C PRO A 557 28.84 26.18 -7.07
N CYS A 558 29.26 25.67 -5.90
CA CYS A 558 28.42 25.12 -4.86
C CYS A 558 29.03 25.55 -3.53
N ARG A 559 28.17 25.90 -2.57
CA ARG A 559 28.59 26.24 -1.22
C ARG A 559 29.04 25.00 -0.45
N PHE A 560 30.10 25.14 0.34
CA PHE A 560 30.52 24.09 1.26
C PHE A 560 30.77 24.63 2.65
N ARG A 561 30.72 23.72 3.62
CA ARG A 561 31.29 23.94 4.93
C ARG A 561 31.94 22.63 5.36
N MET A 562 33.03 22.73 6.11
CA MET A 562 33.83 21.56 6.39
C MET A 562 34.40 21.61 7.80
N ASN A 563 34.46 20.45 8.44
CA ASN A 563 35.02 20.34 9.78
C ASN A 563 36.54 20.36 9.71
N PRO A 564 37.22 21.30 10.36
CA PRO A 564 38.67 21.41 10.22
C PRO A 564 39.48 20.30 10.88
N ALA A 565 38.90 19.49 11.76
CA ALA A 565 39.61 18.33 12.30
C ALA A 565 39.61 17.12 11.38
N ALA A 566 38.71 17.06 10.41
CA ALA A 566 38.69 15.96 9.46
C ALA A 566 39.94 15.95 8.57
N PHE A 567 40.25 17.09 7.97
CA PHE A 567 41.49 17.16 7.19
C PHE A 567 42.72 16.85 8.03
N ASP A 568 42.72 17.21 9.31
CA ASP A 568 43.83 16.82 10.17
C ASP A 568 43.90 15.32 10.38
N PHE A 569 42.75 14.69 10.58
CA PHE A 569 42.70 13.24 10.74
C PHE A 569 43.20 12.52 9.49
N LEU A 570 42.83 13.01 8.31
CA LEU A 570 43.34 12.39 7.08
C LEU A 570 44.84 12.62 6.93
N LEU A 571 45.27 13.88 7.03
CA LEU A 571 46.66 14.23 6.78
C LEU A 571 47.58 13.49 7.73
N GLN A 572 47.12 13.20 8.94
CA GLN A 572 47.93 12.43 9.88
C GLN A 572 48.12 10.97 9.48
N ARG A 573 47.46 10.47 8.43
CA ARG A 573 47.58 9.07 8.07
C ARG A 573 47.79 8.82 6.57
N VAL A 574 47.96 9.90 5.79
CA VAL A 574 48.01 9.76 4.33
C VAL A 574 48.92 8.62 3.91
N GLU A 575 50.12 8.56 4.49
CA GLU A 575 51.09 7.55 4.09
C GLU A 575 50.53 6.14 4.26
N LYS A 576 49.94 5.85 5.41
CA LYS A 576 49.36 4.52 5.62
C LYS A 576 48.22 4.24 4.65
N THR A 577 47.41 5.26 4.34
CA THR A 577 46.34 5.03 3.39
C THR A 577 46.88 4.64 2.02
N LEU A 578 47.92 5.32 1.56
CA LEU A 578 48.49 4.97 0.26
C LEU A 578 49.21 3.63 0.30
N ARG A 579 49.94 3.34 1.38
CA ARG A 579 50.62 2.06 1.50
C ARG A 579 49.65 0.89 1.44
N HIS A 580 48.62 0.91 2.29
CA HIS A 580 47.61 -0.13 2.26
C HIS A 580 46.90 -0.21 0.91
N ALA A 581 46.55 0.92 0.31
CA ALA A 581 45.83 0.87 -0.95
C ALA A 581 46.68 0.27 -2.08
N LEU A 582 47.96 0.62 -2.14
CA LEU A 582 48.84 0.00 -3.12
C LEU A 582 49.07 -1.50 -2.86
N GLU A 583 49.42 -1.86 -1.63
CA GLU A 583 49.85 -3.25 -1.40
C GLU A 583 48.70 -4.26 -1.49
N GLU A 584 47.59 -4.02 -0.79
CA GLU A 584 46.49 -4.98 -0.85
C GLU A 584 45.66 -4.91 -2.13
N GLU A 585 45.27 -3.73 -2.60
CA GLU A 585 44.43 -3.69 -3.80
C GLU A 585 45.22 -4.01 -5.06
N GLU A 586 46.33 -3.32 -5.30
CA GLU A 586 47.11 -3.59 -6.51
C GLU A 586 47.96 -4.85 -6.40
N LYS A 587 48.41 -5.22 -5.20
CA LYS A 587 49.36 -6.29 -4.95
C LYS A 587 50.78 -5.95 -5.40
N VAL A 588 51.02 -4.77 -5.96
CA VAL A 588 52.37 -4.31 -6.23
C VAL A 588 53.00 -3.84 -4.92
N PRO A 589 54.03 -4.51 -4.40
CA PRO A 589 54.64 -4.03 -3.14
C PRO A 589 55.21 -2.63 -3.28
N VAL A 590 55.26 -1.93 -2.15
CA VAL A 590 55.78 -0.56 -2.11
C VAL A 590 57.27 -0.50 -2.39
N GLU A 591 57.98 -1.62 -2.28
CA GLU A 591 59.38 -1.69 -2.67
C GLU A 591 59.57 -1.68 -4.18
N GLN A 592 58.56 -2.10 -4.94
CA GLN A 592 58.68 -2.27 -6.38
C GLN A 592 58.29 -1.01 -7.15
N VAL A 593 58.28 0.14 -6.48
CA VAL A 593 57.80 1.39 -7.04
C VAL A 593 58.76 2.50 -6.61
N THR A 594 59.03 3.43 -7.52
CA THR A 594 60.14 4.36 -7.37
C THR A 594 59.78 5.61 -6.56
N ASN A 595 58.65 6.25 -6.85
CA ASN A 595 58.43 7.65 -6.52
C ASN A 595 57.34 7.83 -5.47
N PHE A 596 57.25 6.90 -4.53
CA PHE A 596 56.23 6.97 -3.49
C PHE A 596 56.27 8.27 -2.70
N GLU A 597 57.45 8.86 -2.52
CA GLU A 597 57.57 10.11 -1.76
C GLU A 597 57.20 11.37 -2.54
N GLU A 598 57.06 11.30 -3.86
CA GLU A 598 56.63 12.48 -4.60
C GLU A 598 55.15 12.78 -4.37
N VAL A 599 54.29 11.77 -4.50
CA VAL A 599 52.86 11.95 -4.35
C VAL A 599 52.47 12.37 -2.93
N CYS A 600 53.12 11.79 -1.92
CA CYS A 600 52.73 12.05 -0.53
C CYS A 600 52.86 13.52 -0.14
N ASP A 601 53.85 14.23 -0.66
CA ASP A 601 53.94 15.65 -0.36
C ASP A 601 52.88 16.49 -1.07
N GLU A 602 52.54 16.17 -2.31
CA GLU A 602 51.47 16.93 -2.96
C GLU A 602 50.11 16.65 -2.32
N ILE A 603 49.90 15.43 -1.81
CA ILE A 603 48.71 15.18 -1.01
C ILE A 603 48.73 16.01 0.26
N LYS A 604 49.84 15.97 1.01
CA LYS A 604 49.84 16.63 2.30
C LYS A 604 49.66 18.14 2.14
N SER A 605 50.27 18.71 1.10
CA SER A 605 50.10 20.13 0.82
C SER A 605 48.66 20.50 0.45
N LYS A 606 47.99 19.68 -0.38
CA LYS A 606 46.58 19.99 -0.66
C LYS A 606 45.66 19.77 0.53
N LEU A 607 45.92 18.77 1.36
CA LEU A 607 45.15 18.64 2.59
C LEU A 607 45.37 19.81 3.54
N ALA A 608 46.61 20.27 3.70
CA ALA A 608 46.83 21.46 4.53
C ALA A 608 46.12 22.68 3.96
N SER A 609 46.18 22.86 2.64
CA SER A 609 45.46 23.95 1.99
C SER A 609 43.97 23.90 2.26
N LEU A 610 43.39 22.70 2.38
CA LEU A 610 42.00 22.59 2.82
C LEU A 610 41.85 22.92 4.30
N LYS A 611 42.72 22.37 5.14
CA LYS A 611 42.59 22.56 6.58
C LYS A 611 42.60 24.04 6.95
N ASP A 612 43.43 24.84 6.29
CA ASP A 612 43.53 26.25 6.61
C ASP A 612 42.32 27.08 6.14
N VAL A 613 41.57 26.61 5.16
CA VAL A 613 40.40 27.35 4.69
C VAL A 613 39.25 26.37 4.44
N PRO A 614 38.58 25.90 5.49
CA PRO A 614 37.47 24.96 5.29
C PRO A 614 36.28 25.57 4.54
N SER A 615 35.82 26.72 4.98
CA SER A 615 34.62 27.33 4.41
C SER A 615 34.95 27.93 3.05
N ARG A 616 34.26 27.47 2.01
CA ARG A 616 34.58 27.92 0.66
C ARG A 616 33.41 27.65 -0.28
N ILE A 617 33.51 28.25 -1.46
CA ILE A 617 32.65 27.95 -2.60
C ILE A 617 33.48 27.30 -3.69
N GLU A 618 33.06 26.12 -4.15
CA GLU A 618 33.84 25.33 -5.11
C GLU A 618 32.89 24.67 -6.09
N CYS A 619 33.39 24.33 -7.27
CA CYS A 619 32.69 23.36 -8.10
C CYS A 619 32.70 21.96 -7.45
N PRO A 620 31.68 21.15 -7.72
CA PRO A 620 31.66 19.77 -7.22
C PRO A 620 32.33 18.78 -8.16
N LEU A 621 32.88 17.73 -7.55
CA LEU A 621 33.29 16.50 -8.23
C LEU A 621 32.29 15.40 -7.87
N ILE A 622 31.50 14.96 -8.84
CA ILE A 622 30.51 13.91 -8.62
C ILE A 622 31.20 12.56 -8.67
N TYR A 623 31.18 11.82 -7.56
CA TYR A 623 31.73 10.46 -7.54
C TYR A 623 30.76 9.50 -6.87
N HIS A 624 30.77 8.25 -7.34
CA HIS A 624 30.01 7.16 -6.76
C HIS A 624 30.95 6.13 -6.15
N LEU A 625 30.63 5.68 -4.94
CA LEU A 625 31.50 4.76 -4.20
C LEU A 625 30.67 3.56 -3.77
N ASP A 626 30.95 2.38 -4.32
CA ASP A 626 30.21 1.17 -3.97
C ASP A 626 31.15 0.00 -3.75
N VAL A 627 30.61 -1.05 -3.12
CA VAL A 627 31.38 -2.23 -2.73
C VAL A 627 30.99 -3.38 -3.66
N GLY A 628 31.97 -3.89 -4.40
CA GLY A 628 31.69 -4.87 -5.43
C GLY A 628 31.32 -6.23 -4.86
N ALA A 629 30.25 -6.82 -5.39
CA ALA A 629 29.75 -8.12 -4.91
C ALA A 629 29.60 -8.14 -3.39
N MET A 630 28.83 -7.18 -2.88
CA MET A 630 28.91 -6.83 -1.48
C MET A 630 28.56 -8.00 -0.56
N TYR A 631 27.44 -8.67 -0.82
CA TYR A 631 26.92 -9.68 0.09
C TYR A 631 27.68 -11.00 0.03
N PRO A 632 28.02 -11.48 -1.15
CA PRO A 632 29.01 -12.56 -1.23
C PRO A 632 30.28 -12.26 -0.45
N ASN A 633 30.85 -11.08 -0.67
CA ASN A 633 32.11 -10.74 -0.02
C ASN A 633 31.98 -10.68 1.49
N ILE A 634 30.84 -10.19 1.99
CA ILE A 634 30.60 -10.18 3.43
C ILE A 634 30.45 -11.60 3.98
N ILE A 635 29.77 -12.47 3.25
CA ILE A 635 29.64 -13.86 3.65
C ILE A 635 31.02 -14.50 3.76
N LEU A 636 31.83 -14.35 2.73
CA LEU A 636 33.19 -14.89 2.75
C LEU A 636 33.97 -14.31 3.92
N THR A 637 34.00 -12.98 4.04
CA THR A 637 34.87 -12.33 4.99
C THR A 637 34.53 -12.70 6.43
N ASN A 638 33.26 -12.90 6.73
CA ASN A 638 32.93 -13.38 8.07
C ASN A 638 32.93 -14.90 8.18
N ARG A 639 33.06 -15.63 7.07
CA ARG A 639 32.90 -17.07 7.06
C ARG A 639 31.52 -17.49 7.56
N LEU A 640 30.49 -16.77 7.11
CA LEU A 640 29.11 -17.12 7.42
C LEU A 640 28.69 -18.35 6.63
N GLN A 641 28.01 -19.29 7.30
CA GLN A 641 27.48 -20.44 6.59
C GLN A 641 26.12 -20.83 7.15
N PRO A 642 25.17 -21.23 6.30
CA PRO A 642 23.81 -21.51 6.79
C PRO A 642 23.78 -22.56 7.89
N SER A 643 24.73 -23.46 7.93
CA SER A 643 24.77 -24.48 8.96
C SER A 643 25.46 -24.02 10.23
N ALA A 644 26.22 -22.93 10.19
CA ALA A 644 27.19 -22.65 11.24
C ALA A 644 26.64 -21.84 12.42
N MET A 645 25.46 -21.23 12.31
CA MET A 645 24.93 -20.56 13.49
C MET A 645 24.61 -21.59 14.58
N VAL A 646 24.84 -21.18 15.83
CA VAL A 646 24.78 -22.09 16.97
C VAL A 646 24.25 -21.34 18.18
N ASP A 647 23.82 -22.10 19.18
CA ASP A 647 23.52 -21.58 20.50
C ASP A 647 24.60 -22.05 21.49
N GLU A 648 24.45 -21.62 22.74
CA GLU A 648 25.35 -22.11 23.79
C GLU A 648 25.17 -23.60 24.02
N ALA A 649 23.94 -24.10 23.89
CA ALA A 649 23.66 -25.49 24.23
C ALA A 649 24.46 -26.46 23.37
N THR A 650 24.63 -26.15 22.08
CA THR A 650 25.51 -26.98 21.27
C THR A 650 26.98 -26.75 21.60
N CYS A 651 27.36 -25.50 21.88
CA CYS A 651 28.74 -25.25 22.29
C CYS A 651 29.05 -25.87 23.65
N ALA A 652 28.04 -26.06 24.50
CA ALA A 652 28.29 -26.70 25.79
C ALA A 652 28.76 -28.13 25.62
N ALA A 653 28.42 -28.78 24.51
CA ALA A 653 28.88 -30.13 24.24
C ALA A 653 30.22 -30.18 23.52
N CYS A 654 30.65 -29.07 22.92
CA CYS A 654 31.83 -29.09 22.07
C CYS A 654 33.10 -29.17 22.90
N ASP A 655 33.95 -30.15 22.59
CA ASP A 655 35.22 -30.31 23.28
C ASP A 655 36.17 -29.14 23.06
N PHE A 656 35.98 -28.37 22.00
CA PHE A 656 36.77 -27.16 21.78
C PHE A 656 36.29 -25.98 22.61
N ASN A 657 35.25 -26.15 23.42
CA ASN A 657 34.76 -25.08 24.29
C ASN A 657 35.70 -24.93 25.48
N LYS A 658 36.86 -24.33 25.20
CA LYS A 658 37.95 -24.22 26.15
C LYS A 658 38.32 -22.76 26.38
N PRO A 659 38.78 -22.40 27.57
CA PRO A 659 39.36 -21.07 27.78
C PRO A 659 40.44 -20.76 26.75
N GLY A 660 40.53 -19.48 26.39
CA GLY A 660 41.47 -19.01 25.40
C GLY A 660 41.08 -19.29 23.97
N ALA A 661 39.99 -20.00 23.73
CA ALA A 661 39.53 -20.25 22.38
C ALA A 661 39.03 -18.96 21.72
N ASN A 662 39.09 -18.95 20.39
CA ASN A 662 38.59 -17.86 19.56
C ASN A 662 37.62 -18.42 18.53
N CYS A 663 36.93 -19.51 18.88
CA CYS A 663 36.14 -20.25 17.91
C CYS A 663 34.78 -19.61 17.63
N GLN A 664 34.26 -18.83 18.57
CA GLN A 664 32.92 -18.26 18.44
C GLN A 664 32.99 -16.77 18.16
N ARG A 665 32.20 -16.35 17.17
CA ARG A 665 32.03 -14.95 16.78
C ARG A 665 30.60 -14.55 17.06
N LYS A 666 30.37 -13.30 17.44
CA LYS A 666 29.02 -12.82 17.74
C LYS A 666 28.69 -11.61 16.88
N MET A 667 27.51 -11.61 16.26
CA MET A 667 27.08 -10.46 15.48
C MET A 667 25.60 -10.18 15.71
N ALA A 668 25.20 -8.95 15.41
CA ALA A 668 23.88 -8.44 15.75
C ALA A 668 23.03 -8.20 14.51
N TRP A 669 21.73 -8.45 14.64
CA TRP A 669 20.77 -8.19 13.58
C TRP A 669 19.45 -7.78 14.21
N GLN A 670 18.60 -7.14 13.40
CA GLN A 670 17.29 -6.69 13.86
C GLN A 670 16.20 -7.63 13.36
N TRP A 671 15.59 -8.35 14.30
CA TRP A 671 14.38 -9.11 14.04
C TRP A 671 13.19 -8.17 13.93
N ARG A 672 12.25 -8.49 13.05
CA ARG A 672 10.97 -7.80 12.99
C ARG A 672 9.85 -8.82 12.95
N GLY A 673 8.76 -8.54 13.67
CA GLY A 673 7.58 -9.36 13.58
C GLY A 673 6.32 -8.53 13.54
N GLU A 674 5.25 -9.16 13.07
CA GLU A 674 3.91 -8.61 13.17
C GLU A 674 3.02 -9.69 13.77
N PHE A 675 2.16 -9.27 14.70
CA PHE A 675 1.27 -10.19 15.39
C PHE A 675 -0.07 -9.54 15.68
N MET A 676 -1.09 -10.40 15.82
CA MET A 676 -2.44 -9.98 16.14
C MET A 676 -2.58 -9.72 17.64
N PRO A 677 -3.44 -8.77 18.03
CA PRO A 677 -3.51 -8.38 19.44
C PRO A 677 -4.20 -9.41 20.34
N ALA A 678 -4.95 -10.36 19.78
CA ALA A 678 -5.68 -11.31 20.61
C ALA A 678 -4.76 -11.99 21.61
N SER A 679 -5.28 -12.16 22.82
CA SER A 679 -4.57 -12.89 23.85
C SER A 679 -4.41 -14.36 23.48
N ARG A 680 -3.40 -14.99 24.08
CA ARG A 680 -3.30 -16.45 24.10
C ARG A 680 -4.60 -17.12 24.52
N SER A 681 -5.24 -16.60 25.57
CA SER A 681 -6.49 -17.17 26.05
C SER A 681 -7.59 -17.12 24.99
N GLU A 682 -7.74 -15.98 24.32
CA GLU A 682 -8.80 -15.87 23.32
C GLU A 682 -8.58 -16.81 22.14
N TYR A 683 -7.33 -16.94 21.67
CA TYR A 683 -7.06 -17.88 20.60
C TYR A 683 -7.34 -19.33 21.03
N HIS A 684 -6.83 -19.72 22.19
CA HIS A 684 -7.04 -21.09 22.66
C HIS A 684 -8.53 -21.39 22.85
N ARG A 685 -9.28 -20.43 23.38
CA ARG A 685 -10.73 -20.55 23.46
C ARG A 685 -11.39 -20.66 22.09
N ILE A 686 -10.93 -19.89 21.10
CA ILE A 686 -11.54 -20.00 19.78
C ILE A 686 -11.26 -21.35 19.14
N GLN A 687 -10.08 -21.92 19.40
CA GLN A 687 -9.82 -23.29 19.00
C GLN A 687 -10.79 -24.26 19.66
N HIS A 688 -11.01 -24.11 20.97
CA HIS A 688 -11.95 -25.00 21.63
C HIS A 688 -13.37 -24.82 21.10
N GLN A 689 -13.75 -23.59 20.78
CA GLN A 689 -15.08 -23.30 20.22
C GLN A 689 -15.26 -23.91 18.84
N LEU A 690 -14.21 -23.97 18.03
CA LEU A 690 -14.35 -24.60 16.72
C LEU A 690 -14.56 -26.11 16.79
N GLU A 691 -14.39 -26.70 17.97
CA GLU A 691 -14.55 -28.14 18.12
C GLU A 691 -15.96 -28.63 17.76
N SER A 692 -16.97 -27.75 17.86
CA SER A 692 -18.33 -28.08 17.47
C SER A 692 -18.64 -27.82 16.00
N GLU A 693 -17.75 -27.18 15.26
CA GLU A 693 -18.13 -26.68 13.94
C GLU A 693 -18.26 -27.81 12.93
N LYS A 694 -19.12 -27.60 11.95
CA LYS A 694 -19.32 -28.50 10.82
C LYS A 694 -19.03 -27.75 9.52
N PHE A 695 -18.43 -28.44 8.56
CA PHE A 695 -17.94 -27.81 7.35
C PHE A 695 -18.44 -28.53 6.11
N PRO A 696 -18.57 -27.82 5.01
CA PRO A 696 -18.99 -28.46 3.75
C PRO A 696 -17.95 -29.45 3.26
N PRO A 697 -18.36 -30.40 2.42
CA PRO A 697 -17.41 -31.35 1.84
C PRO A 697 -16.48 -30.69 0.84
N LEU A 698 -15.49 -31.47 0.39
CA LEU A 698 -14.62 -31.06 -0.69
C LEU A 698 -15.34 -31.01 -2.03
N PHE A 699 -16.48 -31.69 -2.14
CA PHE A 699 -17.24 -31.72 -3.39
C PHE A 699 -18.71 -31.87 -3.05
N PRO A 700 -19.61 -31.30 -3.87
CA PRO A 700 -21.01 -31.16 -3.44
C PRO A 700 -21.66 -32.47 -2.98
N GLU A 701 -21.27 -33.60 -3.54
CA GLU A 701 -21.88 -34.87 -3.16
C GLU A 701 -21.34 -35.42 -1.85
N GLY A 702 -20.20 -34.91 -1.36
CA GLY A 702 -19.56 -35.48 -0.21
C GLY A 702 -20.30 -35.20 1.09
N PRO A 703 -20.04 -36.01 2.11
CA PRO A 703 -20.59 -35.71 3.44
C PRO A 703 -19.91 -34.52 4.06
N ALA A 704 -20.66 -33.80 4.90
CA ALA A 704 -20.08 -32.66 5.62
C ALA A 704 -18.97 -33.12 6.54
N ARG A 705 -17.87 -32.38 6.54
CA ARG A 705 -16.74 -32.65 7.41
C ARG A 705 -16.93 -31.99 8.78
N ALA A 706 -16.46 -32.67 9.82
CA ALA A 706 -16.24 -32.04 11.11
C ALA A 706 -14.97 -31.18 11.08
N PHE A 707 -14.86 -30.31 12.09
CA PHE A 707 -13.69 -29.46 12.23
C PHE A 707 -12.39 -30.25 12.27
N HIS A 708 -12.39 -31.41 12.92
CA HIS A 708 -11.18 -32.23 12.97
C HIS A 708 -10.92 -32.99 11.68
N GLU A 709 -11.85 -32.95 10.73
CA GLU A 709 -11.64 -33.54 9.41
C GLU A 709 -11.11 -32.53 8.41
N LEU A 710 -11.01 -31.26 8.78
CA LEU A 710 -10.15 -30.33 8.06
C LEU A 710 -8.69 -30.65 8.30
N SER A 711 -7.88 -30.49 7.25
CA SER A 711 -6.43 -30.54 7.38
C SER A 711 -5.89 -29.29 8.06
N ARG A 712 -4.65 -29.40 8.52
CA ARG A 712 -3.95 -28.26 9.12
C ARG A 712 -3.95 -27.04 8.19
N GLU A 713 -3.72 -27.26 6.90
CA GLU A 713 -3.66 -26.17 5.94
C GLU A 713 -5.00 -25.49 5.72
N GLU A 714 -6.11 -26.14 6.06
CA GLU A 714 -7.41 -25.50 6.10
C GLU A 714 -7.69 -24.85 7.45
N GLN A 715 -7.49 -25.62 8.53
CA GLN A 715 -7.78 -25.13 9.86
C GLN A 715 -7.05 -23.82 10.15
N ALA A 716 -5.77 -23.74 9.80
CA ALA A 716 -5.04 -22.53 10.11
C ALA A 716 -5.66 -21.31 9.44
N LYS A 717 -6.19 -21.49 8.23
CA LYS A 717 -6.79 -20.37 7.51
C LYS A 717 -8.12 -19.97 8.12
N TYR A 718 -8.93 -20.94 8.53
CA TYR A 718 -10.19 -20.60 9.20
C TYR A 718 -9.94 -19.95 10.55
N GLU A 719 -9.00 -20.46 11.33
CA GLU A 719 -8.66 -19.81 12.60
C GLU A 719 -8.14 -18.40 12.39
N LYS A 720 -7.30 -18.19 11.37
CA LYS A 720 -6.86 -16.83 11.08
C LYS A 720 -8.05 -15.93 10.77
N ARG A 721 -9.00 -16.40 9.95
CA ARG A 721 -10.13 -15.56 9.60
C ARG A 721 -11.00 -15.24 10.80
N ARG A 722 -11.25 -16.24 11.65
CA ARG A 722 -12.01 -16.04 12.88
C ARG A 722 -11.33 -15.04 13.81
N LEU A 723 -10.03 -15.19 14.03
CA LEU A 723 -9.33 -14.32 14.97
C LEU A 723 -9.20 -12.90 14.44
N ALA A 724 -9.01 -12.75 13.14
CA ALA A 724 -9.00 -11.41 12.55
C ALA A 724 -10.35 -10.74 12.66
N ASP A 725 -11.43 -11.45 12.33
CA ASP A 725 -12.75 -10.83 12.42
C ASP A 725 -13.11 -10.50 13.87
N TYR A 726 -12.77 -11.39 14.80
CA TYR A 726 -12.96 -11.08 16.22
C TYR A 726 -12.22 -9.82 16.64
N CYS A 727 -10.91 -9.75 16.37
CA CYS A 727 -10.13 -8.59 16.77
C CYS A 727 -10.61 -7.29 16.14
N ARG A 728 -11.12 -7.34 14.91
CA ARG A 728 -11.64 -6.12 14.31
C ARG A 728 -12.72 -5.45 15.16
N LYS A 729 -13.59 -6.24 15.80
CA LYS A 729 -14.46 -5.69 16.84
C LYS A 729 -13.75 -5.45 18.18
N ALA A 730 -13.06 -6.46 18.70
CA ALA A 730 -12.68 -6.45 20.10
C ALA A 730 -11.44 -5.62 20.40
N TYR A 731 -10.68 -5.20 19.39
CA TYR A 731 -9.56 -4.31 19.61
C TYR A 731 -9.45 -3.35 18.44
N LYS A 732 -8.86 -2.19 18.71
CA LYS A 732 -8.78 -1.16 17.68
C LYS A 732 -7.85 -1.56 16.53
N LYS A 733 -6.76 -2.25 16.83
CA LYS A 733 -5.67 -2.47 15.86
C LYS A 733 -5.54 -3.95 15.52
N ILE A 734 -5.68 -4.26 14.23
CA ILE A 734 -5.61 -5.64 13.78
C ILE A 734 -4.19 -6.20 13.83
N HIS A 735 -3.18 -5.38 13.50
CA HIS A 735 -1.78 -5.84 13.52
C HIS A 735 -0.87 -4.90 14.29
N ILE A 736 -0.04 -5.47 15.16
CA ILE A 736 1.00 -4.74 15.87
C ILE A 736 2.36 -5.15 15.32
N THR A 737 3.19 -4.17 14.99
CA THR A 737 4.54 -4.36 14.45
C THR A 737 5.59 -4.09 15.53
N LYS A 738 6.55 -4.99 15.67
CA LYS A 738 7.57 -4.86 16.70
C LYS A 738 8.95 -5.20 16.13
N VAL A 739 9.96 -4.42 16.53
CA VAL A 739 11.34 -4.62 16.09
C VAL A 739 12.22 -4.85 17.31
N GLU A 740 13.16 -5.79 17.20
CA GLU A 740 13.95 -6.22 18.36
C GLU A 740 15.40 -6.51 17.95
N GLU A 741 16.34 -6.00 18.75
CA GLU A 741 17.76 -6.33 18.59
C GLU A 741 18.05 -7.74 19.07
N ARG A 742 18.70 -8.55 18.22
CA ARG A 742 19.13 -9.89 18.61
C ARG A 742 20.58 -10.10 18.23
N LEU A 743 21.32 -10.85 19.06
CA LEU A 743 22.68 -11.26 18.77
C LEU A 743 22.74 -12.78 18.55
N THR A 744 23.53 -13.19 17.55
CA THR A 744 23.67 -14.59 17.19
C THR A 744 25.14 -14.96 17.05
N THR A 745 25.46 -16.17 17.50
CA THR A 745 26.83 -16.70 17.53
C THR A 745 27.12 -17.61 16.34
N ILE A 746 28.23 -17.35 15.67
CA ILE A 746 28.68 -18.12 14.51
C ILE A 746 29.91 -18.92 14.92
N CYS A 747 29.90 -20.21 14.62
CA CYS A 747 31.11 -21.01 14.74
C CYS A 747 31.99 -20.74 13.53
N GLN A 748 33.28 -20.56 13.76
CA GLN A 748 34.25 -20.33 12.69
C GLN A 748 34.97 -21.59 12.22
N ARG A 749 34.74 -22.75 12.84
CA ARG A 749 35.42 -23.98 12.41
C ARG A 749 34.56 -24.91 11.57
N GLU A 750 33.24 -24.76 11.58
CA GLU A 750 32.37 -25.72 10.91
C GLU A 750 32.72 -25.84 9.42
N ASN A 751 32.51 -27.04 8.89
CA ASN A 751 32.90 -27.40 7.52
C ASN A 751 32.55 -26.34 6.49
N SER A 752 33.53 -26.00 5.66
CA SER A 752 33.53 -24.83 4.80
C SER A 752 32.84 -25.05 3.46
N PHE A 753 32.15 -26.16 3.26
CA PHE A 753 31.70 -26.50 1.90
C PHE A 753 30.84 -25.40 1.28
N TYR A 754 29.91 -24.81 2.05
CA TYR A 754 29.07 -23.78 1.46
C TYR A 754 29.92 -22.56 1.09
N VAL A 755 30.73 -22.08 2.03
CA VAL A 755 31.52 -20.88 1.79
C VAL A 755 32.49 -21.09 0.65
N ASP A 756 33.13 -22.27 0.60
CA ASP A 756 34.00 -22.58 -0.52
C ASP A 756 33.26 -22.62 -1.84
N THR A 757 32.00 -23.04 -1.83
CA THR A 757 31.19 -22.98 -3.04
C THR A 757 30.98 -21.54 -3.50
N VAL A 758 30.68 -20.66 -2.56
CA VAL A 758 30.50 -19.25 -2.92
C VAL A 758 31.81 -18.69 -3.44
N ARG A 759 32.92 -19.07 -2.81
CA ARG A 759 34.23 -18.62 -3.29
C ARG A 759 34.44 -18.99 -4.74
N ALA A 760 34.18 -20.25 -5.09
CA ALA A 760 34.42 -20.71 -6.45
C ALA A 760 33.54 -19.98 -7.45
N PHE A 761 32.24 -19.85 -7.15
CA PHE A 761 31.38 -19.18 -8.12
C PHE A 761 31.70 -17.68 -8.23
N ARG A 762 32.01 -17.04 -7.11
CA ARG A 762 32.45 -15.66 -7.17
C ARG A 762 33.66 -15.52 -8.08
N ASP A 763 34.67 -16.36 -7.89
CA ASP A 763 35.88 -16.26 -8.71
C ASP A 763 35.56 -16.46 -10.18
N ARG A 764 34.61 -17.36 -10.48
CA ARG A 764 34.17 -17.49 -11.86
C ARG A 764 33.60 -16.20 -12.42
N ARG A 765 32.79 -15.49 -11.63
CA ARG A 765 32.34 -14.18 -12.09
C ARG A 765 33.49 -13.19 -12.26
N TYR A 766 34.41 -13.16 -11.29
CA TYR A 766 35.52 -12.21 -11.32
C TYR A 766 36.45 -12.38 -12.51
N GLU A 767 36.61 -13.60 -13.02
CA GLU A 767 37.36 -13.75 -14.26
C GLU A 767 36.74 -12.93 -15.40
N PHE A 768 35.44 -13.05 -15.59
CA PHE A 768 34.79 -12.25 -16.62
C PHE A 768 34.84 -10.77 -16.32
N LYS A 769 34.75 -10.41 -15.03
CA LYS A 769 34.83 -8.99 -14.68
C LYS A 769 36.18 -8.40 -15.06
N GLY A 770 37.25 -9.15 -14.78
CA GLY A 770 38.58 -8.73 -15.19
C GLY A 770 38.72 -8.57 -16.70
N LEU A 771 38.21 -9.55 -17.44
CA LEU A 771 38.25 -9.41 -18.90
C LEU A 771 37.51 -8.15 -19.36
N HIS A 772 36.35 -7.88 -18.76
CA HIS A 772 35.62 -6.67 -19.09
C HIS A 772 36.46 -5.42 -18.83
N LYS A 773 37.12 -5.37 -17.68
CA LYS A 773 37.98 -4.22 -17.37
C LYS A 773 39.07 -4.03 -18.42
N VAL A 774 39.70 -5.12 -18.83
CA VAL A 774 40.78 -5.02 -19.82
C VAL A 774 40.24 -4.50 -21.15
N TRP A 775 39.11 -5.03 -21.59
CA TRP A 775 38.52 -4.55 -22.85
C TRP A 775 38.03 -3.12 -22.76
N LYS A 776 37.55 -2.67 -21.60
CA LYS A 776 37.28 -1.24 -21.43
C LYS A 776 38.55 -0.41 -21.57
N LYS A 777 39.65 -0.86 -21.00
CA LYS A 777 40.90 -0.12 -21.15
C LYS A 777 41.29 0.01 -22.61
N LYS A 778 41.26 -1.11 -23.33
CA LYS A 778 41.57 -1.07 -24.76
C LYS A 778 40.60 -0.17 -25.53
N LEU A 779 39.31 -0.21 -25.16
CA LEU A 779 38.35 0.72 -25.76
C LEU A 779 38.78 2.16 -25.55
N SER A 780 39.12 2.52 -24.31
CA SER A 780 39.47 3.90 -24.02
C SER A 780 40.69 4.35 -24.82
N ALA A 781 41.67 3.46 -24.95
CA ALA A 781 42.83 3.74 -25.79
C ALA A 781 42.44 3.93 -27.25
N ALA A 782 41.64 3.01 -27.79
CA ALA A 782 41.21 3.13 -29.19
C ALA A 782 40.39 4.40 -29.43
N VAL A 783 39.59 4.79 -28.44
CA VAL A 783 38.82 6.03 -28.52
C VAL A 783 39.75 7.23 -28.60
N GLU A 784 40.76 7.28 -27.74
CA GLU A 784 41.68 8.42 -27.81
C GLU A 784 42.51 8.39 -29.09
N VAL A 785 42.86 7.21 -29.59
CA VAL A 785 43.55 7.12 -30.87
C VAL A 785 42.63 7.53 -32.02
N GLY A 786 41.33 7.26 -31.91
CA GLY A 786 40.41 7.63 -32.96
C GLY A 786 40.24 6.61 -34.06
N ASP A 787 40.36 5.32 -33.74
CA ASP A 787 40.20 4.23 -34.71
C ASP A 787 38.78 3.67 -34.55
N ALA A 788 37.86 4.14 -35.38
CA ALA A 788 36.46 3.78 -35.24
C ALA A 788 36.23 2.28 -35.43
N ALA A 789 36.98 1.64 -36.32
CA ALA A 789 36.85 0.20 -36.49
C ALA A 789 37.33 -0.56 -35.25
N GLU A 790 38.41 -0.10 -34.63
CA GLU A 790 38.89 -0.71 -33.39
C GLU A 790 37.94 -0.42 -32.24
N VAL A 791 37.41 0.80 -32.15
CA VAL A 791 36.39 1.10 -31.16
C VAL A 791 35.20 0.15 -31.32
N LYS A 792 34.72 0.01 -32.54
CA LYS A 792 33.57 -0.86 -32.83
C LYS A 792 33.82 -2.31 -32.38
N ARG A 793 34.98 -2.87 -32.75
CA ARG A 793 35.34 -4.21 -32.28
C ARG A 793 35.40 -4.29 -30.77
N CYS A 794 36.11 -3.36 -30.13
CA CYS A 794 36.29 -3.49 -28.69
C CYS A 794 34.98 -3.29 -27.97
N LYS A 795 34.10 -2.43 -28.50
CA LYS A 795 32.77 -2.27 -27.93
C LYS A 795 31.95 -3.54 -28.03
N ASN A 796 32.08 -4.27 -29.14
CA ASN A 796 31.44 -5.59 -29.21
C ASN A 796 31.94 -6.50 -28.10
N MET A 797 33.26 -6.54 -27.89
CA MET A 797 33.80 -7.35 -26.80
C MET A 797 33.29 -6.89 -25.44
N GLU A 798 33.25 -5.58 -25.24
CA GLU A 798 32.85 -5.00 -23.96
C GLU A 798 31.42 -5.37 -23.63
N VAL A 799 30.52 -5.21 -24.60
CA VAL A 799 29.11 -5.57 -24.38
C VAL A 799 28.98 -7.06 -24.09
N LEU A 800 29.68 -7.90 -24.84
CA LEU A 800 29.55 -9.34 -24.62
C LEU A 800 29.99 -9.73 -23.20
N TYR A 801 31.19 -9.31 -22.80
CA TYR A 801 31.67 -9.70 -21.48
C TYR A 801 30.86 -9.06 -20.35
N ASP A 802 30.35 -7.85 -20.57
CA ASP A 802 29.43 -7.29 -19.58
C ASP A 802 28.19 -8.15 -19.42
N SER A 803 27.61 -8.60 -20.53
CA SER A 803 26.40 -9.40 -20.43
C SER A 803 26.67 -10.73 -19.72
N LEU A 804 27.85 -11.31 -19.95
CA LEU A 804 28.17 -12.57 -19.27
C LEU A 804 28.31 -12.39 -17.76
N GLN A 805 29.07 -11.37 -17.33
CA GLN A 805 29.23 -11.21 -15.90
C GLN A 805 27.93 -10.78 -15.21
N LEU A 806 27.10 -10.01 -15.92
CA LEU A 806 25.77 -9.72 -15.37
C LEU A 806 24.97 -11.00 -15.19
N ALA A 807 24.95 -11.86 -16.19
CA ALA A 807 24.16 -13.07 -16.08
C ALA A 807 24.60 -13.91 -14.90
N HIS A 808 25.91 -14.04 -14.70
CA HIS A 808 26.44 -14.69 -13.50
C HIS A 808 26.00 -14.03 -12.20
N LYS A 809 25.76 -12.72 -12.22
CA LYS A 809 25.32 -12.02 -11.00
C LYS A 809 24.07 -12.61 -10.34
N CYS A 810 23.05 -12.96 -11.12
CA CYS A 810 21.82 -13.46 -10.51
C CYS A 810 22.04 -14.76 -9.74
N ILE A 811 22.69 -15.74 -10.36
CA ILE A 811 22.90 -17.00 -9.67
C ILE A 811 23.88 -16.84 -8.53
N LEU A 812 24.83 -15.92 -8.65
CA LEU A 812 25.75 -15.66 -7.56
C LEU A 812 25.01 -15.14 -6.34
N ASN A 813 24.17 -14.12 -6.54
CA ASN A 813 23.40 -13.54 -5.45
C ASN A 813 22.39 -14.51 -4.86
N SER A 814 21.88 -15.44 -5.67
CA SER A 814 20.95 -16.45 -5.14
C SER A 814 21.50 -17.18 -3.93
N PHE A 815 22.82 -17.33 -3.84
CA PHE A 815 23.41 -17.92 -2.64
C PHE A 815 23.03 -17.18 -1.37
N TYR A 816 22.81 -15.86 -1.45
CA TYR A 816 22.29 -15.14 -0.29
C TYR A 816 20.82 -15.43 -0.02
N GLY A 817 19.96 -15.24 -1.02
CA GLY A 817 18.54 -15.44 -0.80
C GLY A 817 18.12 -16.87 -0.54
N TYR A 818 18.79 -17.83 -1.17
CA TYR A 818 18.41 -19.23 -1.00
C TYR A 818 18.20 -19.59 0.46
N VAL A 819 19.00 -19.05 1.38
CA VAL A 819 18.97 -19.55 2.74
C VAL A 819 17.62 -19.33 3.39
N MET A 820 16.77 -18.47 2.84
CA MET A 820 15.43 -18.26 3.37
C MET A 820 14.34 -19.03 2.63
N ARG A 821 14.60 -19.49 1.41
CA ARG A 821 13.53 -19.93 0.52
C ARG A 821 12.74 -21.08 1.14
N LYS A 822 11.41 -21.00 0.99
CA LYS A 822 10.48 -21.97 1.55
C LYS A 822 10.86 -23.41 1.21
N GLY A 823 11.10 -24.20 2.25
CA GLY A 823 11.41 -25.60 2.11
C GLY A 823 12.88 -25.92 1.89
N ALA A 824 13.73 -24.93 1.68
CA ALA A 824 15.11 -25.18 1.33
C ALA A 824 15.78 -26.08 2.36
N ARG A 825 16.73 -26.89 1.90
CA ARG A 825 17.34 -27.89 2.76
C ARG A 825 18.16 -27.25 3.87
N TRP A 826 19.07 -26.34 3.52
CA TRP A 826 19.86 -25.62 4.51
C TRP A 826 19.21 -24.25 4.70
N TYR A 827 18.41 -24.15 5.75
CA TYR A 827 17.58 -22.99 6.02
C TYR A 827 17.91 -22.43 7.38
N SER A 828 18.18 -21.12 7.44
CA SER A 828 18.28 -20.41 8.71
C SER A 828 18.15 -18.93 8.43
N MET A 829 17.34 -18.25 9.24
CA MET A 829 17.03 -16.85 9.00
C MET A 829 18.16 -15.92 9.43
N GLU A 830 18.90 -16.28 10.47
CA GLU A 830 19.89 -15.37 11.04
C GLU A 830 20.92 -14.93 10.00
N MET A 831 21.49 -15.88 9.27
CA MET A 831 22.44 -15.53 8.22
C MET A 831 21.85 -14.62 7.17
N ALA A 832 20.52 -14.60 7.04
CA ALA A 832 19.92 -13.65 6.11
C ALA A 832 19.81 -12.27 6.71
N GLY A 833 19.79 -12.15 8.03
CA GLY A 833 19.78 -10.87 8.71
C GLY A 833 21.14 -10.21 8.85
N ILE A 834 22.11 -10.99 9.31
CA ILE A 834 23.44 -10.48 9.62
C ILE A 834 24.05 -9.79 8.41
N VAL A 835 23.86 -10.35 7.22
CA VAL A 835 24.42 -9.78 6.00
C VAL A 835 23.66 -8.55 5.51
N CYS A 836 22.44 -8.34 5.97
CA CYS A 836 21.80 -7.05 5.72
C CYS A 836 22.26 -6.00 6.72
N PHE A 837 22.35 -6.35 8.00
CA PHE A 837 22.70 -5.37 9.02
C PHE A 837 24.15 -4.90 8.93
N THR A 838 25.11 -5.80 8.68
CA THR A 838 26.47 -5.33 8.42
C THR A 838 26.55 -4.46 7.17
N GLY A 839 25.70 -4.73 6.18
CA GLY A 839 25.60 -3.87 5.02
C GLY A 839 24.90 -2.56 5.27
N ALA A 840 24.21 -2.43 6.40
CA ALA A 840 23.76 -1.12 6.82
C ALA A 840 24.85 -0.37 7.58
N ASN A 841 25.57 -1.06 8.47
CA ASN A 841 26.65 -0.43 9.22
C ASN A 841 27.68 0.20 8.30
N ILE A 842 28.24 -0.58 7.37
CA ILE A 842 29.32 -0.08 6.53
C ILE A 842 28.92 1.22 5.85
N ILE A 843 27.73 1.24 5.26
CA ILE A 843 27.35 2.43 4.51
C ILE A 843 26.95 3.57 5.43
N THR A 844 26.52 3.29 6.66
CA THR A 844 26.26 4.37 7.59
C THR A 844 27.56 5.09 7.96
N GLN A 845 28.59 4.32 8.31
CA GLN A 845 29.86 4.96 8.67
C GLN A 845 30.51 5.66 7.49
N ALA A 846 30.34 5.15 6.27
CA ALA A 846 30.77 5.93 5.11
C ALA A 846 29.97 7.21 4.93
N ARG A 847 28.69 7.21 5.31
CA ARG A 847 27.94 8.45 5.33
C ARG A 847 28.49 9.42 6.37
N GLU A 848 28.80 8.94 7.56
CA GLU A 848 29.38 9.82 8.58
C GLU A 848 30.65 10.47 8.06
N LEU A 849 31.58 9.66 7.55
CA LEU A 849 32.87 10.19 7.13
C LEU A 849 32.74 11.18 5.99
N ILE A 850 31.94 10.85 4.97
CA ILE A 850 31.81 11.76 3.84
C ILE A 850 31.07 13.04 4.20
N GLU A 851 30.09 12.98 5.11
CA GLU A 851 29.29 14.16 5.43
C GLU A 851 30.10 15.30 6.02
N GLN A 852 31.28 15.02 6.61
CA GLN A 852 32.14 16.09 7.12
C GLN A 852 32.90 16.80 6.00
N ILE A 853 33.43 16.04 5.05
CA ILE A 853 34.15 16.65 3.94
C ILE A 853 33.20 17.33 2.98
N GLY A 854 32.02 16.77 2.77
CA GLY A 854 31.15 17.21 1.69
C GLY A 854 29.71 16.81 1.89
N ARG A 855 29.00 16.62 0.78
CA ARG A 855 27.54 16.56 0.77
C ARG A 855 27.06 15.28 0.10
N PRO A 856 26.74 14.24 0.87
CA PRO A 856 26.07 13.07 0.29
C PRO A 856 24.77 13.46 -0.39
N LEU A 857 24.46 12.75 -1.48
CA LEU A 857 23.28 13.04 -2.28
C LEU A 857 22.34 11.84 -2.41
N GLU A 858 22.83 10.62 -2.28
CA GLU A 858 21.99 9.44 -2.29
C GLU A 858 22.77 8.33 -1.62
N LEU A 859 22.04 7.47 -0.91
CA LEU A 859 22.63 6.29 -0.25
C LEU A 859 21.63 5.15 -0.42
N ASP A 860 21.91 4.27 -1.38
CA ASP A 860 21.24 2.99 -1.49
C ASP A 860 22.00 1.89 -0.75
N THR A 861 21.67 0.63 -1.03
CA THR A 861 22.12 -0.47 -0.18
C THR A 861 23.63 -0.61 -0.17
N ASP A 862 24.28 -0.25 -1.27
CA ASP A 862 25.69 -0.56 -1.52
C ASP A 862 26.59 0.66 -1.50
N GLY A 863 26.14 1.80 -1.99
CA GLY A 863 27.07 2.79 -2.44
C GLY A 863 26.53 4.20 -2.55
N ILE A 864 27.31 5.09 -1.97
CA ILE A 864 27.02 6.52 -1.94
C ILE A 864 27.21 7.16 -3.29
N TRP A 865 26.34 8.12 -3.61
CA TRP A 865 26.65 9.18 -4.55
C TRP A 865 27.02 10.41 -3.75
N CYS A 866 28.11 11.10 -4.13
CA CYS A 866 28.48 12.31 -3.40
C CYS A 866 29.14 13.33 -4.31
N VAL A 867 29.17 14.58 -3.83
CA VAL A 867 29.96 15.66 -4.41
C VAL A 867 31.09 16.01 -3.46
N LEU A 868 32.30 16.14 -4.01
CA LEU A 868 33.50 16.50 -3.27
C LEU A 868 34.07 17.83 -3.76
N PRO A 869 34.78 18.57 -2.90
CA PRO A 869 35.28 19.89 -3.30
C PRO A 869 36.40 19.76 -4.34
N ASN A 870 36.39 20.70 -5.28
CA ASN A 870 37.25 20.66 -6.46
C ASN A 870 38.73 20.45 -6.12
N SER A 871 39.19 20.93 -4.97
CA SER A 871 40.59 20.81 -4.58
C SER A 871 40.99 19.43 -4.05
N PHE A 872 40.08 18.50 -3.88
CA PHE A 872 40.43 17.25 -3.22
C PHE A 872 41.44 16.44 -4.04
N PRO A 873 42.21 15.54 -3.39
CA PRO A 873 43.36 14.89 -4.06
C PRO A 873 43.10 14.16 -5.38
N GLU A 874 41.95 13.53 -5.58
CA GLU A 874 41.66 12.78 -6.82
C GLU A 874 42.77 11.78 -7.12
N ASN A 875 43.30 11.74 -8.36
CA ASN A 875 44.13 10.66 -8.90
C ASN A 875 45.63 10.87 -8.71
N PHE A 876 46.35 9.75 -8.58
CA PHE A 876 47.80 9.71 -8.58
C PHE A 876 48.29 8.53 -9.40
N VAL A 877 49.45 8.71 -10.05
CA VAL A 877 50.08 7.71 -10.89
C VAL A 877 51.45 7.32 -10.33
N PHE A 878 51.71 6.01 -10.35
CA PHE A 878 52.92 5.41 -9.79
C PHE A 878 53.63 4.60 -10.86
N LYS A 879 54.96 4.60 -10.82
CA LYS A 879 55.81 3.91 -11.78
C LYS A 879 56.49 2.73 -11.09
N THR A 880 56.32 1.54 -11.65
CA THR A 880 56.81 0.31 -11.02
C THR A 880 58.15 -0.10 -11.61
N THR A 881 58.80 -1.04 -10.94
CA THR A 881 60.01 -1.69 -11.41
C THR A 881 59.75 -3.05 -12.05
N ASN A 882 58.51 -3.33 -12.46
CA ASN A 882 58.22 -4.59 -13.13
C ASN A 882 57.30 -4.35 -14.32
N VAL A 883 57.74 -4.83 -15.49
CA VAL A 883 57.02 -4.65 -16.74
C VAL A 883 55.70 -5.41 -16.77
N LYS A 884 55.50 -6.36 -15.85
CA LYS A 884 54.19 -6.99 -15.71
C LYS A 884 53.12 -5.96 -15.38
N LYS A 885 53.45 -4.91 -14.64
CA LYS A 885 52.51 -3.84 -14.31
C LYS A 885 53.25 -2.50 -14.37
N PRO A 886 53.53 -2.02 -15.59
CA PRO A 886 54.47 -0.89 -15.72
C PRO A 886 54.03 0.37 -14.99
N LYS A 887 52.75 0.73 -15.09
CA LYS A 887 52.19 1.88 -14.40
C LYS A 887 50.99 1.46 -13.57
N VAL A 888 50.82 2.12 -12.43
CA VAL A 888 49.72 1.86 -11.51
C VAL A 888 49.02 3.17 -11.22
N THR A 889 47.69 3.13 -11.11
CA THR A 889 46.91 4.33 -10.84
C THR A 889 46.04 4.09 -9.63
N ILE A 890 45.99 5.08 -8.73
CA ILE A 890 45.07 5.07 -7.60
C ILE A 890 44.32 6.40 -7.54
N SER A 891 43.07 6.33 -7.09
CA SER A 891 42.31 7.52 -6.77
C SER A 891 41.97 7.51 -5.28
N TYR A 892 42.20 8.63 -4.61
CA TYR A 892 42.27 8.70 -3.15
C TYR A 892 40.94 8.40 -2.44
N PRO A 893 39.80 8.83 -2.97
CA PRO A 893 38.54 8.50 -2.29
C PRO A 893 38.38 7.03 -1.97
N GLY A 894 38.76 6.16 -2.90
CA GLY A 894 38.67 4.74 -2.65
C GLY A 894 39.58 4.27 -1.53
N ALA A 895 40.85 4.69 -1.55
CA ALA A 895 41.77 4.28 -0.50
C ALA A 895 41.32 4.81 0.86
N MET A 896 40.82 6.04 0.89
CA MET A 896 40.34 6.63 2.13
C MET A 896 39.19 5.83 2.73
N LEU A 897 38.16 5.53 1.93
CA LEU A 897 37.09 4.71 2.46
C LEU A 897 37.58 3.31 2.80
N ASN A 898 38.42 2.74 1.94
CA ASN A 898 38.79 1.35 2.09
C ASN A 898 39.53 1.11 3.39
N ILE A 899 40.42 2.02 3.77
CA ILE A 899 41.10 1.87 5.05
C ILE A 899 40.13 1.98 6.22
N MET A 900 39.11 2.82 6.08
CA MET A 900 38.08 2.89 7.11
C MET A 900 37.37 1.55 7.28
N VAL A 901 37.03 0.89 6.16
CA VAL A 901 36.44 -0.44 6.24
C VAL A 901 37.42 -1.43 6.85
N LYS A 902 38.69 -1.34 6.43
CA LYS A 902 39.71 -2.28 6.88
C LYS A 902 39.91 -2.23 8.38
N GLU A 903 39.86 -1.05 8.96
CA GLU A 903 40.20 -0.95 10.38
C GLU A 903 39.14 -1.58 11.26
N GLY A 904 37.88 -1.20 11.08
CA GLY A 904 36.81 -1.80 11.86
C GLY A 904 36.34 -3.20 11.48
N PHE A 905 35.93 -3.38 10.23
CA PHE A 905 35.20 -4.59 9.84
C PHE A 905 36.06 -5.85 9.72
N THR A 906 37.33 -5.71 9.34
CA THR A 906 38.14 -6.88 9.01
C THR A 906 38.10 -7.95 10.08
N ASN A 907 37.98 -9.19 9.64
CA ASN A 907 37.93 -10.37 10.49
C ASN A 907 39.30 -10.72 11.06
N ASP A 908 39.34 -10.97 12.37
CA ASP A 908 40.55 -11.40 13.06
C ASP A 908 40.30 -12.69 13.84
N GLN A 909 39.36 -13.50 13.37
CA GLN A 909 39.02 -14.77 13.98
C GLN A 909 38.98 -15.91 12.97
N TYR A 910 39.11 -15.62 11.68
CA TYR A 910 39.14 -16.64 10.64
C TYR A 910 40.07 -17.77 11.01
N GLN A 911 39.59 -19.00 10.93
CA GLN A 911 40.39 -20.17 11.25
C GLN A 911 40.37 -21.12 10.06
N GLU A 912 41.47 -21.87 9.88
CA GLU A 912 41.51 -22.92 8.87
C GLU A 912 42.18 -24.16 9.44
N LEU A 913 41.70 -25.32 9.05
CA LEU A 913 42.32 -26.58 9.45
C LEU A 913 43.67 -26.74 8.76
N ALA A 914 44.71 -26.96 9.56
CA ALA A 914 46.06 -27.17 9.03
C ALA A 914 46.37 -28.63 8.75
N GLU A 915 45.89 -29.55 9.58
CA GLU A 915 46.34 -30.95 9.55
C GLU A 915 45.16 -31.85 9.90
N PRO A 916 44.54 -32.49 8.92
CA PRO A 916 43.36 -33.32 9.20
C PRO A 916 43.56 -34.39 10.26
N SER A 917 44.78 -34.86 10.46
CA SER A 917 45.02 -35.92 11.45
C SER A 917 45.18 -35.40 12.87
N SER A 918 45.50 -34.13 13.08
CA SER A 918 45.84 -33.64 14.41
C SER A 918 44.81 -32.68 14.99
N LEU A 919 43.75 -32.36 14.26
CA LEU A 919 42.73 -31.43 14.74
C LEU A 919 43.35 -30.09 15.12
N THR A 920 44.34 -29.65 14.37
CA THR A 920 45.01 -28.38 14.62
C THR A 920 44.54 -27.33 13.61
N TYR A 921 44.12 -26.18 14.11
CA TYR A 921 43.68 -25.08 13.27
C TYR A 921 44.64 -23.92 13.42
N VAL A 922 44.92 -23.26 12.30
CA VAL A 922 45.73 -22.04 12.28
C VAL A 922 44.81 -20.85 12.10
N THR A 923 44.97 -19.84 12.94
CA THR A 923 44.29 -18.57 12.77
C THR A 923 44.86 -17.82 11.58
N ARG A 924 44.02 -17.00 10.96
CA ARG A 924 44.42 -16.12 9.88
C ARG A 924 43.63 -14.83 10.04
N SER A 925 44.00 -13.81 9.28
CA SER A 925 43.17 -12.64 9.11
C SER A 925 42.83 -12.45 7.63
N GLU A 926 41.63 -11.95 7.37
CA GLU A 926 41.20 -11.76 5.99
C GLU A 926 40.22 -10.60 5.90
N ASN A 927 40.31 -9.87 4.80
CA ASN A 927 39.24 -8.99 4.35
C ASN A 927 39.14 -9.06 2.84
N SER A 928 37.94 -9.29 2.32
CA SER A 928 37.68 -9.19 0.89
C SER A 928 36.81 -8.00 0.51
N ILE A 929 36.36 -7.21 1.47
CA ILE A 929 35.48 -6.07 1.19
C ILE A 929 36.33 -4.90 0.69
N PHE A 930 36.01 -4.41 -0.50
CA PHE A 930 36.71 -3.25 -1.05
C PHE A 930 35.72 -2.31 -1.73
N PHE A 931 35.87 -1.02 -1.49
CA PHE A 931 35.21 -0.02 -2.32
C PHE A 931 35.91 0.06 -3.67
N GLU A 932 35.16 0.46 -4.69
CA GLU A 932 35.79 0.92 -5.93
C GLU A 932 35.08 2.13 -6.50
N VAL A 933 35.87 3.10 -6.96
CA VAL A 933 35.31 4.37 -7.41
C VAL A 933 34.63 4.20 -8.76
N ASP A 934 33.60 4.99 -8.99
CA ASP A 934 33.10 5.30 -10.32
C ASP A 934 32.90 6.80 -10.49
N GLY A 935 33.15 7.26 -11.71
CA GLY A 935 33.11 8.68 -12.01
C GLY A 935 34.43 9.22 -12.53
N PRO A 936 34.55 10.55 -12.62
CA PRO A 936 33.57 11.57 -12.28
C PRO A 936 32.47 11.73 -13.33
N TYR A 937 31.39 12.41 -12.99
CA TYR A 937 30.26 12.62 -13.89
C TYR A 937 29.95 14.11 -13.98
N LEU A 938 29.38 14.52 -15.13
CA LEU A 938 29.16 15.93 -15.38
C LEU A 938 28.02 16.48 -14.55
N ALA A 939 26.85 15.83 -14.56
CA ALA A 939 25.65 16.40 -13.98
C ALA A 939 24.87 15.34 -13.22
N MET A 940 24.20 15.78 -12.16
CA MET A 940 23.38 14.93 -11.32
C MET A 940 22.12 15.71 -10.96
N ILE A 941 20.96 15.04 -10.97
CA ILE A 941 19.71 15.67 -10.59
C ILE A 941 18.88 14.69 -9.78
N LEU A 942 18.17 15.20 -8.78
CA LEU A 942 17.24 14.41 -7.98
C LEU A 942 15.89 15.09 -7.87
N PRO A 943 14.80 14.32 -7.81
CA PRO A 943 13.48 14.87 -7.55
C PRO A 943 13.21 15.03 -6.06
N ALA A 944 12.03 15.57 -5.74
CA ALA A 944 11.61 15.78 -4.36
C ALA A 944 10.13 15.46 -4.22
N SER A 945 9.74 15.04 -3.02
CA SER A 945 8.37 14.62 -2.76
C SER A 945 7.45 15.81 -2.50
N LYS A 946 6.16 15.60 -2.83
CA LYS A 946 5.13 16.60 -2.57
C LYS A 946 4.74 16.69 -1.09
N GLU A 947 4.82 15.61 -0.34
CA GLU A 947 4.46 15.67 1.08
C GLU A 947 5.60 16.28 1.87
N GLU A 948 5.27 17.26 2.70
CA GLU A 948 6.27 18.04 3.42
C GLU A 948 7.18 17.14 4.26
N GLY A 949 8.48 17.25 4.02
CA GLY A 949 9.50 16.56 4.78
C GLY A 949 9.67 15.09 4.47
N LYS A 950 8.88 14.51 3.57
CA LYS A 950 9.17 13.17 3.08
C LYS A 950 10.26 13.23 2.01
N LYS A 951 11.21 12.30 2.10
CA LYS A 951 12.35 12.24 1.22
C LYS A 951 12.13 11.18 0.14
N LEU A 952 11.98 11.63 -1.11
CA LEU A 952 11.65 10.74 -2.23
C LEU A 952 12.90 9.98 -2.65
N LYS A 953 13.02 8.75 -2.18
CA LYS A 953 14.18 7.91 -2.44
C LYS A 953 14.14 7.31 -3.85
N LYS A 954 15.30 6.81 -4.29
CA LYS A 954 15.41 5.93 -5.45
C LYS A 954 14.87 6.56 -6.73
N ARG A 955 15.15 7.83 -6.96
CA ARG A 955 14.97 8.40 -8.28
C ARG A 955 16.06 9.42 -8.55
N TYR A 956 16.70 9.34 -9.71
CA TYR A 956 17.66 10.37 -10.10
C TYR A 956 18.03 10.21 -11.56
N ALA A 957 18.71 11.24 -12.07
CA ALA A 957 19.38 11.21 -13.37
C ALA A 957 20.83 11.61 -13.21
N VAL A 958 21.70 10.99 -14.01
CA VAL A 958 23.15 11.25 -13.98
C VAL A 958 23.67 11.26 -15.40
N PHE A 959 24.69 12.10 -15.66
CA PHE A 959 25.21 12.28 -17.00
C PHE A 959 26.73 12.12 -17.08
N ASN A 960 27.18 11.49 -18.16
CA ASN A 960 28.60 11.35 -18.47
C ASN A 960 29.27 12.69 -18.79
N GLU A 961 30.60 12.73 -18.55
CA GLU A 961 31.38 13.89 -18.95
C GLU A 961 31.21 14.22 -20.43
N ASP A 962 30.88 13.22 -21.24
CA ASP A 962 30.67 13.43 -22.67
C ASP A 962 29.37 14.16 -22.95
N GLY A 963 28.51 14.37 -21.96
CA GLY A 963 27.22 15.00 -22.20
C GLY A 963 26.17 14.06 -22.72
N SER A 964 26.12 12.84 -22.20
CA SER A 964 25.16 11.83 -22.64
C SER A 964 24.75 11.00 -21.42
N LEU A 965 23.55 10.45 -21.49
CA LEU A 965 22.93 9.87 -20.30
C LEU A 965 23.73 8.70 -19.79
N ALA A 966 24.00 8.69 -18.48
CA ALA A 966 24.76 7.62 -17.83
C ALA A 966 23.89 6.69 -17.02
N GLU A 967 22.97 7.23 -16.21
CA GLU A 967 22.03 6.42 -15.47
C GLU A 967 20.75 7.24 -15.30
N LEU A 968 19.62 6.53 -15.20
CA LEU A 968 18.31 7.19 -15.08
C LEU A 968 17.34 6.19 -14.48
N LYS A 969 16.92 6.41 -13.23
CA LYS A 969 16.40 5.30 -12.45
C LYS A 969 14.99 5.53 -11.93
N GLY A 970 14.22 4.44 -11.84
CA GLY A 970 12.94 4.40 -11.18
C GLY A 970 11.79 5.13 -11.86
N PHE A 971 12.01 5.80 -12.99
CA PHE A 971 10.97 6.63 -13.57
C PHE A 971 10.04 5.85 -14.50
N GLU A 972 8.90 6.47 -14.80
CA GLU A 972 7.90 5.90 -15.69
C GLU A 972 8.43 5.59 -17.08
N VAL A 973 9.49 6.28 -17.54
CA VAL A 973 10.10 5.92 -18.82
C VAL A 973 10.59 4.48 -18.81
N LYS A 974 10.96 3.93 -17.65
CA LYS A 974 11.43 2.56 -17.59
C LYS A 974 10.33 1.57 -17.25
N ARG A 975 9.40 1.94 -16.39
CA ARG A 975 8.36 1.00 -15.97
C ARG A 975 7.56 0.59 -17.19
N ARG A 976 7.08 -0.64 -17.18
CA ARG A 976 6.21 -1.14 -18.24
C ARG A 976 4.80 -0.57 -18.12
N GLY A 977 4.46 0.34 -19.04
CA GLY A 977 3.08 0.73 -19.28
C GLY A 977 2.55 1.91 -18.49
N GLU A 978 3.38 2.63 -17.74
CA GLU A 978 2.91 3.87 -17.15
C GLU A 978 2.56 4.89 -18.23
N LEU A 979 1.79 5.90 -17.83
CA LEU A 979 1.15 6.81 -18.77
C LEU A 979 2.16 7.45 -19.72
N GLN A 980 1.88 7.33 -21.02
CA GLN A 980 2.85 7.70 -22.06
C GLN A 980 3.26 9.17 -21.96
N LEU A 981 2.28 10.05 -21.69
CA LEU A 981 2.56 11.46 -21.52
C LEU A 981 3.61 11.72 -20.45
N ILE A 982 3.57 10.96 -19.35
CA ILE A 982 4.57 11.12 -18.30
C ILE A 982 5.95 10.74 -18.81
N LYS A 983 6.03 9.66 -19.58
CA LYS A 983 7.32 9.22 -20.10
C LYS A 983 7.94 10.31 -20.97
N ILE A 984 7.17 10.87 -21.88
CA ILE A 984 7.74 11.85 -22.80
C ILE A 984 8.12 13.14 -22.08
N PHE A 985 7.26 13.61 -21.16
CA PHE A 985 7.62 14.77 -20.34
C PHE A 985 8.95 14.55 -19.61
N GLN A 986 9.07 13.44 -18.90
CA GLN A 986 10.30 13.18 -18.15
C GLN A 986 11.52 13.14 -19.06
N SER A 987 11.40 12.40 -20.16
CA SER A 987 12.52 12.24 -21.07
C SER A 987 13.02 13.58 -21.58
N SER A 988 12.11 14.47 -21.98
CA SER A 988 12.57 15.77 -22.44
C SER A 988 13.14 16.65 -21.32
N VAL A 989 12.53 16.64 -20.13
CA VAL A 989 13.03 17.56 -19.10
C VAL A 989 14.41 17.15 -18.57
N PHE A 990 14.69 15.85 -18.47
CA PHE A 990 16.06 15.49 -18.10
C PHE A 990 17.08 15.93 -19.14
N GLU A 991 16.70 15.86 -20.41
CA GLU A 991 17.61 16.36 -21.50
C GLU A 991 17.75 17.88 -21.35
N ALA A 992 16.73 18.56 -20.83
CA ALA A 992 16.80 20.01 -20.64
C ALA A 992 17.70 20.42 -19.47
N PHE A 993 17.72 19.64 -18.39
CA PHE A 993 18.58 20.01 -17.25
C PHE A 993 20.06 20.08 -17.63
N LEU A 994 20.51 19.29 -18.60
CA LEU A 994 21.88 19.45 -19.09
C LEU A 994 22.19 20.88 -19.53
N LYS A 995 21.22 21.61 -20.07
CA LYS A 995 21.51 22.89 -20.67
C LYS A 995 21.63 23.99 -19.62
N GLY A 996 22.01 25.18 -20.08
CA GLY A 996 22.08 26.37 -19.26
C GLY A 996 23.29 26.42 -18.34
N SER A 997 23.64 27.64 -17.94
CA SER A 997 24.95 27.96 -17.41
C SER A 997 24.95 28.44 -15.96
N THR A 998 23.81 28.83 -15.42
CA THR A 998 23.73 29.31 -14.04
C THR A 998 22.48 28.72 -13.40
N LEU A 999 22.49 28.66 -12.07
CA LEU A 999 21.41 27.97 -11.39
C LEU A 999 20.06 28.61 -11.66
N GLU A 1000 20.03 29.90 -11.99
CA GLU A 1000 18.80 30.51 -12.49
C GLU A 1000 18.41 29.92 -13.83
N GLU A 1001 19.37 29.86 -14.77
CA GLU A 1001 19.13 29.31 -16.09
C GLU A 1001 18.93 27.81 -16.09
N VAL A 1002 19.52 27.09 -15.13
CA VAL A 1002 19.30 25.65 -15.06
C VAL A 1002 17.80 25.35 -14.99
N TYR A 1003 17.09 26.02 -14.08
CA TYR A 1003 15.64 25.87 -14.02
C TYR A 1003 14.93 26.59 -15.16
N GLY A 1004 15.39 27.80 -15.53
CA GLY A 1004 14.72 28.52 -16.60
C GLY A 1004 14.67 27.77 -17.92
N SER A 1005 15.70 26.97 -18.20
CA SER A 1005 15.65 26.09 -19.36
C SER A 1005 14.47 25.13 -19.26
N VAL A 1006 14.38 24.41 -18.15
CA VAL A 1006 13.38 23.36 -18.04
C VAL A 1006 11.99 23.93 -18.09
N ALA A 1007 11.80 25.12 -17.54
CA ALA A 1007 10.47 25.72 -17.59
C ALA A 1007 9.97 25.86 -19.02
N LYS A 1008 10.80 26.42 -19.91
CA LYS A 1008 10.44 26.60 -21.31
C LYS A 1008 10.15 25.30 -22.04
N VAL A 1009 10.65 24.17 -21.56
CA VAL A 1009 10.29 22.88 -22.15
C VAL A 1009 8.98 22.38 -21.56
N ALA A 1010 8.93 22.23 -20.24
CA ALA A 1010 7.79 21.60 -19.60
C ALA A 1010 6.51 22.40 -19.77
N ASP A 1011 6.62 23.70 -20.07
CA ASP A 1011 5.43 24.46 -20.44
C ASP A 1011 4.75 23.89 -21.69
N TYR A 1012 5.52 23.27 -22.58
CA TYR A 1012 4.95 22.76 -23.83
C TYR A 1012 3.81 21.78 -23.59
N TRP A 1013 3.97 20.86 -22.65
CA TRP A 1013 2.94 19.86 -22.41
C TRP A 1013 1.70 20.44 -21.74
N LEU A 1014 1.87 21.35 -20.79
CA LEU A 1014 0.71 22.04 -20.24
C LEU A 1014 -0.01 22.83 -21.32
N ASP A 1015 0.74 23.47 -22.22
CA ASP A 1015 0.11 24.20 -23.32
C ASP A 1015 -0.68 23.26 -24.22
N VAL A 1016 -0.16 22.06 -24.47
CA VAL A 1016 -0.90 21.03 -25.21
C VAL A 1016 -2.20 20.67 -24.49
N LEU A 1017 -2.13 20.39 -23.19
CA LEU A 1017 -3.34 19.98 -22.48
C LEU A 1017 -4.39 21.10 -22.44
N TYR A 1018 -3.97 22.31 -22.11
CA TYR A 1018 -4.90 23.43 -22.10
C TYR A 1018 -5.41 23.78 -23.50
N SER A 1019 -4.69 23.40 -24.55
CA SER A 1019 -5.18 23.57 -25.91
C SER A 1019 -6.12 22.45 -26.35
N LYS A 1020 -6.42 21.50 -25.47
CA LYS A 1020 -7.13 20.27 -25.85
C LYS A 1020 -6.46 19.59 -27.04
N ALA A 1021 -5.14 19.66 -27.10
CA ALA A 1021 -4.39 19.07 -28.21
C ALA A 1021 -4.93 19.51 -29.56
N ALA A 1022 -5.35 20.78 -29.64
CA ALA A 1022 -6.20 21.23 -30.74
C ALA A 1022 -5.69 20.76 -32.11
N ASN A 1023 -4.39 20.84 -32.34
CA ASN A 1023 -3.79 20.46 -33.60
C ASN A 1023 -3.22 19.04 -33.64
N MET A 1024 -3.29 18.31 -32.54
CA MET A 1024 -2.71 16.96 -32.52
C MET A 1024 -3.53 16.03 -33.41
N PRO A 1025 -2.87 15.14 -34.18
CA PRO A 1025 -3.62 14.20 -35.02
C PRO A 1025 -4.56 13.33 -34.19
N ASP A 1026 -5.67 12.96 -34.83
CA ASP A 1026 -6.73 12.24 -34.12
C ASP A 1026 -6.25 10.88 -33.62
N SER A 1027 -5.37 10.22 -34.37
CA SER A 1027 -4.79 8.97 -33.89
C SER A 1027 -3.74 9.20 -32.82
N GLU A 1028 -3.04 10.34 -32.87
CA GLU A 1028 -1.90 10.55 -32.00
C GLU A 1028 -2.31 10.55 -30.54
N LEU A 1029 -3.50 11.06 -30.24
CA LEU A 1029 -4.03 10.99 -28.88
C LEU A 1029 -4.12 9.56 -28.37
N PHE A 1030 -4.55 8.63 -29.22
CA PHE A 1030 -4.73 7.26 -28.76
C PHE A 1030 -3.43 6.67 -28.27
N GLU A 1031 -2.30 7.09 -28.83
CA GLU A 1031 -1.02 6.80 -28.20
C GLU A 1031 -0.84 7.64 -26.95
N LEU A 1032 -0.81 8.96 -27.12
CA LEU A 1032 -0.30 9.85 -26.08
C LEU A 1032 -1.06 9.68 -24.76
N ILE A 1033 -2.38 9.46 -24.82
CA ILE A 1033 -3.18 9.47 -23.60
C ILE A 1033 -3.29 8.11 -22.93
N SER A 1034 -2.69 7.06 -23.49
CA SER A 1034 -2.98 5.71 -23.05
C SER A 1034 -2.06 5.27 -21.92
N GLU A 1035 -2.63 4.60 -20.92
CA GLU A 1035 -1.93 3.61 -20.11
C GLU A 1035 -2.03 2.24 -20.76
N ASN A 1036 -1.07 1.37 -20.42
CA ASN A 1036 -0.96 0.07 -21.07
C ASN A 1036 -0.86 -1.06 -20.05
N ARG A 1037 -1.45 -0.88 -18.87
CA ARG A 1037 -1.24 -1.79 -17.75
C ARG A 1037 -1.66 -3.21 -18.12
N SER A 1038 -1.12 -4.17 -17.37
CA SER A 1038 -1.34 -5.59 -17.65
C SER A 1038 -1.59 -6.31 -16.34
N MET A 1039 -2.10 -7.54 -16.43
CA MET A 1039 -2.52 -8.30 -15.28
C MET A 1039 -1.74 -9.61 -15.16
N SER A 1040 -1.55 -10.03 -13.91
CA SER A 1040 -0.83 -11.25 -13.59
C SER A 1040 -1.71 -12.49 -13.41
N ARG A 1041 -3.02 -12.34 -13.23
CA ARG A 1041 -3.86 -13.49 -12.86
C ARG A 1041 -5.15 -13.50 -13.66
N LYS A 1042 -5.85 -14.63 -13.60
CA LYS A 1042 -7.18 -14.77 -14.16
C LYS A 1042 -8.18 -13.81 -13.51
N LEU A 1043 -9.03 -13.22 -14.35
CA LEU A 1043 -10.05 -12.30 -13.85
C LEU A 1043 -11.00 -13.00 -12.87
N GLU A 1044 -11.28 -14.28 -13.11
CA GLU A 1044 -12.10 -15.06 -12.21
C GLU A 1044 -11.52 -15.14 -10.81
N ASP A 1045 -10.22 -14.88 -10.65
CA ASP A 1045 -9.60 -14.91 -9.33
C ASP A 1045 -9.55 -13.55 -8.65
N TYR A 1046 -9.38 -12.45 -9.39
CA TYR A 1046 -9.51 -11.14 -8.75
C TYR A 1046 -10.93 -10.91 -8.24
N GLY A 1047 -11.92 -11.27 -9.04
CA GLY A 1047 -13.28 -11.35 -8.56
C GLY A 1047 -13.85 -10.03 -8.07
N GLU A 1048 -13.99 -9.91 -6.75
CA GLU A 1048 -14.83 -8.89 -6.14
C GLU A 1048 -14.15 -7.53 -6.02
N GLN A 1049 -12.81 -7.51 -6.01
CA GLN A 1049 -12.09 -6.28 -5.74
C GLN A 1049 -12.29 -5.26 -6.87
N LYS A 1050 -12.17 -3.99 -6.51
CA LYS A 1050 -12.46 -2.87 -7.41
C LYS A 1050 -11.18 -2.11 -7.72
N SER A 1051 -10.84 -2.02 -9.01
CA SER A 1051 -9.76 -1.17 -9.49
C SER A 1051 -9.88 -1.09 -11.00
N THR A 1052 -9.06 -0.21 -11.59
CA THR A 1052 -9.22 0.08 -13.02
C THR A 1052 -8.90 -1.13 -13.90
N SER A 1053 -7.95 -1.98 -13.50
CA SER A 1053 -7.62 -3.14 -14.32
C SER A 1053 -8.75 -4.17 -14.34
N ILE A 1054 -9.19 -4.58 -13.15
CA ILE A 1054 -10.33 -5.48 -13.07
C ILE A 1054 -11.54 -4.86 -13.76
N SER A 1055 -11.78 -3.58 -13.53
CA SER A 1055 -12.94 -2.93 -14.13
C SER A 1055 -12.89 -3.00 -15.65
N THR A 1056 -11.74 -2.70 -16.25
CA THR A 1056 -11.72 -2.76 -17.71
C THR A 1056 -11.71 -4.19 -18.24
N ALA A 1057 -11.30 -5.17 -17.45
CA ALA A 1057 -11.43 -6.54 -17.93
C ALA A 1057 -12.90 -6.97 -17.95
N LYS A 1058 -13.64 -6.64 -16.90
CA LYS A 1058 -15.08 -6.83 -16.94
C LYS A 1058 -15.72 -6.02 -18.06
N ARG A 1059 -15.14 -4.86 -18.37
CA ARG A 1059 -15.65 -4.04 -19.50
C ARG A 1059 -15.44 -4.82 -20.81
N LEU A 1060 -14.35 -5.59 -20.89
CA LEU A 1060 -14.10 -6.36 -22.10
C LEU A 1060 -14.97 -7.60 -22.21
N ALA A 1061 -15.36 -8.17 -21.07
CA ALA A 1061 -16.22 -9.36 -21.11
C ALA A 1061 -17.54 -9.07 -21.81
N GLU A 1062 -18.14 -7.91 -21.55
CA GLU A 1062 -19.37 -7.51 -22.21
C GLU A 1062 -19.21 -7.37 -23.72
N PHE A 1063 -18.08 -6.86 -24.18
CA PHE A 1063 -17.90 -6.60 -25.60
C PHE A 1063 -17.48 -7.85 -26.37
N LEU A 1064 -16.57 -8.66 -25.83
CA LEU A 1064 -15.99 -9.75 -26.61
C LEU A 1064 -15.94 -11.09 -25.86
N GLY A 1065 -16.41 -11.15 -24.63
CA GLY A 1065 -16.61 -12.42 -23.96
C GLY A 1065 -15.31 -13.11 -23.57
N ASP A 1066 -15.48 -14.25 -22.90
CA ASP A 1066 -14.42 -14.88 -22.11
C ASP A 1066 -13.22 -15.29 -22.95
N GLN A 1067 -13.31 -15.28 -24.28
CA GLN A 1067 -12.15 -15.62 -25.07
C GLN A 1067 -10.95 -14.74 -24.75
N MET A 1068 -11.18 -13.46 -24.41
CA MET A 1068 -10.10 -12.62 -23.90
C MET A 1068 -9.84 -12.88 -22.43
N VAL A 1069 -10.89 -12.97 -21.62
CA VAL A 1069 -10.77 -13.04 -20.17
C VAL A 1069 -10.04 -14.31 -19.74
N LYS A 1070 -10.14 -15.38 -20.53
CA LYS A 1070 -9.97 -16.74 -20.02
C LYS A 1070 -8.66 -16.94 -19.24
N ASP A 1071 -7.57 -16.28 -19.63
CA ASP A 1071 -6.27 -16.68 -19.10
C ASP A 1071 -5.40 -15.48 -18.78
N ALA A 1072 -4.34 -15.76 -18.02
CA ALA A 1072 -3.42 -14.77 -17.48
C ALA A 1072 -2.61 -14.09 -18.58
N GLY A 1073 -2.16 -12.89 -18.27
CA GLY A 1073 -1.43 -12.05 -19.21
C GLY A 1073 -2.28 -11.09 -20.00
N LEU A 1074 -3.55 -10.96 -19.65
CA LEU A 1074 -4.39 -9.97 -20.30
C LEU A 1074 -3.76 -8.59 -20.15
N SER A 1075 -3.83 -7.79 -21.22
CA SER A 1075 -3.34 -6.42 -21.20
C SER A 1075 -4.48 -5.47 -21.55
N CYS A 1076 -4.42 -4.25 -21.00
CA CYS A 1076 -5.49 -3.28 -21.08
C CYS A 1076 -4.96 -1.98 -21.68
N ARG A 1077 -5.81 -1.30 -22.44
CA ARG A 1077 -5.63 0.10 -22.76
C ARG A 1077 -6.91 0.83 -22.41
N TYR A 1078 -6.83 1.89 -21.61
CA TYR A 1078 -8.04 2.59 -21.22
C TYR A 1078 -7.79 4.07 -21.04
N ILE A 1079 -8.87 4.84 -21.14
CA ILE A 1079 -8.91 6.24 -20.76
C ILE A 1079 -9.99 6.39 -19.70
N ILE A 1080 -9.85 7.40 -18.85
CA ILE A 1080 -10.84 7.69 -17.82
C ILE A 1080 -11.66 8.90 -18.21
N SER A 1081 -12.99 8.76 -18.12
CA SER A 1081 -13.95 9.56 -18.85
C SER A 1081 -14.84 10.32 -17.87
N ARG A 1082 -15.35 11.47 -18.31
CA ARG A 1082 -16.00 12.43 -17.43
C ARG A 1082 -17.48 12.18 -17.22
N LYS A 1083 -18.21 11.73 -18.25
CA LYS A 1083 -19.66 11.93 -18.29
C LYS A 1083 -20.42 11.44 -17.06
N PRO A 1084 -20.12 10.28 -16.47
CA PRO A 1084 -20.88 9.93 -15.25
C PRO A 1084 -20.36 10.68 -14.03
N GLU A 1085 -20.61 11.99 -14.07
CA GLU A 1085 -19.98 12.93 -13.16
C GLU A 1085 -20.11 12.50 -11.70
N GLY A 1086 -18.99 12.52 -10.99
CA GLY A 1086 -18.95 12.15 -9.60
C GLY A 1086 -18.98 10.66 -9.33
N SER A 1087 -19.06 9.84 -10.36
CA SER A 1087 -18.89 8.41 -10.17
C SER A 1087 -17.44 8.11 -9.81
N PRO A 1088 -17.17 7.27 -8.81
CA PRO A 1088 -15.79 7.10 -8.35
C PRO A 1088 -14.93 6.46 -9.44
N VAL A 1089 -13.65 6.80 -9.41
CA VAL A 1089 -12.81 6.74 -10.61
C VAL A 1089 -12.79 5.35 -11.22
N THR A 1090 -12.78 4.31 -10.39
CA THR A 1090 -12.77 2.95 -10.91
C THR A 1090 -13.91 2.66 -11.87
N GLU A 1091 -15.01 3.40 -11.77
CA GLU A 1091 -16.19 3.14 -12.59
C GLU A 1091 -16.28 3.98 -13.87
N ARG A 1092 -15.20 4.69 -14.24
CA ARG A 1092 -15.21 5.49 -15.46
C ARG A 1092 -14.18 5.01 -16.49
N ALA A 1093 -13.75 3.75 -16.39
CA ALA A 1093 -12.68 3.21 -17.24
C ALA A 1093 -13.26 2.76 -18.57
N ILE A 1094 -12.86 3.41 -19.66
CA ILE A 1094 -13.34 3.10 -21.00
C ILE A 1094 -12.18 2.56 -21.81
N PRO A 1095 -12.23 1.31 -22.29
CA PRO A 1095 -11.11 0.77 -23.07
C PRO A 1095 -11.11 1.27 -24.50
N LEU A 1096 -9.91 1.38 -25.06
CA LEU A 1096 -9.75 1.77 -26.46
C LEU A 1096 -10.38 0.77 -27.42
N ALA A 1097 -10.63 -0.46 -26.96
CA ALA A 1097 -11.30 -1.46 -27.78
C ALA A 1097 -12.59 -0.93 -28.39
N ILE A 1098 -13.32 -0.09 -27.66
CA ILE A 1098 -14.60 0.41 -28.18
C ILE A 1098 -14.37 1.49 -29.23
N PHE A 1099 -13.32 2.29 -29.09
CA PHE A 1099 -12.94 3.20 -30.17
C PHE A 1099 -12.49 2.44 -31.41
N GLN A 1100 -12.04 1.21 -31.25
CA GLN A 1100 -11.67 0.34 -32.37
C GLN A 1100 -12.85 -0.46 -32.93
N ALA A 1101 -13.91 -0.65 -32.17
CA ALA A 1101 -15.04 -1.46 -32.63
C ALA A 1101 -15.79 -0.77 -33.76
N GLU A 1102 -16.81 -1.46 -34.26
CA GLU A 1102 -17.68 -0.91 -35.30
C GLU A 1102 -18.53 0.25 -34.76
N PRO A 1103 -18.84 1.23 -35.63
CA PRO A 1103 -19.56 2.43 -35.15
C PRO A 1103 -20.82 2.12 -34.38
N THR A 1104 -21.67 1.21 -34.86
CA THR A 1104 -22.92 0.92 -34.15
C THR A 1104 -22.66 0.25 -32.80
N VAL A 1105 -21.63 -0.60 -32.74
CA VAL A 1105 -21.29 -1.23 -31.47
C VAL A 1105 -20.67 -0.21 -30.52
N ARG A 1106 -19.79 0.65 -31.04
CA ARG A 1106 -19.25 1.71 -30.20
C ARG A 1106 -20.35 2.57 -29.62
N LYS A 1107 -21.21 3.11 -30.49
CA LYS A 1107 -22.28 3.99 -30.03
C LYS A 1107 -23.21 3.30 -29.03
N HIS A 1108 -23.48 2.01 -29.24
CA HIS A 1108 -24.26 1.25 -28.28
C HIS A 1108 -23.57 1.14 -26.92
N PHE A 1109 -22.30 0.75 -26.91
CA PHE A 1109 -21.62 0.59 -25.62
C PHE A 1109 -21.37 1.92 -24.92
N LEU A 1110 -21.02 2.98 -25.68
CA LEU A 1110 -20.85 4.28 -25.07
C LEU A 1110 -22.15 4.81 -24.47
N ARG A 1111 -23.27 4.67 -25.20
CA ARG A 1111 -24.57 4.92 -24.60
C ARG A 1111 -24.76 4.10 -23.33
N LYS A 1112 -24.39 2.82 -23.38
CA LYS A 1112 -24.57 1.93 -22.23
C LYS A 1112 -23.73 2.36 -21.03
N TRP A 1113 -22.60 3.03 -21.25
CA TRP A 1113 -21.68 3.33 -20.16
C TRP A 1113 -21.55 4.81 -19.83
N LEU A 1114 -21.67 5.70 -20.82
CA LEU A 1114 -21.75 7.12 -20.52
C LEU A 1114 -23.12 7.52 -19.98
N LYS A 1115 -24.11 6.64 -20.09
CA LYS A 1115 -25.48 6.99 -19.73
C LYS A 1115 -25.95 8.23 -20.48
N SER A 1116 -25.56 8.32 -21.75
CA SER A 1116 -25.87 9.48 -22.58
C SER A 1116 -26.73 9.01 -23.75
N SER A 1117 -27.94 9.55 -23.85
CA SER A 1117 -28.83 9.26 -24.96
C SER A 1117 -28.60 10.21 -26.13
N SER A 1118 -28.54 11.51 -25.84
CA SER A 1118 -28.69 12.56 -26.84
C SER A 1118 -27.39 12.93 -27.54
N LEU A 1119 -26.25 12.39 -27.12
CA LEU A 1119 -24.98 12.82 -27.72
C LEU A 1119 -24.94 12.45 -29.19
N GLN A 1120 -24.66 13.44 -30.04
CA GLN A 1120 -24.30 13.20 -31.43
C GLN A 1120 -22.83 12.83 -31.56
N ASP A 1121 -21.94 13.71 -31.11
CA ASP A 1121 -20.50 13.57 -31.30
C ASP A 1121 -19.90 12.72 -30.18
N PHE A 1122 -19.96 11.40 -30.38
CA PHE A 1122 -19.14 10.48 -29.61
C PHE A 1122 -17.68 10.58 -30.04
N ASP A 1123 -16.83 11.04 -29.14
CA ASP A 1123 -15.46 11.42 -29.49
C ASP A 1123 -14.61 11.41 -28.23
N ILE A 1124 -13.45 10.76 -28.30
CA ILE A 1124 -12.53 10.75 -27.17
C ILE A 1124 -12.26 12.16 -26.68
N ARG A 1125 -12.21 13.13 -27.60
CA ARG A 1125 -11.90 14.50 -27.20
C ARG A 1125 -13.00 15.12 -26.34
N ALA A 1126 -14.26 14.75 -26.59
CA ALA A 1126 -15.32 15.06 -25.63
C ALA A 1126 -15.27 14.16 -24.41
N ILE A 1127 -14.93 12.89 -24.59
CA ILE A 1127 -15.08 11.90 -23.53
C ILE A 1127 -13.99 11.99 -22.47
N LEU A 1128 -12.78 12.40 -22.85
CA LEU A 1128 -11.69 12.50 -21.90
C LEU A 1128 -12.06 13.40 -20.72
N ASP A 1129 -11.72 12.94 -19.52
CA ASP A 1129 -11.81 13.75 -18.29
C ASP A 1129 -10.55 14.60 -18.12
N TRP A 1130 -10.40 15.55 -19.03
CA TRP A 1130 -9.15 16.28 -19.24
C TRP A 1130 -8.42 16.68 -17.97
N ASP A 1131 -9.15 17.21 -17.00
CA ASP A 1131 -8.51 17.65 -15.77
C ASP A 1131 -7.87 16.52 -14.96
N TYR A 1132 -8.30 15.27 -15.14
CA TYR A 1132 -7.53 14.19 -14.54
C TYR A 1132 -6.12 14.13 -15.10
N TYR A 1133 -5.99 14.25 -16.42
CA TYR A 1133 -4.67 14.24 -17.04
C TYR A 1133 -3.85 15.48 -16.71
N ILE A 1134 -4.51 16.65 -16.65
CA ILE A 1134 -3.80 17.86 -16.22
C ILE A 1134 -3.28 17.74 -14.80
N GLU A 1135 -4.07 17.19 -13.87
CA GLU A 1135 -3.55 17.02 -12.52
C GLU A 1135 -2.48 15.94 -12.43
N ARG A 1136 -2.56 14.88 -13.25
CA ARG A 1136 -1.47 13.93 -13.31
C ARG A 1136 -0.16 14.57 -13.79
N LEU A 1137 -0.23 15.42 -14.81
CA LEU A 1137 0.96 16.13 -15.25
C LEU A 1137 1.43 17.14 -14.21
N GLY A 1138 0.52 17.90 -13.61
CA GLY A 1138 0.90 18.82 -12.55
C GLY A 1138 1.61 18.15 -11.40
N SER A 1139 1.05 17.05 -10.88
CA SER A 1139 1.70 16.30 -9.81
C SER A 1139 2.91 15.52 -10.27
N ALA A 1140 3.19 15.50 -11.57
CA ALA A 1140 4.51 15.07 -12.02
C ALA A 1140 5.51 16.24 -12.01
N ILE A 1141 5.19 17.29 -12.76
CA ILE A 1141 6.11 18.42 -12.93
C ILE A 1141 6.45 19.07 -11.59
N GLN A 1142 5.50 19.12 -10.67
CA GLN A 1142 5.81 19.63 -9.33
C GLN A 1142 6.98 18.88 -8.70
N LYS A 1143 7.09 17.59 -8.96
CA LYS A 1143 8.09 16.80 -8.26
C LYS A 1143 9.49 17.02 -8.81
N ILE A 1144 9.63 17.51 -10.04
CA ILE A 1144 10.91 17.56 -10.73
C ILE A 1144 11.45 18.98 -10.85
N ILE A 1145 10.60 19.98 -11.03
CA ILE A 1145 11.06 21.36 -11.26
C ILE A 1145 10.75 22.30 -10.09
N THR A 1146 9.48 22.43 -9.70
CA THR A 1146 9.14 23.55 -8.80
C THR A 1146 9.52 23.30 -7.35
N ILE A 1147 9.12 22.18 -6.75
CA ILE A 1147 9.53 21.92 -5.37
C ILE A 1147 11.03 21.80 -5.28
N PRO A 1148 11.72 21.13 -6.20
CA PRO A 1148 13.18 21.25 -6.26
C PRO A 1148 13.70 22.67 -6.41
N ALA A 1149 12.88 23.63 -6.83
CA ALA A 1149 13.32 25.02 -6.90
C ALA A 1149 13.16 25.75 -5.57
N ALA A 1150 12.01 25.65 -4.93
CA ALA A 1150 11.83 26.29 -3.63
C ALA A 1150 12.77 25.72 -2.58
N LEU A 1151 13.11 24.44 -2.67
CA LEU A 1151 14.15 23.88 -1.81
C LEU A 1151 15.54 24.33 -2.18
N GLN A 1152 15.72 25.03 -3.30
CA GLN A 1152 17.00 25.64 -3.66
C GLN A 1152 16.88 27.14 -3.81
N GLN A 1153 16.07 27.76 -2.95
CA GLN A 1153 16.15 29.19 -2.70
C GLN A 1153 16.02 30.02 -3.97
N VAL A 1154 15.21 29.57 -4.93
CA VAL A 1154 14.99 30.33 -6.15
C VAL A 1154 13.51 30.61 -6.32
N LYS A 1155 13.23 31.72 -6.98
CA LYS A 1155 11.86 32.12 -7.32
C LYS A 1155 11.16 31.02 -8.11
N ASN A 1156 9.82 31.07 -8.08
CA ASN A 1156 8.99 30.02 -8.66
C ASN A 1156 9.31 29.83 -10.15
N PRO A 1157 9.73 28.65 -10.57
CA PRO A 1157 10.08 28.45 -11.98
C PRO A 1157 8.89 28.30 -12.91
N VAL A 1158 7.73 27.87 -12.40
CA VAL A 1158 6.59 27.57 -13.26
C VAL A 1158 5.37 28.36 -12.79
N PRO A 1159 5.04 29.47 -13.47
CA PRO A 1159 3.89 30.27 -13.03
C PRO A 1159 2.59 29.48 -12.97
N ARG A 1160 2.36 28.58 -13.92
CA ARG A 1160 1.05 27.98 -14.11
C ARG A 1160 0.69 26.93 -13.07
N VAL A 1161 1.66 26.39 -12.33
CA VAL A 1161 1.44 25.26 -11.44
C VAL A 1161 1.48 25.78 -10.02
N LYS A 1162 0.45 25.47 -9.25
CA LYS A 1162 0.40 25.89 -7.85
C LYS A 1162 1.46 25.19 -7.02
N HIS A 1163 2.02 25.94 -6.07
CA HIS A 1163 2.78 25.34 -4.99
C HIS A 1163 1.82 24.67 -4.01
N PRO A 1164 2.28 23.65 -3.29
CA PRO A 1164 1.44 23.08 -2.24
C PRO A 1164 1.25 24.06 -1.09
N ASP A 1165 0.08 23.96 -0.47
CA ASP A 1165 -0.35 24.97 0.50
C ASP A 1165 0.66 25.17 1.62
N TRP A 1166 1.14 24.08 2.22
CA TRP A 1166 2.13 24.18 3.28
C TRP A 1166 3.38 24.93 2.80
N LEU A 1167 3.83 24.63 1.58
CA LEU A 1167 5.00 25.31 1.06
C LEU A 1167 4.70 26.80 0.89
N HIS A 1168 3.56 27.13 0.29
CA HIS A 1168 3.24 28.53 0.06
C HIS A 1168 3.18 29.31 1.36
N LYS A 1169 2.67 28.69 2.42
CA LYS A 1169 2.66 29.35 3.73
C LYS A 1169 4.07 29.55 4.28
N LYS A 1170 4.90 28.51 4.23
CA LYS A 1170 6.25 28.67 4.82
C LYS A 1170 7.12 29.62 4.01
N LEU A 1171 6.96 29.63 2.69
CA LEU A 1171 7.63 30.61 1.85
C LEU A 1171 7.14 32.03 2.11
N LEU A 1172 5.82 32.22 2.26
CA LEU A 1172 5.31 33.56 2.55
C LEU A 1172 5.76 34.07 3.91
N GLU A 1173 5.78 33.21 4.94
CA GLU A 1173 6.28 33.66 6.23
C GLU A 1173 7.74 34.07 6.17
N LYS A 1174 8.54 33.46 5.30
CA LYS A 1174 9.91 33.90 5.09
C LYS A 1174 10.01 35.33 4.62
N ASN A 1175 9.01 35.80 3.87
CA ASN A 1175 9.21 36.85 2.88
C ASN A 1175 8.53 38.16 3.25
N ASP A 1176 8.36 38.45 4.54
CA ASP A 1176 7.77 39.72 4.93
C ASP A 1176 8.55 40.37 6.06
N VAL A 1177 8.27 41.66 6.25
CA VAL A 1177 9.12 42.56 7.03
C VAL A 1177 8.95 42.45 8.53
N TYR A 1178 7.89 41.80 9.00
CA TYR A 1178 7.66 41.60 10.42
C TYR A 1178 8.14 40.22 10.83
N LYS A 1179 8.85 40.17 11.95
CA LYS A 1179 9.46 38.94 12.44
C LYS A 1179 8.89 38.62 13.82
N GLN A 1180 8.58 37.35 14.04
CA GLN A 1180 8.04 36.90 15.31
C GLN A 1180 9.19 36.73 16.29
N LYS A 1181 9.28 37.63 17.27
CA LYS A 1181 10.24 37.43 18.35
C LYS A 1181 9.78 36.28 19.24
N LYS A 1182 10.76 35.63 19.87
CA LYS A 1182 10.44 34.72 20.96
C LYS A 1182 10.17 35.49 22.24
N ILE A 1183 9.35 34.88 23.10
CA ILE A 1183 9.04 35.50 24.39
C ILE A 1183 10.29 35.62 25.25
N SER A 1184 11.22 34.66 25.12
CA SER A 1184 12.49 34.72 25.83
C SER A 1184 13.34 35.93 25.45
N GLU A 1185 13.02 36.65 24.39
CA GLU A 1185 13.76 37.84 24.02
C GLU A 1185 13.16 39.11 24.61
N LEU A 1186 11.93 39.04 25.12
CA LEU A 1186 11.27 40.17 25.77
C LEU A 1186 11.27 40.03 27.28
N PHE A 1187 11.12 38.82 27.80
CA PHE A 1187 11.20 38.54 29.22
C PHE A 1187 12.45 37.75 29.54
N THR A 1188 13.11 38.11 30.63
CA THR A 1188 14.34 37.45 31.04
C THR A 1188 14.06 36.03 31.52
N LEU A 1189 15.02 35.14 31.26
CA LEU A 1189 14.97 33.78 31.77
C LEU A 1189 15.48 33.75 33.21
N GLU A 1190 14.60 33.35 34.14
CA GLU A 1190 14.94 33.38 35.55
C GLU A 1190 15.74 32.16 35.99
N GLY A 1191 15.55 31.02 35.35
CA GLY A 1191 16.29 29.84 35.71
C GLY A 1191 15.68 28.60 35.09
N ARG A 1192 16.33 27.47 35.37
CA ARG A 1192 15.87 26.17 34.89
C ARG A 1192 15.55 25.28 36.08
N ARG A 1193 14.38 24.64 36.02
CA ARG A 1193 13.89 23.76 37.08
C ARG A 1193 13.51 22.42 36.48
N GLN A 1194 13.77 21.34 37.20
CA GLN A 1194 13.16 20.05 36.90
C GLN A 1194 12.46 19.49 38.11
N VAL A 1195 11.39 18.74 37.85
CA VAL A 1195 10.55 18.15 38.90
C VAL A 1195 10.53 16.64 38.67
N THR A 1196 10.59 15.89 39.78
CA THR A 1196 10.71 14.44 39.71
C THR A 1196 10.02 13.84 40.93
N MET A 1197 9.54 12.62 40.77
CA MET A 1197 8.75 11.97 41.81
C MET A 1197 9.60 11.00 42.61
N MET B 1 0.92 15.73 52.80
CA MET B 1 -0.11 15.45 51.75
C MET B 1 -0.62 16.75 51.14
N PHE B 2 -1.26 16.64 49.98
CA PHE B 2 -2.15 17.67 49.48
C PHE B 2 -3.56 17.12 49.39
N GLU B 3 -4.54 17.94 49.76
CA GLU B 3 -5.93 17.54 49.71
C GLU B 3 -6.80 18.76 49.49
N ALA B 4 -7.76 18.67 48.57
CA ALA B 4 -8.63 19.80 48.31
C ALA B 4 -9.99 19.30 47.86
N ARG B 5 -11.01 20.13 48.09
CA ARG B 5 -12.35 19.86 47.60
C ARG B 5 -12.95 21.09 46.95
N LEU B 6 -13.63 20.89 45.83
CA LEU B 6 -14.26 21.97 45.07
C LEU B 6 -15.70 21.61 44.80
N VAL B 7 -16.61 22.51 45.19
CA VAL B 7 -18.04 22.24 45.13
C VAL B 7 -18.56 22.09 43.71
N GLN B 8 -17.85 22.63 42.71
CA GLN B 8 -18.35 22.63 41.33
C GLN B 8 -17.21 22.32 40.36
N GLY B 9 -17.15 21.06 39.92
CA GLY B 9 -16.10 20.58 39.05
C GLY B 9 -16.08 21.24 37.68
N SER B 10 -17.18 21.90 37.29
CA SER B 10 -17.22 22.60 36.01
C SER B 10 -16.12 23.65 35.89
N ILE B 11 -15.68 24.24 37.00
CA ILE B 11 -14.58 25.19 36.96
C ILE B 11 -13.30 24.49 36.50
N LEU B 12 -12.91 23.43 37.21
CA LEU B 12 -11.69 22.72 36.87
C LEU B 12 -11.78 22.09 35.49
N LYS B 13 -12.96 21.57 35.12
CA LYS B 13 -13.18 21.11 33.76
C LYS B 13 -12.92 22.20 32.73
N LYS B 14 -13.52 23.38 32.89
CA LYS B 14 -13.32 24.46 31.94
C LYS B 14 -11.87 24.94 31.90
N VAL B 15 -11.16 24.83 33.03
CA VAL B 15 -9.73 25.14 33.03
C VAL B 15 -8.96 24.12 32.20
N LEU B 16 -9.13 22.83 32.50
CA LEU B 16 -8.39 21.84 31.73
C LEU B 16 -8.72 21.95 30.25
N GLU B 17 -9.99 22.13 29.92
CA GLU B 17 -10.39 22.30 28.53
C GLU B 17 -9.76 23.53 27.88
N ALA B 18 -9.40 24.54 28.67
CA ALA B 18 -8.72 25.69 28.07
C ALA B 18 -7.20 25.52 27.96
N LEU B 19 -6.58 24.80 28.89
CA LEU B 19 -5.16 24.50 28.80
C LEU B 19 -4.85 23.44 27.74
N LYS B 20 -5.77 22.50 27.54
CA LYS B 20 -5.50 21.29 26.76
C LYS B 20 -4.84 21.57 25.42
N ASP B 21 -5.32 22.58 24.70
CA ASP B 21 -4.82 22.79 23.34
C ASP B 21 -3.41 23.37 23.31
N LEU B 22 -3.10 24.29 24.21
CA LEU B 22 -1.89 25.10 24.04
C LEU B 22 -0.63 24.45 24.60
N ILE B 23 -0.72 23.72 25.70
CA ILE B 23 0.45 23.13 26.34
C ILE B 23 0.23 21.66 26.58
N ASN B 24 1.25 20.86 26.30
CA ASN B 24 1.16 19.40 26.41
C ASN B 24 1.30 18.93 27.84
N GLU B 25 2.31 19.40 28.56
CA GLU B 25 2.53 19.03 29.94
C GLU B 25 2.87 20.25 30.77
N ALA B 26 2.59 20.16 32.06
CA ALA B 26 3.05 21.18 33.00
C ALA B 26 3.16 20.54 34.37
N CYS B 27 3.83 21.22 35.30
CA CYS B 27 3.87 20.77 36.68
C CYS B 27 3.29 21.82 37.61
N TRP B 28 2.39 21.37 38.47
CA TRP B 28 1.67 22.27 39.37
C TRP B 28 2.58 22.79 40.47
N ASP B 29 2.43 24.08 40.82
CA ASP B 29 3.01 24.63 42.02
C ASP B 29 1.95 24.65 43.12
N ILE B 30 2.10 23.81 44.14
CA ILE B 30 1.13 23.67 45.21
C ILE B 30 1.74 24.21 46.49
N SER B 31 1.00 25.08 47.18
CA SER B 31 1.49 25.69 48.40
C SER B 31 0.29 26.08 49.25
N SER B 32 0.57 26.41 50.51
CA SER B 32 -0.51 26.79 51.43
C SER B 32 -1.29 27.99 50.91
N SER B 33 -0.66 28.86 50.13
CA SER B 33 -1.35 29.98 49.50
C SER B 33 -2.38 29.54 48.47
N GLY B 34 -2.27 28.33 47.92
CA GLY B 34 -3.11 27.92 46.83
C GLY B 34 -2.30 27.17 45.80
N VAL B 35 -2.80 27.16 44.57
CA VAL B 35 -2.11 26.48 43.48
C VAL B 35 -1.88 27.48 42.35
N ASN B 36 -0.72 27.38 41.72
CA ASN B 36 -0.40 28.15 40.54
C ASN B 36 0.17 27.23 39.48
N LEU B 37 0.02 27.68 38.23
CA LEU B 37 0.62 26.98 37.11
C LEU B 37 1.20 27.99 36.16
N GLN B 38 2.42 27.75 35.68
CA GLN B 38 2.97 28.57 34.62
C GLN B 38 3.72 27.68 33.66
N SER B 39 3.52 27.90 32.36
CA SER B 39 4.28 27.11 31.40
C SER B 39 4.28 27.79 30.04
N MET B 40 5.21 27.37 29.21
CA MET B 40 5.44 27.99 27.91
C MET B 40 5.19 26.97 26.81
N ASP B 41 4.53 27.44 25.75
CA ASP B 41 4.21 26.55 24.60
C ASP B 41 5.52 26.04 24.00
N SER B 42 5.45 24.92 23.28
CA SER B 42 6.65 24.33 22.73
C SER B 42 7.30 25.17 21.65
N SER B 43 6.65 26.26 21.22
CA SER B 43 7.24 27.17 20.25
C SER B 43 7.68 28.49 20.86
N HIS B 44 7.52 28.65 22.17
CA HIS B 44 8.03 29.80 22.93
C HIS B 44 7.51 31.14 22.45
N VAL B 45 6.46 31.16 21.62
CA VAL B 45 5.79 32.42 21.29
C VAL B 45 4.91 32.93 22.43
N SER B 46 4.34 32.02 23.24
CA SER B 46 3.32 32.44 24.21
C SER B 46 3.45 31.66 25.52
N LEU B 47 2.84 32.22 26.56
CA LEU B 47 3.09 31.80 27.94
C LEU B 47 1.80 31.84 28.74
N VAL B 48 1.56 30.78 29.51
CA VAL B 48 0.32 30.57 30.25
C VAL B 48 0.59 30.72 31.74
N GLN B 49 -0.33 31.40 32.43
CA GLN B 49 -0.31 31.51 33.88
C GLN B 49 -1.70 31.29 34.45
N LEU B 50 -1.78 30.54 35.55
CA LEU B 50 -3.02 30.29 36.27
C LEU B 50 -2.78 30.46 37.77
N THR B 51 -3.76 31.05 38.44
CA THR B 51 -3.79 31.19 39.89
C THR B 51 -5.13 30.72 40.41
N LEU B 52 -5.10 29.85 41.43
CA LEU B 52 -6.28 29.33 42.12
C LEU B 52 -6.04 29.46 43.63
N ARG B 53 -6.62 30.50 44.21
CA ARG B 53 -6.44 30.80 45.63
C ARG B 53 -7.14 29.76 46.51
N SER B 54 -6.48 29.40 47.61
CA SER B 54 -7.00 28.38 48.53
C SER B 54 -8.36 28.75 49.09
N GLU B 55 -8.64 30.05 49.27
CA GLU B 55 -9.90 30.50 49.83
C GLU B 55 -11.10 30.18 48.96
N GLY B 56 -10.89 29.78 47.70
CA GLY B 56 -12.01 29.39 46.86
C GLY B 56 -12.43 27.93 47.03
N PHE B 57 -11.56 27.10 47.61
CA PHE B 57 -11.90 25.71 47.81
C PHE B 57 -12.82 25.54 49.01
N ASP B 58 -13.58 24.43 49.00
CA ASP B 58 -14.43 24.12 50.13
C ASP B 58 -13.60 23.69 51.34
N THR B 59 -12.61 22.84 51.13
CA THR B 59 -11.60 22.55 52.13
C THR B 59 -10.25 22.39 51.44
N TYR B 60 -9.20 22.71 52.18
CA TYR B 60 -7.84 22.73 51.66
C TYR B 60 -6.85 22.30 52.74
N ARG B 61 -5.92 21.43 52.35
CA ARG B 61 -4.73 21.12 53.15
C ARG B 61 -3.55 21.03 52.20
N CYS B 62 -2.42 21.61 52.63
CA CYS B 62 -1.14 21.43 51.94
C CYS B 62 -0.05 21.38 53.01
N ASP B 63 0.33 20.17 53.41
CA ASP B 63 1.23 20.03 54.56
C ASP B 63 2.64 20.48 54.21
N ARG B 64 3.04 20.33 52.95
CA ARG B 64 4.28 20.92 52.45
C ARG B 64 4.07 21.35 51.01
N ASN B 65 4.79 22.38 50.58
CA ASN B 65 4.73 22.78 49.19
C ASN B 65 5.22 21.65 48.30
N LEU B 66 4.57 21.51 47.15
CA LEU B 66 4.76 20.35 46.29
C LEU B 66 4.74 20.80 44.84
N ALA B 67 5.43 20.02 43.99
CA ALA B 67 5.24 20.12 42.56
C ALA B 67 5.17 18.73 41.96
N MET B 68 4.37 18.59 40.91
CA MET B 68 4.19 17.32 40.24
C MET B 68 3.81 17.56 38.79
N GLY B 69 4.32 16.70 37.92
CA GLY B 69 4.12 16.85 36.49
C GLY B 69 2.90 16.09 36.00
N VAL B 70 2.16 16.72 35.10
CA VAL B 70 0.94 16.17 34.52
C VAL B 70 0.94 16.41 33.03
N ASN B 71 0.61 15.35 32.27
CA ASN B 71 0.26 15.43 30.86
C ASN B 71 -1.20 15.90 30.78
N LEU B 72 -1.42 17.12 30.30
CA LEU B 72 -2.73 17.73 30.46
C LEU B 72 -3.81 17.07 29.60
N THR B 73 -3.50 16.57 28.41
CA THR B 73 -4.53 15.90 27.61
C THR B 73 -5.01 14.61 28.26
N SER B 74 -4.15 13.89 28.96
CA SER B 74 -4.63 12.75 29.74
C SER B 74 -5.54 13.19 30.88
N MET B 75 -5.25 14.31 31.52
CA MET B 75 -6.17 14.80 32.54
C MET B 75 -7.49 15.27 31.93
N SER B 76 -7.44 15.90 30.76
CA SER B 76 -8.62 16.29 30.01
C SER B 76 -9.42 15.09 29.52
N LYS B 77 -8.85 13.89 29.58
CA LYS B 77 -9.68 12.70 29.39
C LYS B 77 -10.47 12.40 30.65
N ILE B 78 -9.76 12.13 31.75
CA ILE B 78 -10.42 11.64 32.96
C ILE B 78 -11.49 12.62 33.42
N LEU B 79 -11.17 13.92 33.41
CA LEU B 79 -12.15 14.90 33.88
C LEU B 79 -13.40 14.98 33.02
N LYS B 80 -13.40 14.39 31.83
CA LYS B 80 -14.63 14.25 31.06
C LYS B 80 -15.62 13.28 31.70
N CYS B 81 -15.17 12.47 32.66
CA CYS B 81 -16.07 11.60 33.42
C CYS B 81 -16.75 12.29 34.58
N ALA B 82 -16.24 13.43 35.04
CA ALA B 82 -16.94 14.21 36.05
C ALA B 82 -18.21 14.83 35.47
N GLY B 83 -19.32 14.65 36.19
CA GLY B 83 -20.57 15.23 35.78
C GLY B 83 -20.57 16.75 35.88
N ASN B 84 -21.46 17.36 35.10
CA ASN B 84 -21.44 18.81 34.94
C ASN B 84 -21.65 19.55 36.26
N GLU B 85 -22.35 18.92 37.21
CA GLU B 85 -22.55 19.52 38.54
C GLU B 85 -21.93 18.72 39.67
N ASP B 86 -21.10 17.74 39.37
CA ASP B 86 -20.51 16.92 40.42
C ASP B 86 -19.56 17.74 41.29
N ILE B 87 -19.48 17.38 42.57
CA ILE B 87 -18.47 17.90 43.47
C ILE B 87 -17.21 17.06 43.34
N ILE B 88 -16.04 17.69 43.38
CA ILE B 88 -14.79 17.00 43.08
C ILE B 88 -13.79 17.16 44.21
N THR B 89 -12.99 16.13 44.40
CA THR B 89 -11.99 16.05 45.46
C THR B 89 -10.68 15.58 44.84
N LEU B 90 -9.57 16.18 45.28
CA LEU B 90 -8.24 15.78 44.86
C LEU B 90 -7.40 15.45 46.06
N ARG B 91 -6.55 14.42 45.93
CA ARG B 91 -5.62 14.05 46.96
C ARG B 91 -4.28 13.61 46.35
N ALA B 92 -3.19 13.94 47.04
CA ALA B 92 -1.87 13.47 46.66
C ALA B 92 -1.06 13.26 47.93
N GLU B 93 -0.09 12.35 47.84
CA GLU B 93 0.81 12.03 48.94
C GLU B 93 2.26 12.19 48.47
N ASP B 94 3.14 12.45 49.43
CA ASP B 94 4.37 13.18 49.15
C ASP B 94 5.33 12.45 48.22
N ASN B 95 5.14 11.15 47.99
CA ASN B 95 5.93 10.49 46.96
C ASN B 95 5.49 10.89 45.55
N ALA B 96 4.31 11.49 45.41
CA ALA B 96 3.81 12.02 44.14
C ALA B 96 3.75 10.96 43.04
N ASP B 97 3.52 9.70 43.41
CA ASP B 97 3.45 8.67 42.38
C ASP B 97 2.15 8.76 41.58
N THR B 98 1.05 9.14 42.24
CA THR B 98 -0.26 9.15 41.62
C THR B 98 -1.07 10.29 42.26
N LEU B 99 -1.98 10.86 41.48
CA LEU B 99 -2.95 11.82 41.97
C LEU B 99 -4.31 11.12 42.03
N ALA B 100 -4.90 11.09 43.21
CA ALA B 100 -6.25 10.55 43.37
C ALA B 100 -7.28 11.63 43.09
N LEU B 101 -8.31 11.27 42.33
CA LEU B 101 -9.48 12.10 42.13
C LEU B 101 -10.72 11.33 42.57
N VAL B 102 -11.67 12.05 43.17
CA VAL B 102 -12.98 11.50 43.49
C VAL B 102 -14.05 12.50 43.07
N PHE B 103 -15.11 11.98 42.46
CA PHE B 103 -16.29 12.76 42.12
C PHE B 103 -17.49 12.19 42.86
N GLU B 104 -18.36 13.10 43.32
CA GLU B 104 -19.59 12.74 43.98
C GLU B 104 -20.75 13.51 43.35
N ALA B 105 -21.85 12.80 43.14
CA ALA B 105 -23.08 13.42 42.69
C ALA B 105 -23.65 14.35 43.76
N PRO B 106 -24.40 15.37 43.35
CA PRO B 106 -24.96 16.32 44.33
C PRO B 106 -25.72 15.65 45.47
N ASN B 107 -26.24 14.45 45.25
CA ASN B 107 -27.03 13.74 46.24
C ASN B 107 -26.30 12.55 46.84
N GLN B 108 -25.03 12.34 46.47
CA GLN B 108 -24.26 11.17 46.88
C GLN B 108 -24.95 9.86 46.51
N GLU B 109 -25.72 9.88 45.42
CA GLU B 109 -26.27 8.64 44.90
C GLU B 109 -25.19 7.73 44.34
N LYS B 110 -24.01 8.29 44.04
CA LYS B 110 -22.96 7.60 43.30
C LYS B 110 -21.61 8.13 43.75
N VAL B 111 -20.58 7.30 43.61
CA VAL B 111 -19.19 7.69 43.86
C VAL B 111 -18.32 7.21 42.72
N SER B 112 -17.41 8.08 42.26
CA SER B 112 -16.47 7.76 41.19
C SER B 112 -15.07 8.15 41.63
N ASP B 113 -14.07 7.30 41.34
CA ASP B 113 -12.72 7.61 41.76
C ASP B 113 -11.71 7.10 40.74
N TYR B 114 -10.56 7.79 40.67
CA TYR B 114 -9.57 7.58 39.63
C TYR B 114 -8.18 7.84 40.20
N GLU B 115 -7.18 7.25 39.55
CA GLU B 115 -5.77 7.46 39.90
C GLU B 115 -5.00 7.92 38.66
N MET B 116 -4.83 9.23 38.50
CA MET B 116 -4.02 9.79 37.43
C MET B 116 -2.54 9.56 37.71
N LYS B 117 -1.85 8.87 36.80
CA LYS B 117 -0.42 8.62 36.97
C LYS B 117 0.38 9.86 36.59
N LEU B 118 1.33 10.22 37.45
CA LEU B 118 2.14 11.43 37.32
C LEU B 118 3.46 11.13 36.62
N MET B 119 4.18 12.20 36.27
CA MET B 119 5.37 12.09 35.43
C MET B 119 6.40 13.14 35.86
N ASP B 120 7.62 12.97 35.36
CA ASP B 120 8.75 13.85 35.61
C ASP B 120 9.00 14.81 34.46
N LEU B 121 9.29 16.07 34.79
CA LEU B 121 9.39 17.14 33.80
C LEU B 121 10.54 18.08 34.16
N ASP B 122 11.09 18.72 33.13
CA ASP B 122 11.99 19.87 33.28
C ASP B 122 11.41 21.08 32.56
N VAL B 123 11.56 22.25 33.16
CA VAL B 123 10.87 23.45 32.71
C VAL B 123 11.66 24.67 33.18
N GLU B 124 11.55 25.75 32.43
CA GLU B 124 12.21 27.01 32.73
C GLU B 124 11.21 28.11 33.12
N GLN B 125 11.68 29.04 33.95
CA GLN B 125 10.89 30.11 34.53
C GLN B 125 11.23 31.43 33.85
N LEU B 126 10.21 32.21 33.50
CA LEU B 126 10.38 33.54 32.92
C LEU B 126 10.00 34.63 33.92
N GLY B 127 10.62 35.82 33.72
CA GLY B 127 10.35 36.98 34.55
C GLY B 127 9.09 37.73 34.15
N ILE B 128 8.69 38.65 35.03
CA ILE B 128 7.41 39.35 34.91
C ILE B 128 7.66 40.86 34.89
N PRO B 129 7.20 41.59 33.87
CA PRO B 129 7.43 43.05 33.84
C PRO B 129 6.78 43.82 34.98
N GLU B 130 5.51 43.53 35.28
CA GLU B 130 4.70 44.29 36.24
C GLU B 130 4.66 45.79 35.91
N GLN B 131 4.91 46.16 34.66
CA GLN B 131 4.71 47.55 34.25
C GLN B 131 3.21 47.86 34.18
N GLU B 132 2.89 49.15 34.17
CA GLU B 132 1.61 49.56 33.61
C GLU B 132 1.64 49.46 32.09
N TYR B 133 0.46 49.21 31.52
CA TYR B 133 0.30 49.12 30.08
C TYR B 133 -0.44 50.35 29.57
N SER B 134 0.06 50.91 28.46
CA SER B 134 -0.45 52.19 27.98
C SER B 134 -1.92 52.15 27.58
N CYS B 135 -2.44 50.97 27.21
CA CYS B 135 -3.88 50.79 27.02
C CYS B 135 -4.39 49.53 27.68
N VAL B 136 -5.58 49.62 28.28
CA VAL B 136 -6.33 48.46 28.75
C VAL B 136 -7.77 48.59 28.29
N VAL B 137 -8.36 47.45 27.89
CA VAL B 137 -9.76 47.36 27.52
C VAL B 137 -10.40 46.19 28.24
N LYS B 138 -11.65 46.34 28.64
CA LYS B 138 -12.44 45.26 29.23
C LYS B 138 -13.69 45.04 28.39
N MET B 139 -14.05 43.77 28.18
CA MET B 139 -14.89 43.41 27.05
C MET B 139 -15.70 42.16 27.38
N PRO B 140 -16.87 41.99 26.76
CA PRO B 140 -17.56 40.70 26.78
C PRO B 140 -16.75 39.59 26.13
N SER B 141 -16.54 38.51 26.87
CA SER B 141 -15.64 37.45 26.41
C SER B 141 -16.12 36.80 25.12
N GLY B 142 -17.43 36.59 25.01
CA GLY B 142 -17.96 36.04 23.77
C GLY B 142 -17.74 36.93 22.57
N GLU B 143 -17.74 38.25 22.77
CA GLU B 143 -17.55 39.15 21.63
C GLU B 143 -16.10 39.12 21.14
N PHE B 144 -15.15 39.05 22.07
CA PHE B 144 -13.75 38.88 21.67
C PHE B 144 -13.54 37.54 20.99
N ALA B 145 -14.18 36.48 21.49
CA ALA B 145 -14.03 35.17 20.84
C ALA B 145 -14.62 35.17 19.43
N ARG B 146 -15.76 35.83 19.24
CA ARG B 146 -16.31 36.02 17.90
C ARG B 146 -15.34 36.78 16.99
N ILE B 147 -14.78 37.88 17.50
CA ILE B 147 -13.82 38.65 16.71
C ILE B 147 -12.62 37.80 16.30
N CYS B 148 -12.06 37.06 17.25
CA CYS B 148 -10.93 36.19 16.92
C CYS B 148 -11.30 35.17 15.87
N ARG B 149 -12.43 34.47 16.05
CA ARG B 149 -12.78 33.40 15.12
C ARG B 149 -13.01 33.95 13.71
N ASP B 150 -13.77 35.02 13.60
CA ASP B 150 -14.09 35.52 12.27
C ASP B 150 -12.86 36.11 11.59
N LEU B 151 -12.10 36.94 12.30
CA LEU B 151 -10.93 37.51 11.63
C LEU B 151 -9.88 36.45 11.33
N SER B 152 -9.75 35.43 12.19
CA SER B 152 -8.90 34.29 11.89
C SER B 152 -9.28 33.61 10.60
N HIS B 153 -10.56 33.63 10.25
CA HIS B 153 -10.90 33.10 8.93
C HIS B 153 -10.33 33.95 7.81
N ILE B 154 -10.21 35.27 8.01
CA ILE B 154 -9.66 36.13 6.96
C ILE B 154 -8.15 35.97 6.82
N GLY B 155 -7.44 35.75 7.92
CA GLY B 155 -5.99 35.68 7.80
C GLY B 155 -5.33 35.22 9.08
N ASP B 156 -4.02 34.95 8.96
CA ASP B 156 -3.24 34.39 10.06
C ASP B 156 -2.81 35.39 11.11
N ALA B 157 -2.82 36.70 10.83
CA ALA B 157 -2.30 37.67 11.78
C ALA B 157 -3.24 38.86 11.91
N VAL B 158 -3.36 39.37 13.13
CA VAL B 158 -4.23 40.50 13.45
C VAL B 158 -3.39 41.71 13.81
N VAL B 159 -3.84 42.87 13.37
CA VAL B 159 -3.33 44.15 13.82
C VAL B 159 -4.30 44.68 14.87
N ILE B 160 -3.77 45.10 16.01
CA ILE B 160 -4.52 45.85 17.00
C ILE B 160 -4.11 47.31 16.92
N SER B 161 -5.08 48.21 16.94
CA SER B 161 -4.85 49.63 17.14
C SER B 161 -5.80 50.12 18.22
N CYS B 162 -5.29 50.85 19.20
CA CYS B 162 -6.11 51.40 20.25
C CYS B 162 -5.85 52.89 20.37
N ALA B 163 -6.93 53.67 20.40
CA ALA B 163 -6.87 55.12 20.50
C ALA B 163 -8.05 55.57 21.33
N LYS B 164 -7.96 56.80 21.85
CA LYS B 164 -8.94 57.26 22.83
C LYS B 164 -10.36 57.19 22.29
N ASP B 165 -10.53 57.37 20.98
CA ASP B 165 -11.83 57.30 20.34
C ASP B 165 -12.36 55.88 20.10
N GLY B 166 -11.53 54.85 20.20
CA GLY B 166 -12.00 53.51 19.90
C GLY B 166 -10.85 52.57 19.61
N VAL B 167 -11.19 51.29 19.52
CA VAL B 167 -10.22 50.22 19.31
C VAL B 167 -10.59 49.47 18.04
N LYS B 168 -9.57 49.02 17.31
CA LYS B 168 -9.74 48.39 16.02
C LYS B 168 -8.91 47.12 15.94
N PHE B 169 -9.52 46.08 15.37
CA PHE B 169 -8.84 44.88 14.92
C PHE B 169 -8.88 44.87 13.40
N SER B 170 -7.76 44.51 12.77
CA SER B 170 -7.71 44.45 11.32
C SER B 170 -6.86 43.28 10.88
N ALA B 171 -7.14 42.79 9.68
CA ALA B 171 -6.37 41.68 9.13
C ALA B 171 -6.50 41.71 7.62
N SER B 172 -5.63 40.95 6.95
CA SER B 172 -5.63 40.94 5.51
C SER B 172 -5.18 39.57 4.98
N GLY B 173 -5.55 39.32 3.74
CA GLY B 173 -5.14 38.13 3.04
C GLY B 173 -5.42 38.28 1.56
N GLU B 174 -5.26 37.19 0.83
CA GLU B 174 -5.44 37.26 -0.62
C GLU B 174 -6.87 37.60 -1.01
N LEU B 175 -7.82 37.40 -0.10
CA LEU B 175 -9.19 37.79 -0.36
C LEU B 175 -9.37 39.30 -0.32
N GLY B 176 -8.55 39.99 0.48
CA GLY B 176 -8.81 41.36 0.83
C GLY B 176 -8.61 41.60 2.32
N ASN B 177 -9.48 42.37 2.95
CA ASN B 177 -9.21 42.85 4.29
C ASN B 177 -10.44 42.68 5.18
N GLY B 178 -10.20 42.66 6.47
CA GLY B 178 -11.27 42.78 7.45
C GLY B 178 -10.90 43.81 8.49
N ASN B 179 -11.91 44.60 8.90
CA ASN B 179 -11.78 45.57 9.99
C ASN B 179 -12.97 45.42 10.93
N ILE B 180 -12.71 45.39 12.22
CA ILE B 180 -13.74 45.38 13.25
C ILE B 180 -13.40 46.46 14.27
N LYS B 181 -14.40 47.25 14.66
CA LYS B 181 -14.17 48.39 15.51
C LYS B 181 -15.11 48.35 16.72
N LEU B 182 -14.58 48.67 17.90
CA LEU B 182 -15.36 48.79 19.11
C LEU B 182 -15.19 50.19 19.69
N SER B 183 -16.21 50.60 20.46
CA SER B 183 -16.26 51.89 21.11
C SER B 183 -16.70 51.74 22.56
N GLN B 184 -16.52 52.81 23.33
CA GLN B 184 -17.03 52.86 24.69
C GLN B 184 -18.53 52.64 24.71
N THR B 185 -18.99 51.77 25.61
CA THR B 185 -20.41 51.68 25.92
C THR B 185 -20.91 52.99 26.53
N SER B 186 -21.97 53.54 25.94
CA SER B 186 -22.40 54.88 26.31
C SER B 186 -22.95 54.93 27.73
N ASN B 187 -23.82 54.00 28.09
CA ASN B 187 -24.30 53.84 29.46
C ASN B 187 -24.37 52.36 29.79
N VAL B 188 -23.94 52.02 31.00
CA VAL B 188 -23.81 50.61 31.38
C VAL B 188 -25.19 50.01 31.54
N ASP B 189 -25.46 48.93 30.80
CA ASP B 189 -26.62 48.08 31.06
C ASP B 189 -26.35 47.17 32.24
N LYS B 190 -25.29 46.37 32.16
CA LYS B 190 -24.76 45.63 33.29
C LYS B 190 -23.25 45.52 33.13
N GLU B 191 -22.55 45.44 34.26
CA GLU B 191 -21.10 45.58 34.25
C GLU B 191 -20.43 44.50 33.41
N GLU B 192 -21.06 43.34 33.27
CA GLU B 192 -20.50 42.30 32.44
C GLU B 192 -20.63 42.62 30.95
N GLU B 193 -21.65 43.36 30.56
CA GLU B 193 -21.91 43.61 29.15
C GLU B 193 -21.25 44.87 28.61
N ALA B 194 -20.79 45.78 29.47
CA ALA B 194 -20.17 47.01 29.01
C ALA B 194 -18.75 46.76 28.52
N VAL B 195 -18.37 47.50 27.48
CA VAL B 195 -16.98 47.59 27.00
C VAL B 195 -16.39 48.90 27.48
N THR B 196 -15.22 48.84 28.13
CA THR B 196 -14.61 50.03 28.70
C THR B 196 -13.15 50.12 28.31
N ILE B 197 -12.75 51.29 27.84
CA ILE B 197 -11.38 51.59 27.44
C ILE B 197 -10.77 52.57 28.44
N GLU B 198 -9.58 52.25 28.94
CA GLU B 198 -8.78 53.20 29.69
C GLU B 198 -7.39 53.23 29.08
N MET B 199 -6.81 54.42 28.94
CA MET B 199 -5.51 54.47 28.28
C MET B 199 -4.72 55.70 28.69
N ASN B 200 -3.41 55.56 28.60
CA ASN B 200 -2.49 56.69 28.62
C ASN B 200 -2.32 57.27 27.22
N GLU B 201 -1.85 56.46 26.28
CA GLU B 201 -1.58 56.91 24.91
C GLU B 201 -1.82 55.75 23.95
N PRO B 202 -2.10 56.05 22.67
CA PRO B 202 -2.50 55.01 21.73
C PRO B 202 -1.38 54.03 21.43
N VAL B 203 -1.76 52.83 21.03
CA VAL B 203 -0.83 51.73 20.79
C VAL B 203 -1.23 51.00 19.52
N GLN B 204 -0.24 50.53 18.77
CA GLN B 204 -0.50 49.67 17.61
C GLN B 204 0.50 48.53 17.55
N LEU B 205 0.00 47.33 17.27
CA LEU B 205 0.78 46.10 17.41
C LEU B 205 0.17 45.04 16.48
N THR B 206 0.92 43.95 16.29
CA THR B 206 0.42 42.84 15.49
C THR B 206 0.79 41.51 16.13
N PHE B 207 -0.04 40.50 15.89
CA PHE B 207 0.03 39.22 16.58
C PHE B 207 -0.42 38.10 15.65
N ALA B 208 0.04 36.89 15.93
CA ALA B 208 -0.41 35.70 15.22
C ALA B 208 -1.73 35.19 15.81
N LEU B 209 -2.77 35.14 14.97
CA LEU B 209 -4.10 34.75 15.42
C LEU B 209 -4.14 33.33 15.94
N ARG B 210 -3.25 32.47 15.45
CA ARG B 210 -3.24 31.06 15.84
C ARG B 210 -3.29 30.86 17.35
N TYR B 211 -2.59 31.71 18.09
CA TYR B 211 -2.62 31.58 19.55
C TYR B 211 -3.90 32.16 20.16
N LEU B 212 -4.43 33.24 19.59
CA LEU B 212 -5.71 33.75 20.08
C LEU B 212 -6.82 32.71 19.95
N ASN B 213 -6.81 31.95 18.85
CA ASN B 213 -7.75 30.84 18.73
C ASN B 213 -7.55 29.74 19.77
N PHE B 214 -6.41 29.68 20.44
CA PHE B 214 -6.26 28.82 21.61
C PHE B 214 -6.62 29.52 22.90
N PHE B 215 -6.50 30.84 22.93
CA PHE B 215 -6.88 31.60 24.12
C PHE B 215 -8.39 31.61 24.33
N THR B 216 -9.15 31.77 23.25
CA THR B 216 -10.59 31.98 23.42
C THR B 216 -11.33 30.78 23.99
N LYS B 217 -10.70 29.61 24.09
CA LYS B 217 -11.30 28.50 24.85
C LYS B 217 -11.57 28.85 26.31
N ALA B 218 -11.03 29.95 26.81
CA ALA B 218 -11.42 30.44 28.14
C ALA B 218 -12.84 30.98 28.21
N THR B 219 -13.49 31.24 27.07
CA THR B 219 -14.78 31.91 27.08
C THR B 219 -15.80 31.32 28.06
N PRO B 220 -15.92 30.01 28.26
CA PRO B 220 -16.90 29.51 29.23
C PRO B 220 -16.52 29.78 30.67
N LEU B 221 -15.31 30.25 30.96
CA LEU B 221 -14.98 30.62 32.33
C LEU B 221 -15.70 31.89 32.78
N SER B 222 -15.73 32.91 31.93
CA SER B 222 -16.35 34.16 32.33
C SER B 222 -16.89 34.91 31.12
N SER B 223 -17.94 35.70 31.37
CA SER B 223 -18.46 36.66 30.41
C SER B 223 -17.52 37.83 30.15
N THR B 224 -16.42 37.95 30.89
CA THR B 224 -15.58 39.12 30.86
C THR B 224 -14.15 38.75 30.48
N VAL B 225 -13.49 39.67 29.79
CA VAL B 225 -12.06 39.54 29.48
C VAL B 225 -11.43 40.91 29.57
N THR B 226 -10.15 40.92 29.92
CA THR B 226 -9.35 42.14 29.87
C THR B 226 -8.17 41.95 28.93
N LEU B 227 -7.88 42.99 28.16
CA LEU B 227 -6.73 43.05 27.28
C LEU B 227 -5.86 44.22 27.71
N SER B 228 -4.55 43.99 27.79
CA SER B 228 -3.60 45.02 28.17
C SER B 228 -2.47 45.04 27.15
N MET B 229 -2.13 46.24 26.68
CA MET B 229 -1.18 46.41 25.59
C MET B 229 -0.34 47.66 25.82
N SER B 230 0.92 47.56 25.43
CA SER B 230 1.88 48.65 25.53
C SER B 230 2.90 48.47 24.40
N ALA B 231 3.51 49.57 23.99
CA ALA B 231 4.32 49.55 22.78
C ALA B 231 5.47 48.56 22.87
N ASP B 232 5.65 47.81 21.78
CA ASP B 232 6.81 46.95 21.57
C ASP B 232 7.05 45.96 22.69
N VAL B 233 6.00 45.60 23.44
CA VAL B 233 6.15 44.57 24.48
C VAL B 233 4.93 43.66 24.45
N PRO B 234 5.03 42.50 25.10
CA PRO B 234 3.99 41.47 24.98
C PRO B 234 2.59 41.98 25.29
N LEU B 235 1.62 41.42 24.56
CA LEU B 235 0.20 41.60 24.86
C LEU B 235 -0.21 40.64 25.96
N VAL B 236 -1.12 41.07 26.83
CA VAL B 236 -1.60 40.24 27.93
C VAL B 236 -3.12 40.16 27.87
N VAL B 237 -3.65 38.94 28.01
CA VAL B 237 -5.08 38.72 28.16
C VAL B 237 -5.34 38.09 29.52
N GLU B 238 -6.43 38.51 30.15
CA GLU B 238 -6.80 38.05 31.48
C GLU B 238 -8.27 37.66 31.55
N TYR B 239 -8.52 36.47 32.09
CA TYR B 239 -9.83 35.95 32.42
C TYR B 239 -9.84 35.66 33.92
N LYS B 240 -10.99 35.86 34.56
CA LYS B 240 -11.05 35.74 36.01
C LYS B 240 -12.16 34.80 36.47
N ILE B 241 -11.82 33.98 37.46
CA ILE B 241 -12.69 32.97 38.03
C ILE B 241 -13.12 33.49 39.40
N ALA B 242 -14.42 33.69 39.57
CA ALA B 242 -14.94 34.66 40.51
C ALA B 242 -14.31 34.53 41.89
N ASP B 243 -14.39 33.34 42.49
CA ASP B 243 -13.70 33.07 43.74
C ASP B 243 -12.27 32.59 43.56
N MET B 244 -12.01 31.80 42.53
CA MET B 244 -10.77 31.02 42.53
C MET B 244 -9.54 31.88 42.22
N GLY B 245 -9.62 32.77 41.24
CA GLY B 245 -8.41 33.45 40.82
C GLY B 245 -8.43 33.86 39.36
N HIS B 246 -7.35 33.61 38.62
CA HIS B 246 -7.24 34.19 37.29
C HIS B 246 -6.44 33.30 36.36
N LEU B 247 -6.72 33.40 35.07
CA LEU B 247 -5.95 32.78 34.00
C LEU B 247 -5.50 33.84 33.03
N LYS B 248 -4.22 33.87 32.70
CA LYS B 248 -3.66 34.92 31.86
C LYS B 248 -2.73 34.34 30.82
N TYR B 249 -2.75 34.93 29.62
CA TYR B 249 -1.81 34.57 28.56
C TYR B 249 -0.99 35.77 28.14
N TYR B 250 0.31 35.53 27.93
CA TYR B 250 1.26 36.52 27.45
C TYR B 250 1.72 36.13 26.05
N LEU B 251 1.68 37.09 25.13
CA LEU B 251 2.01 36.82 23.72
C LEU B 251 3.02 37.86 23.24
N ALA B 252 4.17 37.38 22.77
CA ALA B 252 5.19 38.27 22.21
C ALA B 252 4.80 38.79 20.83
N PRO B 253 4.96 40.08 20.57
CA PRO B 253 4.52 40.66 19.29
C PRO B 253 5.56 40.40 18.19
N LYS B 254 5.20 40.81 16.98
CA LYS B 254 6.13 40.92 15.86
C LYS B 254 6.67 42.35 15.73
N ILE B 255 7.97 42.45 15.45
CA ILE B 255 8.70 43.70 15.40
C ILE B 255 9.27 43.88 14.00
N GLU B 256 9.53 45.13 13.62
CA GLU B 256 9.98 45.40 12.26
C GLU B 256 11.50 45.29 12.10
N ASP B 257 11.88 45.00 10.85
CA ASP B 257 13.26 45.05 10.37
C ASP B 257 13.93 46.40 10.59
N GLU B 258 13.17 47.49 10.72
CA GLU B 258 13.78 48.82 10.76
C GLU B 258 14.87 48.92 11.82
N GLU B 259 14.74 48.18 12.91
CA GLU B 259 15.86 48.07 13.85
C GLU B 259 17.06 47.40 13.21
N GLY B 260 16.83 46.47 12.29
CA GLY B 260 17.93 45.90 11.52
C GLY B 260 18.69 46.92 10.68
N SER B 261 18.02 47.99 10.25
CA SER B 261 18.62 48.93 9.31
C SER B 261 19.95 49.45 9.80
N MET C 1 -50.10 -16.84 3.70
CA MET C 1 -49.76 -15.40 3.50
C MET C 1 -49.82 -14.66 4.83
N PHE C 2 -48.76 -13.92 5.13
CA PHE C 2 -48.58 -13.26 6.41
C PHE C 2 -48.85 -11.77 6.27
N GLU C 3 -49.58 -11.20 7.22
CA GLU C 3 -49.68 -9.75 7.30
C GLU C 3 -49.83 -9.32 8.76
N ALA C 4 -49.22 -8.19 9.10
CA ALA C 4 -49.34 -7.65 10.44
C ALA C 4 -49.26 -6.13 10.41
N ARG C 5 -49.92 -5.50 11.36
CA ARG C 5 -50.03 -4.06 11.44
C ARG C 5 -49.71 -3.62 12.86
N LEU C 6 -48.95 -2.53 12.97
CA LEU C 6 -48.52 -1.98 14.26
C LEU C 6 -48.61 -0.47 14.21
N VAL C 7 -49.33 0.12 15.17
CA VAL C 7 -49.53 1.56 15.19
C VAL C 7 -48.32 2.31 15.76
N GLN C 8 -47.66 1.76 16.78
CA GLN C 8 -46.48 2.40 17.35
C GLN C 8 -45.20 1.97 16.63
N GLY C 9 -45.17 2.32 15.34
CA GLY C 9 -44.19 1.76 14.43
C GLY C 9 -42.75 1.98 14.84
N SER C 10 -42.48 3.04 15.61
CA SER C 10 -41.13 3.28 16.09
C SER C 10 -40.54 2.09 16.85
N ILE C 11 -41.39 1.25 17.44
CA ILE C 11 -40.87 0.08 18.12
C ILE C 11 -40.06 -0.77 17.17
N LEU C 12 -40.52 -0.92 15.94
CA LEU C 12 -39.77 -1.68 14.95
C LEU C 12 -38.46 -0.98 14.58
N LYS C 13 -38.51 0.34 14.38
CA LYS C 13 -37.29 1.06 14.03
C LYS C 13 -36.21 0.95 15.11
N LYS C 14 -36.55 1.26 16.35
CA LYS C 14 -35.54 1.22 17.40
C LYS C 14 -34.96 -0.17 17.55
N VAL C 15 -35.82 -1.19 17.59
CA VAL C 15 -35.35 -2.54 17.83
C VAL C 15 -34.51 -3.01 16.66
N LEU C 16 -34.76 -2.46 15.46
CA LEU C 16 -33.92 -2.83 14.34
C LEU C 16 -32.53 -2.20 14.45
N GLU C 17 -32.46 -0.91 14.75
CA GLU C 17 -31.13 -0.27 14.80
C GLU C 17 -30.25 -0.79 15.93
N ALA C 18 -30.85 -1.28 17.01
CA ALA C 18 -30.07 -1.95 18.05
C ALA C 18 -29.44 -3.24 17.60
N LEU C 19 -29.67 -3.62 16.35
CA LEU C 19 -29.01 -4.77 15.74
C LEU C 19 -28.32 -4.36 14.46
N LYS C 20 -28.81 -3.29 13.82
CA LYS C 20 -28.34 -2.93 12.49
C LYS C 20 -26.84 -3.16 12.28
N ASP C 21 -26.00 -2.65 13.18
CA ASP C 21 -24.56 -2.78 13.02
C ASP C 21 -23.99 -4.07 13.60
N LEU C 22 -24.65 -4.71 14.56
CA LEU C 22 -24.03 -5.81 15.28
C LEU C 22 -24.07 -7.13 14.54
N ILE C 23 -25.14 -7.42 13.78
CA ILE C 23 -25.27 -8.70 13.09
C ILE C 23 -25.57 -8.48 11.62
N ASN C 24 -24.85 -9.20 10.76
CA ASN C 24 -24.91 -8.96 9.32
C ASN C 24 -26.26 -9.35 8.76
N GLU C 25 -26.73 -10.56 9.08
CA GLU C 25 -28.00 -11.06 8.55
C GLU C 25 -28.53 -12.15 9.47
N ALA C 26 -29.85 -12.36 9.39
CA ALA C 26 -30.51 -13.30 10.29
C ALA C 26 -31.83 -13.74 9.66
N CYS C 27 -32.35 -14.85 10.17
CA CYS C 27 -33.63 -15.40 9.71
C CYS C 27 -34.71 -15.11 10.74
N TRP C 28 -35.75 -14.41 10.30
CA TRP C 28 -36.92 -14.15 11.13
C TRP C 28 -37.90 -15.31 11.06
N ASP C 29 -38.46 -15.65 12.22
CA ASP C 29 -39.33 -16.80 12.43
C ASP C 29 -40.72 -16.30 12.77
N ILE C 30 -41.73 -16.79 12.05
CA ILE C 30 -43.09 -16.28 12.13
C ILE C 30 -44.02 -17.44 12.39
N SER C 31 -44.93 -17.26 13.34
CA SER C 31 -45.98 -18.23 13.63
C SER C 31 -47.22 -17.47 14.08
N SER C 32 -48.31 -18.21 14.23
CA SER C 32 -49.54 -17.61 14.74
C SER C 32 -49.35 -17.01 16.13
N SER C 33 -48.45 -17.58 16.94
CA SER C 33 -48.23 -17.05 18.28
C SER C 33 -47.33 -15.82 18.31
N GLY C 34 -46.58 -15.54 17.25
CA GLY C 34 -45.80 -14.32 17.23
C GLY C 34 -44.66 -14.41 16.22
N VAL C 35 -43.82 -13.39 16.26
CA VAL C 35 -42.60 -13.32 15.47
C VAL C 35 -41.41 -13.48 16.40
N ASN C 36 -40.40 -14.20 15.94
CA ASN C 36 -39.28 -14.61 16.78
C ASN C 36 -38.00 -14.50 15.95
N LEU C 37 -36.87 -14.42 16.64
CA LEU C 37 -35.58 -14.29 15.96
C LEU C 37 -34.48 -14.72 16.91
N GLN C 38 -33.58 -15.55 16.41
CA GLN C 38 -32.28 -15.78 17.01
C GLN C 38 -31.18 -15.59 15.97
N SER C 39 -30.04 -15.10 16.43
CA SER C 39 -28.86 -15.04 15.57
C SER C 39 -27.63 -14.88 16.45
N MET C 40 -26.46 -15.12 15.87
CA MET C 40 -25.20 -14.82 16.54
C MET C 40 -24.37 -13.84 15.74
N ASP C 41 -23.56 -13.08 16.48
CA ASP C 41 -22.60 -12.18 15.80
C ASP C 41 -21.62 -13.10 15.08
N SER C 42 -21.16 -12.71 13.90
CA SER C 42 -20.21 -13.47 13.11
C SER C 42 -18.93 -13.75 13.87
N SER C 43 -18.64 -12.98 14.93
CA SER C 43 -17.58 -13.35 15.86
C SER C 43 -17.92 -14.60 16.66
N HIS C 44 -19.19 -14.99 16.74
CA HIS C 44 -19.64 -16.10 17.57
C HIS C 44 -19.33 -15.88 19.05
N VAL C 45 -19.02 -14.67 19.49
CA VAL C 45 -18.92 -14.39 20.91
C VAL C 45 -20.27 -14.18 21.59
N SER C 46 -21.26 -13.65 20.88
CA SER C 46 -22.51 -13.22 21.51
C SER C 46 -23.71 -13.73 20.74
N LEU C 47 -24.83 -13.85 21.45
CA LEU C 47 -26.08 -14.35 20.89
C LEU C 47 -27.20 -13.33 21.09
N VAL C 48 -27.96 -13.09 20.02
CA VAL C 48 -29.08 -12.15 20.00
C VAL C 48 -30.37 -12.97 19.95
N GLN C 49 -31.34 -12.57 20.77
CA GLN C 49 -32.69 -13.14 20.70
C GLN C 49 -33.72 -12.02 20.77
N LEU C 50 -34.72 -12.08 19.90
CA LEU C 50 -35.82 -11.13 19.86
C LEU C 50 -37.13 -11.89 19.82
N THR C 51 -38.13 -11.41 20.57
CA THR C 51 -39.48 -11.93 20.42
C THR C 51 -40.52 -10.83 20.51
N LEU C 52 -41.47 -10.86 19.59
CA LEU C 52 -42.65 -9.99 19.59
C LEU C 52 -43.90 -10.86 19.63
N ARG C 53 -44.75 -10.65 20.63
CA ARG C 53 -46.00 -11.40 20.73
C ARG C 53 -47.04 -10.84 19.76
N SER C 54 -47.72 -11.75 19.04
CA SER C 54 -48.73 -11.34 18.07
C SER C 54 -49.91 -10.62 18.72
N GLU C 55 -50.18 -10.93 19.99
CA GLU C 55 -51.20 -10.20 20.74
C GLU C 55 -50.98 -8.70 20.73
N GLY C 56 -49.73 -8.26 20.64
CA GLY C 56 -49.43 -6.85 20.71
C GLY C 56 -49.61 -6.07 19.42
N PHE C 57 -49.74 -6.75 18.29
CA PHE C 57 -49.88 -6.05 17.02
C PHE C 57 -51.28 -5.46 16.89
N ASP C 58 -51.38 -4.43 16.06
CA ASP C 58 -52.67 -3.86 15.73
C ASP C 58 -53.49 -4.81 14.86
N THR C 59 -52.84 -5.64 14.07
CA THR C 59 -53.53 -6.70 13.35
C THR C 59 -52.53 -7.79 13.05
N TYR C 60 -53.00 -9.05 13.01
CA TYR C 60 -52.09 -10.16 12.77
C TYR C 60 -52.80 -11.32 12.09
N ARG C 61 -52.32 -11.66 10.89
CA ARG C 61 -52.81 -12.79 10.11
C ARG C 61 -51.60 -13.65 9.78
N CYS C 62 -51.66 -14.93 10.15
CA CYS C 62 -50.58 -15.86 9.88
C CYS C 62 -51.19 -17.25 9.73
N ASP C 63 -51.24 -17.75 8.49
CA ASP C 63 -51.92 -19.00 8.20
C ASP C 63 -51.02 -20.22 8.39
N ARG C 64 -49.71 -20.07 8.24
CA ARG C 64 -48.80 -21.17 8.54
C ARG C 64 -47.45 -20.61 8.98
N ASN C 65 -46.71 -21.42 9.72
CA ASN C 65 -45.39 -21.04 10.18
C ASN C 65 -44.46 -20.79 9.00
N LEU C 66 -43.59 -19.78 9.14
CA LEU C 66 -42.72 -19.34 8.06
C LEU C 66 -41.38 -18.90 8.64
N ALA C 67 -40.34 -18.99 7.82
CA ALA C 67 -39.02 -18.46 8.19
C ALA C 67 -38.41 -17.78 6.98
N MET C 68 -37.70 -16.68 7.21
CA MET C 68 -37.27 -15.82 6.10
C MET C 68 -35.97 -15.12 6.45
N GLY C 69 -34.96 -15.30 5.59
CA GLY C 69 -33.66 -14.65 5.79
C GLY C 69 -33.67 -13.21 5.28
N VAL C 70 -33.04 -12.33 6.05
CA VAL C 70 -32.88 -10.93 5.65
C VAL C 70 -31.54 -10.42 6.17
N ASN C 71 -30.95 -9.47 5.43
CA ASN C 71 -29.78 -8.73 5.86
C ASN C 71 -30.22 -7.36 6.38
N LEU C 72 -29.91 -7.08 7.64
CA LEU C 72 -30.60 -6.01 8.36
C LEU C 72 -30.32 -4.63 7.78
N THR C 73 -29.17 -4.45 7.13
CA THR C 73 -28.87 -3.15 6.51
C THR C 73 -29.94 -2.74 5.52
N SER C 74 -30.46 -3.69 4.74
CA SER C 74 -31.49 -3.37 3.77
C SER C 74 -32.76 -2.88 4.44
N MET C 75 -33.19 -3.55 5.51
CA MET C 75 -34.36 -3.05 6.24
C MET C 75 -34.09 -1.70 6.87
N SER C 76 -32.91 -1.51 7.45
CA SER C 76 -32.61 -0.27 8.16
C SER C 76 -32.66 0.94 7.22
N LYS C 77 -32.00 0.83 6.07
CA LYS C 77 -32.04 1.89 5.08
C LYS C 77 -33.43 2.16 4.52
N ILE C 78 -34.39 1.28 4.75
CA ILE C 78 -35.78 1.56 4.38
C ILE C 78 -36.53 2.19 5.53
N LEU C 79 -36.42 1.59 6.72
CA LEU C 79 -37.14 2.06 7.89
C LEU C 79 -36.67 3.44 8.35
N LYS C 80 -35.49 3.87 7.90
CA LYS C 80 -35.17 5.29 8.03
C LYS C 80 -36.29 6.16 7.48
N CYS C 81 -36.96 5.71 6.44
CA CYS C 81 -37.94 6.52 5.76
C CYS C 81 -39.28 6.60 6.50
N ALA C 82 -39.48 5.80 7.54
CA ALA C 82 -40.70 5.88 8.33
C ALA C 82 -40.61 6.97 9.40
N GLY C 83 -41.63 7.83 9.44
CA GLY C 83 -41.78 8.73 10.56
C GLY C 83 -42.13 7.99 11.83
N ASN C 84 -41.75 8.58 12.96
CA ASN C 84 -41.85 7.88 14.23
C ASN C 84 -43.28 7.60 14.66
N GLU C 85 -44.27 8.30 14.12
CA GLU C 85 -45.68 8.03 14.40
C GLU C 85 -46.42 7.33 13.27
N ASP C 86 -45.73 6.94 12.21
CA ASP C 86 -46.39 6.22 11.12
C ASP C 86 -46.75 4.80 11.53
N ILE C 87 -47.92 4.36 11.08
CA ILE C 87 -48.38 2.99 11.30
C ILE C 87 -47.73 2.09 10.26
N ILE C 88 -47.13 1.00 10.72
CA ILE C 88 -46.29 0.15 9.88
C ILE C 88 -46.99 -1.17 9.62
N THR C 89 -47.05 -1.56 8.35
CA THR C 89 -47.59 -2.83 7.91
C THR C 89 -46.44 -3.65 7.35
N LEU C 90 -46.36 -4.90 7.78
CA LEU C 90 -45.52 -5.91 7.14
C LEU C 90 -46.39 -6.94 6.45
N ARG C 91 -46.10 -7.21 5.17
CA ARG C 91 -46.86 -8.14 4.36
C ARG C 91 -45.89 -9.04 3.63
N ALA C 92 -46.14 -10.35 3.67
CA ALA C 92 -45.23 -11.29 3.04
C ALA C 92 -46.01 -12.49 2.54
N GLU C 93 -45.45 -13.16 1.53
CA GLU C 93 -45.97 -14.43 1.05
C GLU C 93 -44.96 -15.53 1.34
N ASP C 94 -45.41 -16.58 2.02
CA ASP C 94 -44.71 -17.86 2.01
C ASP C 94 -44.63 -18.44 0.60
N ASN C 95 -45.45 -17.94 -0.32
CA ASN C 95 -45.36 -18.29 -1.72
C ASN C 95 -44.23 -17.59 -2.47
N ALA C 96 -43.54 -16.61 -1.88
CA ALA C 96 -42.69 -15.73 -2.66
C ALA C 96 -41.46 -15.38 -1.84
N ASP C 97 -40.67 -14.43 -2.34
CA ASP C 97 -39.35 -14.11 -1.79
C ASP C 97 -39.16 -12.62 -1.53
N THR C 98 -40.22 -11.83 -1.41
CA THR C 98 -40.09 -10.44 -1.03
C THR C 98 -40.93 -10.12 0.20
N LEU C 99 -40.47 -9.12 0.96
CA LEU C 99 -41.23 -8.52 2.04
C LEU C 99 -41.68 -7.13 1.64
N ALA C 100 -42.95 -6.83 1.88
CA ALA C 100 -43.53 -5.52 1.62
C ALA C 100 -43.77 -4.78 2.94
N LEU C 101 -43.44 -3.49 2.94
CA LEU C 101 -43.57 -2.61 4.09
C LEU C 101 -44.39 -1.40 3.67
N VAL C 102 -45.43 -1.09 4.44
CA VAL C 102 -46.28 0.05 4.13
C VAL C 102 -46.41 0.95 5.35
N PHE C 103 -46.12 2.23 5.15
CA PHE C 103 -46.17 3.24 6.20
C PHE C 103 -47.36 4.13 5.93
N GLU C 104 -48.25 4.24 6.90
CA GLU C 104 -49.41 5.11 6.83
C GLU C 104 -49.19 6.27 7.79
N ALA C 105 -49.18 7.48 7.26
CA ALA C 105 -48.95 8.65 8.08
C ALA C 105 -50.23 9.03 8.83
N PRO C 106 -50.13 9.46 10.09
CA PRO C 106 -51.34 9.79 10.86
C PRO C 106 -52.05 11.03 10.37
N ASN C 107 -51.44 11.81 9.46
CA ASN C 107 -52.17 12.88 8.78
C ASN C 107 -53.15 12.33 7.75
N GLN C 108 -53.09 11.02 7.48
CA GLN C 108 -53.96 10.35 6.51
C GLN C 108 -53.85 10.94 5.11
N GLU C 109 -52.79 11.70 4.82
CA GLU C 109 -52.53 12.20 3.49
C GLU C 109 -51.22 11.69 2.89
N LYS C 110 -50.27 11.23 3.71
CA LYS C 110 -49.04 10.64 3.22
C LYS C 110 -49.09 9.13 3.44
N VAL C 111 -48.74 8.38 2.40
CA VAL C 111 -48.53 6.94 2.48
C VAL C 111 -47.27 6.58 1.72
N SER C 112 -46.60 5.52 2.17
CA SER C 112 -45.38 5.04 1.53
C SER C 112 -45.37 3.52 1.54
N ASP C 113 -44.69 2.95 0.55
CA ASP C 113 -44.99 1.59 0.11
C ASP C 113 -43.72 1.04 -0.53
N TYR C 114 -43.06 0.12 0.17
CA TYR C 114 -41.74 -0.37 -0.20
C TYR C 114 -41.78 -1.89 -0.31
N GLU C 115 -40.90 -2.43 -1.14
CA GLU C 115 -40.69 -3.87 -1.22
C GLU C 115 -39.19 -4.14 -1.26
N MET C 116 -38.78 -5.22 -0.59
CA MET C 116 -37.38 -5.62 -0.61
C MET C 116 -37.26 -7.12 -0.75
N LYS C 117 -36.12 -7.55 -1.30
CA LYS C 117 -35.83 -8.95 -1.53
C LYS C 117 -35.39 -9.61 -0.23
N LEU C 118 -35.90 -10.80 0.04
CA LEU C 118 -35.37 -11.63 1.11
C LEU C 118 -33.98 -12.14 0.75
N MET C 119 -33.34 -12.76 1.73
CA MET C 119 -32.10 -13.49 1.56
C MET C 119 -32.33 -14.98 1.80
N ASP C 120 -31.51 -15.81 1.17
CA ASP C 120 -31.67 -17.26 1.22
C ASP C 120 -30.68 -17.82 2.24
N LEU C 121 -31.15 -17.98 3.47
CA LEU C 121 -30.37 -18.49 4.59
C LEU C 121 -31.05 -19.72 5.16
N ASP C 122 -30.25 -20.60 5.74
CA ASP C 122 -30.76 -21.47 6.80
C ASP C 122 -29.66 -21.72 7.82
N VAL C 123 -30.08 -21.98 9.07
CA VAL C 123 -29.22 -21.83 10.24
C VAL C 123 -29.58 -22.93 11.24
N GLU C 124 -28.58 -23.31 12.04
CA GLU C 124 -28.72 -24.36 13.04
C GLU C 124 -28.94 -23.72 14.39
N GLN C 125 -30.03 -24.11 15.07
CA GLN C 125 -30.66 -23.26 16.05
C GLN C 125 -31.00 -24.04 17.31
N LEU C 126 -30.76 -23.42 18.46
CA LEU C 126 -31.08 -24.01 19.75
C LEU C 126 -31.63 -22.94 20.67
N GLY C 127 -32.46 -23.35 21.62
CA GLY C 127 -32.89 -22.45 22.68
C GLY C 127 -31.82 -22.20 23.71
N ILE C 128 -31.97 -21.09 24.40
CA ILE C 128 -31.12 -20.78 25.57
C ILE C 128 -31.39 -21.79 26.68
N PRO C 129 -30.37 -22.33 27.33
CA PRO C 129 -30.61 -23.15 28.52
C PRO C 129 -31.07 -22.29 29.69
N GLU C 130 -32.12 -22.73 30.38
CA GLU C 130 -32.55 -22.06 31.60
C GLU C 130 -31.46 -22.20 32.68
N GLN C 131 -31.26 -21.13 33.43
CA GLN C 131 -30.30 -21.12 34.52
C GLN C 131 -30.87 -20.36 35.71
N GLU C 132 -30.45 -20.78 36.90
CA GLU C 132 -30.72 -20.07 38.15
C GLU C 132 -29.68 -18.96 38.30
N TYR C 133 -30.04 -17.76 37.85
CA TYR C 133 -29.12 -16.63 37.84
C TYR C 133 -28.80 -16.23 39.27
N SER C 134 -27.60 -16.59 39.72
CA SER C 134 -27.12 -16.25 41.04
C SER C 134 -27.02 -14.75 41.28
N CYS C 135 -26.95 -13.92 40.23
CA CYS C 135 -27.12 -12.49 40.42
C CYS C 135 -27.98 -11.86 39.34
N VAL C 136 -28.85 -10.94 39.73
CA VAL C 136 -29.62 -10.14 38.77
C VAL C 136 -29.71 -8.72 39.30
N VAL C 137 -29.85 -7.78 38.37
CA VAL C 137 -29.96 -6.35 38.70
C VAL C 137 -30.94 -5.69 37.73
N LYS C 138 -31.71 -4.75 38.25
CA LYS C 138 -32.47 -3.80 37.44
C LYS C 138 -31.84 -2.41 37.59
N MET C 139 -31.69 -1.73 36.46
CA MET C 139 -31.12 -0.39 36.43
C MET C 139 -31.92 0.52 35.51
N PRO C 140 -31.89 1.83 35.76
CA PRO C 140 -32.21 2.77 34.68
C PRO C 140 -31.17 2.68 33.57
N SER C 141 -31.63 2.93 32.34
CA SER C 141 -30.79 2.69 31.17
C SER C 141 -29.65 3.70 31.03
N GLY C 142 -29.93 4.97 31.29
CA GLY C 142 -28.90 5.99 31.16
C GLY C 142 -27.69 5.79 32.04
N GLU C 143 -27.89 5.22 33.22
CA GLU C 143 -26.74 4.95 34.09
C GLU C 143 -25.81 3.91 33.47
N PHE C 144 -26.36 2.80 33.01
CA PHE C 144 -25.54 1.79 32.35
C PHE C 144 -24.87 2.31 31.09
N ALA C 145 -25.59 3.10 30.28
CA ALA C 145 -24.99 3.68 29.10
C ALA C 145 -23.80 4.58 29.45
N ARG C 146 -23.95 5.45 30.44
CA ARG C 146 -22.85 6.33 30.81
C ARG C 146 -21.70 5.56 31.43
N ILE C 147 -21.99 4.55 32.23
CA ILE C 147 -20.92 3.71 32.79
C ILE C 147 -20.07 3.12 31.68
N CYS C 148 -20.71 2.51 30.68
CA CYS C 148 -19.93 1.87 29.63
C CYS C 148 -19.19 2.88 28.77
N ARG C 149 -19.81 4.04 28.51
CA ARG C 149 -19.12 5.06 27.72
C ARG C 149 -17.89 5.59 28.45
N ASP C 150 -18.05 5.96 29.73
CA ASP C 150 -16.93 6.51 30.47
C ASP C 150 -15.79 5.51 30.62
N LEU C 151 -16.11 4.30 31.06
CA LEU C 151 -15.07 3.28 31.20
C LEU C 151 -14.37 2.96 29.89
N SER C 152 -15.04 3.14 28.75
CA SER C 152 -14.37 2.83 27.49
C SER C 152 -13.12 3.67 27.24
N HIS C 153 -13.08 4.91 27.72
CA HIS C 153 -11.83 5.69 27.66
C HIS C 153 -10.75 5.20 28.62
N ILE C 154 -11.11 4.65 29.77
CA ILE C 154 -10.07 4.11 30.66
C ILE C 154 -9.48 2.83 30.11
N GLY C 155 -10.28 1.98 29.46
CA GLY C 155 -9.72 0.72 29.01
C GLY C 155 -10.72 -0.11 28.24
N ASP C 156 -10.26 -1.29 27.84
CA ASP C 156 -11.00 -2.18 26.95
C ASP C 156 -11.54 -3.43 27.62
N ALA C 157 -11.52 -3.51 28.95
CA ALA C 157 -12.28 -4.55 29.63
C ALA C 157 -12.80 -4.03 30.96
N VAL C 158 -13.99 -4.49 31.35
CA VAL C 158 -14.61 -4.13 32.62
C VAL C 158 -14.58 -5.34 33.55
N VAL C 159 -14.24 -5.12 34.82
CA VAL C 159 -14.46 -6.09 35.87
C VAL C 159 -15.62 -5.61 36.72
N ILE C 160 -16.68 -6.42 36.81
CA ILE C 160 -17.86 -6.11 37.59
C ILE C 160 -17.89 -7.04 38.78
N SER C 161 -18.20 -6.49 39.95
CA SER C 161 -18.40 -7.25 41.17
C SER C 161 -19.69 -6.75 41.80
N CYS C 162 -20.50 -7.64 42.38
CA CYS C 162 -21.71 -7.15 43.01
C CYS C 162 -22.11 -8.03 44.18
N ALA C 163 -22.90 -7.43 45.07
CA ALA C 163 -23.57 -8.12 46.16
C ALA C 163 -24.77 -7.26 46.55
N LYS C 164 -25.54 -7.74 47.53
CA LYS C 164 -26.78 -7.06 47.89
C LYS C 164 -26.57 -5.65 48.43
N ASP C 165 -25.34 -5.28 48.80
CA ASP C 165 -25.05 -3.89 49.15
C ASP C 165 -24.81 -2.98 47.95
N GLY C 166 -24.50 -3.52 46.78
CA GLY C 166 -24.24 -2.68 45.62
C GLY C 166 -23.48 -3.44 44.55
N VAL C 167 -23.37 -2.79 43.40
CA VAL C 167 -22.52 -3.25 42.30
C VAL C 167 -21.39 -2.25 42.06
N LYS C 168 -20.18 -2.78 41.88
CA LYS C 168 -18.99 -2.01 41.58
C LYS C 168 -18.49 -2.36 40.18
N PHE C 169 -18.24 -1.33 39.39
CA PHE C 169 -17.60 -1.43 38.08
C PHE C 169 -16.16 -0.93 38.22
N SER C 170 -15.21 -1.65 37.65
CA SER C 170 -13.82 -1.25 37.81
C SER C 170 -13.03 -1.60 36.56
N ALA C 171 -11.95 -0.85 36.33
CA ALA C 171 -11.12 -1.07 35.17
C ALA C 171 -9.71 -0.57 35.44
N SER C 172 -8.76 -1.09 34.66
CA SER C 172 -7.35 -0.76 34.82
C SER C 172 -6.72 -0.60 33.45
N GLY C 173 -5.67 0.21 33.39
CA GLY C 173 -5.03 0.51 32.13
C GLY C 173 -3.86 1.44 32.34
N GLU C 174 -3.14 1.69 31.25
CA GLU C 174 -1.92 2.49 31.33
C GLU C 174 -2.21 3.91 31.79
N LEU C 175 -3.37 4.45 31.42
CA LEU C 175 -3.72 5.82 31.77
C LEU C 175 -4.30 5.95 33.16
N GLY C 176 -4.50 4.84 33.87
CA GLY C 176 -4.98 4.87 35.24
C GLY C 176 -6.28 4.11 35.45
N ASN C 177 -6.26 3.27 36.47
CA ASN C 177 -7.41 2.46 36.89
C ASN C 177 -8.44 3.32 37.62
N GLY C 178 -9.67 2.80 37.72
CA GLY C 178 -10.72 3.53 38.39
C GLY C 178 -11.94 2.65 38.61
N ASN C 179 -12.89 3.22 39.36
CA ASN C 179 -14.07 2.50 39.80
C ASN C 179 -15.29 3.41 39.77
N ILE C 180 -16.46 2.78 39.67
CA ILE C 180 -17.75 3.39 39.99
C ILE C 180 -18.50 2.44 40.92
N LYS C 181 -19.14 2.99 41.94
CA LYS C 181 -20.00 2.24 42.84
C LYS C 181 -21.45 2.68 42.66
N LEU C 182 -22.34 1.71 42.51
CA LEU C 182 -23.77 1.89 42.69
C LEU C 182 -24.19 1.05 43.90
N SER C 183 -24.17 1.68 45.07
CA SER C 183 -24.73 1.06 46.27
C SER C 183 -26.23 0.88 46.13
N GLN C 184 -26.75 -0.16 46.75
CA GLN C 184 -28.18 -0.46 46.65
C GLN C 184 -28.99 0.62 47.36
N THR C 185 -29.81 1.34 46.61
CA THR C 185 -30.69 2.34 47.17
C THR C 185 -31.84 1.68 47.93
N SER C 186 -32.41 2.44 48.88
CA SER C 186 -33.56 1.99 49.66
C SER C 186 -34.82 2.79 49.41
N ASN C 187 -34.73 3.96 48.77
CA ASN C 187 -35.89 4.82 48.55
C ASN C 187 -35.69 5.53 47.23
N VAL C 188 -36.80 5.84 46.57
CA VAL C 188 -36.76 6.45 45.24
C VAL C 188 -37.90 7.43 45.09
N ASP C 189 -37.70 8.43 44.23
CA ASP C 189 -38.77 9.33 43.86
C ASP C 189 -39.76 8.68 42.91
N LYS C 190 -39.27 7.75 42.08
CA LYS C 190 -40.12 7.05 41.13
C LYS C 190 -39.44 5.74 40.79
N GLU C 191 -40.25 4.74 40.42
CA GLU C 191 -39.71 3.43 40.08
C GLU C 191 -38.78 3.45 38.86
N GLU C 192 -38.95 4.42 37.96
CA GLU C 192 -37.99 4.58 36.87
C GLU C 192 -36.60 4.92 37.37
N GLU C 193 -36.46 5.45 38.57
CA GLU C 193 -35.16 5.82 39.13
C GLU C 193 -34.54 4.70 39.96
N ALA C 194 -35.26 3.60 40.17
CA ALA C 194 -34.77 2.58 41.09
C ALA C 194 -33.62 1.78 40.49
N VAL C 195 -32.62 1.52 41.32
CA VAL C 195 -31.67 0.44 41.12
C VAL C 195 -32.03 -0.67 42.10
N THR C 196 -32.02 -1.91 41.64
CA THR C 196 -32.47 -3.00 42.51
C THR C 196 -31.72 -4.28 42.18
N ILE C 197 -30.95 -4.76 43.16
CA ILE C 197 -30.16 -5.98 43.03
C ILE C 197 -30.88 -7.12 43.71
N GLU C 198 -30.78 -8.32 43.15
CA GLU C 198 -31.14 -9.53 43.86
C GLU C 198 -30.07 -10.58 43.64
N MET C 199 -29.81 -11.38 44.68
CA MET C 199 -28.61 -12.19 44.74
C MET C 199 -28.94 -13.49 45.48
N ASN C 200 -28.35 -14.59 45.01
CA ASN C 200 -28.20 -15.79 45.81
C ASN C 200 -26.82 -15.91 46.43
N GLU C 201 -25.77 -15.59 45.67
CA GLU C 201 -24.43 -15.45 46.20
C GLU C 201 -23.66 -14.43 45.36
N PRO C 202 -22.67 -13.76 45.94
CA PRO C 202 -21.95 -12.73 45.18
C PRO C 202 -21.32 -13.29 43.91
N VAL C 203 -21.17 -12.42 42.91
CA VAL C 203 -20.58 -12.78 41.63
C VAL C 203 -19.62 -11.67 41.21
N GLN C 204 -18.55 -12.07 40.54
CA GLN C 204 -17.67 -11.13 39.85
C GLN C 204 -17.21 -11.70 38.52
N LEU C 205 -17.25 -10.87 37.47
CA LEU C 205 -16.90 -11.34 36.14
C LEU C 205 -16.35 -10.20 35.29
N THR C 206 -15.62 -10.59 34.24
CA THR C 206 -14.94 -9.67 33.33
C THR C 206 -15.59 -9.72 31.96
N PHE C 207 -15.86 -8.55 31.38
CA PHE C 207 -16.55 -8.45 30.11
C PHE C 207 -15.82 -7.51 29.15
N ALA C 208 -15.97 -7.82 27.85
CA ALA C 208 -15.37 -7.07 26.76
C ALA C 208 -16.17 -5.80 26.51
N LEU C 209 -15.62 -4.68 26.94
CA LEU C 209 -16.38 -3.43 26.99
C LEU C 209 -16.80 -2.94 25.61
N ARG C 210 -15.98 -3.19 24.59
CA ARG C 210 -16.34 -2.81 23.24
C ARG C 210 -17.53 -3.58 22.67
N TYR C 211 -17.98 -4.63 23.35
CA TYR C 211 -19.29 -5.20 23.02
C TYR C 211 -20.45 -4.54 23.78
N LEU C 212 -20.27 -4.22 25.06
CA LEU C 212 -21.31 -3.47 25.74
C LEU C 212 -21.52 -2.11 25.11
N ASN C 213 -20.51 -1.58 24.44
CA ASN C 213 -20.71 -0.39 23.62
C ASN C 213 -21.61 -0.63 22.42
N PHE C 214 -21.97 -1.88 22.14
CA PHE C 214 -23.04 -2.19 21.20
C PHE C 214 -24.36 -2.49 21.90
N PHE C 215 -24.32 -3.31 22.95
CA PHE C 215 -25.53 -3.62 23.69
C PHE C 215 -26.21 -2.38 24.28
N THR C 216 -25.47 -1.29 24.46
CA THR C 216 -26.07 -0.06 24.96
C THR C 216 -27.04 0.59 23.97
N LYS C 217 -26.92 0.30 22.68
CA LYS C 217 -27.76 0.94 21.68
C LYS C 217 -29.24 0.57 21.80
N ALA C 218 -29.61 -0.41 22.64
CA ALA C 218 -30.99 -0.66 22.98
C ALA C 218 -31.58 0.32 23.99
N THR C 219 -30.76 1.19 24.58
CA THR C 219 -31.26 2.14 25.57
C THR C 219 -32.51 2.91 25.17
N PRO C 220 -32.67 3.41 23.94
CA PRO C 220 -33.91 4.14 23.61
C PRO C 220 -35.16 3.27 23.56
N LEU C 221 -35.04 1.94 23.69
CA LEU C 221 -36.24 1.11 23.77
C LEU C 221 -36.95 1.27 25.11
N SER C 222 -36.20 1.43 26.20
CA SER C 222 -36.76 1.24 27.52
C SER C 222 -36.08 2.16 28.51
N SER C 223 -36.86 2.64 29.48
CA SER C 223 -36.30 3.37 30.62
C SER C 223 -35.42 2.50 31.49
N THR C 224 -35.59 1.18 31.46
CA THR C 224 -34.89 0.31 32.39
C THR C 224 -34.34 -0.89 31.65
N VAL C 225 -33.33 -1.52 32.27
CA VAL C 225 -32.64 -2.66 31.70
C VAL C 225 -32.33 -3.65 32.81
N THR C 226 -32.32 -4.93 32.47
CA THR C 226 -32.02 -5.97 33.43
C THR C 226 -30.75 -6.70 33.06
N LEU C 227 -29.96 -7.04 34.06
CA LEU C 227 -28.73 -7.81 33.91
C LEU C 227 -28.89 -9.08 34.73
N SER C 228 -28.35 -10.18 34.23
CA SER C 228 -28.26 -11.39 35.05
C SER C 228 -26.96 -12.13 34.76
N MET C 229 -26.49 -12.84 35.78
CA MET C 229 -25.14 -13.33 35.85
C MET C 229 -25.12 -14.64 36.63
N SER C 230 -24.12 -15.47 36.31
CA SER C 230 -23.61 -16.47 37.23
C SER C 230 -22.20 -16.85 36.77
N ALA C 231 -21.43 -17.41 37.69
CA ALA C 231 -20.06 -17.82 37.38
C ALA C 231 -20.03 -18.86 36.27
N ASP C 232 -19.08 -18.70 35.36
CA ASP C 232 -18.95 -19.56 34.18
C ASP C 232 -20.22 -19.63 33.35
N VAL C 233 -21.06 -18.60 33.42
CA VAL C 233 -22.26 -18.56 32.59
C VAL C 233 -22.31 -17.22 31.86
N PRO C 234 -22.77 -17.16 30.61
CA PRO C 234 -22.94 -15.87 29.94
C PRO C 234 -23.75 -14.90 30.78
N LEU C 235 -23.38 -13.63 30.70
CA LEU C 235 -24.23 -12.56 31.19
C LEU C 235 -25.38 -12.32 30.22
N VAL C 236 -26.56 -12.07 30.77
CA VAL C 236 -27.75 -11.69 30.01
C VAL C 236 -28.01 -10.20 30.23
N VAL C 237 -28.20 -9.47 29.13
CA VAL C 237 -28.82 -8.15 29.14
C VAL C 237 -30.21 -8.29 28.53
N GLU C 238 -31.22 -7.78 29.21
CA GLU C 238 -32.61 -7.89 28.76
C GLU C 238 -33.31 -6.54 28.79
N TYR C 239 -34.00 -6.26 27.69
CA TYR C 239 -34.85 -5.09 27.52
C TYR C 239 -36.26 -5.60 27.23
N LYS C 240 -37.26 -4.91 27.76
CA LYS C 240 -38.66 -5.24 27.47
C LYS C 240 -39.23 -4.24 26.47
N ILE C 241 -39.90 -4.77 25.45
CA ILE C 241 -40.39 -3.97 24.34
C ILE C 241 -41.86 -3.72 24.60
N ALA C 242 -42.15 -2.55 25.19
CA ALA C 242 -43.48 -2.13 25.61
C ALA C 242 -44.16 -3.30 26.33
N ASP C 243 -45.39 -3.64 26.00
CA ASP C 243 -46.03 -4.87 26.41
C ASP C 243 -45.84 -6.01 25.44
N MET C 244 -45.35 -5.74 24.23
CA MET C 244 -45.46 -6.69 23.13
C MET C 244 -44.30 -7.66 23.01
N GLY C 245 -43.19 -7.49 23.72
CA GLY C 245 -42.10 -8.43 23.55
C GLY C 245 -40.89 -8.17 24.40
N HIS C 246 -39.79 -8.82 24.04
CA HIS C 246 -38.51 -8.61 24.72
C HIS C 246 -37.35 -8.86 23.78
N LEU C 247 -36.22 -8.20 24.09
CA LEU C 247 -34.97 -8.35 23.36
C LEU C 247 -33.85 -8.67 24.35
N LYS C 248 -33.04 -9.69 24.03
CA LYS C 248 -32.01 -10.17 24.94
C LYS C 248 -30.68 -10.37 24.21
N TYR C 249 -29.59 -10.01 24.90
CA TYR C 249 -28.23 -10.28 24.47
C TYR C 249 -27.54 -11.18 25.49
N TYR C 250 -26.94 -12.27 25.01
CA TYR C 250 -26.19 -13.21 25.84
C TYR C 250 -24.72 -13.18 25.45
N LEU C 251 -23.83 -12.97 26.43
CA LEU C 251 -22.40 -12.87 26.12
C LEU C 251 -21.58 -13.63 27.15
N ALA C 252 -20.65 -14.46 26.67
CA ALA C 252 -19.74 -15.18 27.55
C ALA C 252 -18.71 -14.26 28.21
N PRO C 253 -18.33 -14.55 29.45
CA PRO C 253 -17.23 -13.83 30.08
C PRO C 253 -15.88 -14.21 29.50
N LYS C 254 -14.91 -13.31 29.65
CA LYS C 254 -13.54 -13.60 29.25
C LYS C 254 -12.98 -14.73 30.13
N ILE C 255 -12.42 -15.74 29.47
CA ILE C 255 -11.77 -16.84 30.19
C ILE C 255 -10.44 -16.36 30.77
N GLU C 256 -10.17 -16.76 32.01
CA GLU C 256 -8.88 -16.52 32.64
C GLU C 256 -8.12 -17.84 32.74
N ASP C 257 -6.84 -17.82 32.37
CA ASP C 257 -6.09 -19.07 32.29
C ASP C 257 -5.91 -19.72 33.65
N GLU C 258 -5.80 -18.93 34.71
CA GLU C 258 -5.40 -19.44 36.02
C GLU C 258 -6.50 -20.30 36.63
N MET D 1 -21.96 55.08 -8.88
CA MET D 1 -21.86 54.39 -7.57
C MET D 1 -22.92 53.28 -7.48
N PHE D 2 -22.60 52.23 -6.73
CA PHE D 2 -23.61 51.28 -6.25
C PHE D 2 -23.50 51.14 -4.75
N GLU D 3 -24.64 51.17 -4.07
CA GLU D 3 -24.71 50.69 -2.69
C GLU D 3 -26.12 50.20 -2.38
N ALA D 4 -26.21 49.30 -1.40
CA ALA D 4 -27.49 48.76 -0.99
C ALA D 4 -27.44 48.34 0.48
N ARG D 5 -28.61 48.28 1.10
CA ARG D 5 -28.74 47.97 2.52
C ARG D 5 -29.81 46.90 2.71
N LEU D 6 -29.58 46.00 3.66
CA LEU D 6 -30.49 44.88 3.93
C LEU D 6 -30.49 44.60 5.43
N VAL D 7 -31.65 44.74 6.06
CA VAL D 7 -31.76 44.41 7.48
C VAL D 7 -31.95 42.90 7.69
N GLN D 8 -32.61 42.21 6.77
CA GLN D 8 -32.75 40.75 6.89
C GLN D 8 -31.50 40.01 6.42
N GLY D 9 -30.34 40.42 6.93
CA GLY D 9 -29.08 39.92 6.39
C GLY D 9 -29.00 38.40 6.32
N SER D 10 -29.68 37.70 7.23
CA SER D 10 -29.71 36.24 7.21
C SER D 10 -30.18 35.66 5.88
N ILE D 11 -31.07 36.34 5.17
CA ILE D 11 -31.51 35.82 3.89
C ILE D 11 -30.35 35.79 2.90
N LEU D 12 -29.52 36.83 2.91
CA LEU D 12 -28.38 36.87 2.01
C LEU D 12 -27.35 35.84 2.41
N LYS D 13 -27.17 35.61 3.71
CA LYS D 13 -26.34 34.50 4.17
C LYS D 13 -26.80 33.17 3.59
N LYS D 14 -28.08 32.86 3.71
CA LYS D 14 -28.57 31.56 3.29
C LYS D 14 -28.70 31.39 1.79
N VAL D 15 -28.78 32.47 1.01
CA VAL D 15 -28.73 32.33 -0.45
C VAL D 15 -27.40 31.71 -0.89
N LEU D 16 -26.29 32.22 -0.38
CA LEU D 16 -25.00 31.70 -0.83
C LEU D 16 -24.74 30.29 -0.33
N GLU D 17 -25.30 29.91 0.82
CA GLU D 17 -25.20 28.52 1.24
C GLU D 17 -25.85 27.59 0.23
N ALA D 18 -26.84 28.09 -0.50
CA ALA D 18 -27.47 27.29 -1.53
C ALA D 18 -26.63 27.27 -2.80
N LEU D 19 -26.19 28.45 -3.23
CA LEU D 19 -25.53 28.56 -4.53
C LEU D 19 -24.15 27.90 -4.56
N LYS D 20 -23.43 27.91 -3.44
CA LYS D 20 -22.00 27.56 -3.49
C LYS D 20 -21.74 26.16 -4.04
N ASP D 21 -22.65 25.20 -3.85
CA ASP D 21 -22.41 23.86 -4.37
C ASP D 21 -22.62 23.75 -5.88
N LEU D 22 -23.53 24.53 -6.46
CA LEU D 22 -23.85 24.39 -7.87
C LEU D 22 -22.91 25.20 -8.76
N ILE D 23 -22.44 26.34 -8.28
CA ILE D 23 -21.47 27.13 -9.03
C ILE D 23 -20.55 27.82 -8.03
N ASN D 24 -19.25 27.58 -8.18
CA ASN D 24 -18.23 28.09 -7.26
C ASN D 24 -17.73 29.47 -7.64
N GLU D 25 -17.71 29.80 -8.93
CA GLU D 25 -17.34 31.13 -9.39
C GLU D 25 -18.35 31.59 -10.40
N ALA D 26 -18.89 32.79 -10.20
CA ALA D 26 -19.97 33.28 -11.05
C ALA D 26 -19.91 34.79 -11.07
N CYS D 27 -20.68 35.38 -11.98
CA CYS D 27 -20.81 36.82 -12.07
C CYS D 27 -22.21 37.22 -11.60
N TRP D 28 -22.26 38.09 -10.59
CA TRP D 28 -23.48 38.78 -10.24
C TRP D 28 -23.73 39.87 -11.27
N ASP D 29 -24.98 40.33 -11.36
CA ASP D 29 -25.22 41.59 -12.03
C ASP D 29 -26.21 42.44 -11.25
N ILE D 30 -26.08 43.75 -11.42
CA ILE D 30 -26.75 44.76 -10.63
C ILE D 30 -27.43 45.71 -11.60
N SER D 31 -28.66 46.10 -11.29
CA SER D 31 -29.44 46.97 -12.15
C SER D 31 -30.37 47.82 -11.29
N SER D 32 -30.92 48.86 -11.91
CA SER D 32 -31.97 49.64 -11.28
C SER D 32 -33.17 48.78 -10.92
N SER D 33 -33.39 47.69 -11.64
CA SER D 33 -34.48 46.78 -11.29
C SER D 33 -34.14 45.86 -10.11
N GLY D 34 -32.88 45.64 -9.80
CA GLY D 34 -32.54 44.70 -8.76
C GLY D 34 -31.26 43.94 -9.05
N VAL D 35 -31.02 42.93 -8.22
CA VAL D 35 -29.81 42.11 -8.30
C VAL D 35 -30.19 40.76 -8.90
N ASN D 36 -29.38 40.28 -9.85
CA ASN D 36 -29.67 39.04 -10.55
C ASN D 36 -28.42 38.17 -10.58
N LEU D 37 -28.65 36.86 -10.62
CA LEU D 37 -27.61 35.89 -10.95
C LEU D 37 -28.25 34.74 -11.72
N GLN D 38 -27.57 34.26 -12.76
CA GLN D 38 -28.00 33.02 -13.39
C GLN D 38 -26.79 32.35 -14.03
N SER D 39 -26.81 31.02 -14.03
CA SER D 39 -25.75 30.30 -14.71
C SER D 39 -26.16 28.85 -14.89
N MET D 40 -25.48 28.17 -15.80
CA MET D 40 -25.35 26.73 -15.70
C MET D 40 -24.48 26.37 -14.49
N ASP D 41 -24.67 25.14 -14.00
CA ASP D 41 -23.73 24.57 -13.05
C ASP D 41 -22.43 24.19 -13.77
N SER D 42 -21.40 23.89 -12.97
CA SER D 42 -20.10 23.57 -13.56
C SER D 42 -20.15 22.28 -14.37
N SER D 43 -20.93 21.29 -13.92
CA SER D 43 -21.13 20.09 -14.72
C SER D 43 -22.01 20.32 -15.94
N HIS D 44 -22.63 21.49 -16.07
CA HIS D 44 -23.57 21.80 -17.16
C HIS D 44 -24.74 20.81 -17.23
N VAL D 45 -25.05 20.13 -16.12
CA VAL D 45 -26.26 19.33 -16.06
C VAL D 45 -27.51 20.20 -15.91
N SER D 46 -27.44 21.26 -15.09
CA SER D 46 -28.63 21.99 -14.68
C SER D 46 -28.37 23.49 -14.69
N LEU D 47 -29.46 24.25 -14.57
CA LEU D 47 -29.43 25.70 -14.74
C LEU D 47 -30.10 26.36 -13.55
N VAL D 48 -29.53 27.47 -13.06
CA VAL D 48 -30.06 28.16 -11.90
C VAL D 48 -30.29 29.62 -12.24
N GLN D 49 -31.39 30.17 -11.71
CA GLN D 49 -31.78 31.56 -11.88
C GLN D 49 -32.24 32.13 -10.55
N LEU D 50 -31.73 33.31 -10.19
CA LEU D 50 -32.12 33.96 -8.95
C LEU D 50 -32.18 35.47 -9.18
N THR D 51 -33.18 36.10 -8.58
CA THR D 51 -33.22 37.56 -8.54
C THR D 51 -33.84 38.03 -7.23
N LEU D 52 -33.34 39.17 -6.76
CA LEU D 52 -33.92 39.95 -5.66
C LEU D 52 -34.20 41.36 -6.14
N ARG D 53 -35.46 41.78 -6.07
CA ARG D 53 -35.85 43.08 -6.57
C ARG D 53 -35.33 44.20 -5.68
N SER D 54 -34.95 45.32 -6.33
CA SER D 54 -34.42 46.48 -5.62
C SER D 54 -35.41 47.05 -4.61
N GLU D 55 -36.71 46.89 -4.88
CA GLU D 55 -37.73 47.32 -3.92
C GLU D 55 -37.61 46.63 -2.57
N GLY D 56 -36.91 45.50 -2.50
CA GLY D 56 -36.75 44.80 -1.24
C GLY D 56 -35.71 45.37 -0.31
N PHE D 57 -34.83 46.23 -0.81
CA PHE D 57 -33.74 46.76 0.00
C PHE D 57 -34.20 47.99 0.78
N ASP D 58 -33.59 48.16 1.96
CA ASP D 58 -33.92 49.26 2.86
C ASP D 58 -33.35 50.60 2.41
N THR D 59 -32.27 50.58 1.64
CA THR D 59 -31.95 51.67 0.74
C THR D 59 -31.09 51.11 -0.39
N TYR D 60 -31.13 51.80 -1.53
CA TYR D 60 -30.56 51.26 -2.76
C TYR D 60 -30.20 52.39 -3.70
N ARG D 61 -28.96 52.39 -4.19
CA ARG D 61 -28.49 53.31 -5.21
C ARG D 61 -27.78 52.49 -6.28
N CYS D 62 -28.16 52.72 -7.53
CA CYS D 62 -27.57 52.08 -8.70
C CYS D 62 -27.56 53.10 -9.83
N ASP D 63 -26.43 53.78 -10.02
CA ASP D 63 -26.30 54.78 -11.06
C ASP D 63 -26.08 54.15 -12.42
N ARG D 64 -25.47 52.98 -12.48
CA ARG D 64 -25.28 52.25 -13.73
C ARG D 64 -25.33 50.76 -13.45
N ASN D 65 -25.84 50.00 -14.41
CA ASN D 65 -25.84 48.56 -14.31
C ASN D 65 -24.40 48.05 -14.38
N LEU D 66 -24.09 47.05 -13.58
CA LEU D 66 -22.73 46.52 -13.57
C LEU D 66 -22.76 45.02 -13.30
N ALA D 67 -21.64 44.36 -13.61
CA ALA D 67 -21.52 42.92 -13.35
C ALA D 67 -20.21 42.65 -12.64
N MET D 68 -20.26 41.77 -11.65
CA MET D 68 -19.14 41.52 -10.73
C MET D 68 -18.79 40.05 -10.70
N GLY D 69 -17.58 39.71 -11.10
CA GLY D 69 -17.08 38.35 -10.94
C GLY D 69 -16.71 38.10 -9.49
N VAL D 70 -17.28 37.05 -8.90
CA VAL D 70 -17.02 36.70 -7.51
C VAL D 70 -16.87 35.18 -7.37
N ASN D 71 -15.94 34.78 -6.52
CA ASN D 71 -15.78 33.40 -6.10
C ASN D 71 -16.74 33.11 -4.94
N LEU D 72 -17.78 32.34 -5.24
CA LEU D 72 -18.82 32.07 -4.23
C LEU D 72 -18.25 31.35 -3.03
N THR D 73 -17.30 30.44 -3.25
CA THR D 73 -16.70 29.72 -2.13
C THR D 73 -16.03 30.65 -1.13
N SER D 74 -15.41 31.73 -1.62
CA SER D 74 -14.79 32.70 -0.71
C SER D 74 -15.81 33.65 -0.10
N MET D 75 -16.71 34.21 -0.92
CA MET D 75 -17.70 35.14 -0.39
C MET D 75 -18.63 34.51 0.64
N SER D 76 -18.97 33.23 0.47
CA SER D 76 -19.67 32.49 1.51
C SER D 76 -18.91 32.50 2.84
N LYS D 77 -17.61 32.21 2.80
CA LYS D 77 -16.82 32.27 4.02
C LYS D 77 -16.75 33.68 4.59
N ILE D 78 -16.77 34.71 3.74
CA ILE D 78 -16.85 36.08 4.24
C ILE D 78 -18.16 36.32 4.97
N LEU D 79 -19.27 35.90 4.35
CA LEU D 79 -20.58 36.12 4.97
C LEU D 79 -20.79 35.29 6.22
N LYS D 80 -20.04 34.21 6.40
CA LYS D 80 -20.06 33.52 7.68
C LYS D 80 -19.59 34.40 8.83
N CYS D 81 -18.92 35.52 8.55
CA CYS D 81 -18.46 36.44 9.59
C CYS D 81 -19.52 37.42 10.07
N ALA D 82 -20.65 37.55 9.38
CA ALA D 82 -21.74 38.38 9.87
C ALA D 82 -22.62 37.63 10.87
N GLY D 83 -23.06 38.35 11.90
CA GLY D 83 -24.13 37.84 12.75
C GLY D 83 -25.49 37.90 12.06
N ASN D 84 -26.37 36.99 12.46
CA ASN D 84 -27.64 36.82 11.74
C ASN D 84 -28.53 38.05 11.84
N GLU D 85 -28.51 38.75 12.99
CA GLU D 85 -29.29 39.97 13.12
C GLU D 85 -28.58 41.20 12.58
N ASP D 86 -27.32 41.08 12.16
CA ASP D 86 -26.58 42.26 11.72
C ASP D 86 -27.18 42.84 10.44
N ILE D 87 -27.23 44.17 10.38
CA ILE D 87 -27.57 44.84 9.14
C ILE D 87 -26.40 44.72 8.19
N ILE D 88 -26.68 44.38 6.93
CA ILE D 88 -25.66 44.23 5.90
C ILE D 88 -25.76 45.40 4.94
N THR D 89 -24.62 46.00 4.62
CA THR D 89 -24.53 47.03 3.60
C THR D 89 -23.47 46.63 2.60
N LEU D 90 -23.77 46.83 1.34
CA LEU D 90 -22.84 46.55 0.25
C LEU D 90 -22.59 47.85 -0.49
N ARG D 91 -21.35 48.06 -0.93
CA ARG D 91 -21.12 49.13 -1.89
C ARG D 91 -19.90 48.84 -2.76
N ALA D 92 -19.92 49.42 -3.95
CA ALA D 92 -18.76 49.47 -4.81
C ALA D 92 -18.88 50.69 -5.73
N GLU D 93 -17.73 51.24 -6.09
CA GLU D 93 -17.68 52.30 -7.09
C GLU D 93 -17.44 51.70 -8.47
N ASP D 94 -17.90 52.42 -9.49
CA ASP D 94 -17.92 51.84 -10.83
C ASP D 94 -16.52 51.53 -11.33
N ASN D 95 -15.53 52.34 -10.96
CA ASN D 95 -14.15 52.09 -11.31
C ASN D 95 -13.49 51.05 -10.41
N ALA D 96 -14.14 50.65 -9.32
CA ALA D 96 -13.47 49.88 -8.30
C ALA D 96 -13.29 48.43 -8.71
N ASP D 97 -12.22 47.84 -8.22
CA ASP D 97 -11.99 46.39 -8.26
C ASP D 97 -12.44 45.70 -6.97
N THR D 98 -13.05 46.44 -6.05
CA THR D 98 -13.24 46.00 -4.67
C THR D 98 -14.70 46.19 -4.28
N LEU D 99 -15.24 45.19 -3.59
CA LEU D 99 -16.57 45.25 -3.00
C LEU D 99 -16.45 45.36 -1.48
N ALA D 100 -17.15 46.35 -0.91
CA ALA D 100 -17.18 46.55 0.53
C ALA D 100 -18.45 45.98 1.11
N LEU D 101 -18.31 45.14 2.14
CA LEU D 101 -19.40 44.59 2.94
C LEU D 101 -19.24 45.10 4.36
N VAL D 102 -20.28 45.74 4.90
CA VAL D 102 -20.23 46.30 6.25
C VAL D 102 -21.40 45.74 7.04
N PHE D 103 -21.11 45.24 8.24
CA PHE D 103 -22.11 44.66 9.12
C PHE D 103 -22.21 45.52 10.37
N GLU D 104 -23.44 45.89 10.71
CA GLU D 104 -23.74 46.67 11.90
C GLU D 104 -24.57 45.84 12.86
N ALA D 105 -24.08 45.66 14.08
CA ALA D 105 -24.94 45.20 15.16
C ALA D 105 -25.91 46.31 15.53
N PRO D 106 -27.20 46.02 15.71
CA PRO D 106 -28.17 47.10 16.00
C PRO D 106 -27.82 47.92 17.23
N ASN D 107 -26.97 47.41 18.13
CA ASN D 107 -26.46 48.22 19.22
C ASN D 107 -25.56 49.34 18.73
N GLN D 108 -24.98 49.21 17.54
CA GLN D 108 -23.98 50.15 17.04
C GLN D 108 -22.72 50.17 17.90
N GLU D 109 -22.64 49.30 18.90
CA GLU D 109 -21.43 49.19 19.71
C GLU D 109 -20.31 48.52 18.94
N LYS D 110 -20.65 47.74 17.91
CA LYS D 110 -19.68 47.03 17.07
C LYS D 110 -20.04 47.29 15.62
N VAL D 111 -19.03 47.52 14.80
CA VAL D 111 -19.14 47.51 13.35
C VAL D 111 -18.01 46.68 12.79
N SER D 112 -18.30 45.90 11.74
CA SER D 112 -17.27 45.11 11.07
C SER D 112 -17.29 45.40 9.58
N ASP D 113 -16.10 45.63 9.01
CA ASP D 113 -15.94 46.09 7.64
C ASP D 113 -15.02 45.12 6.92
N TYR D 114 -15.43 44.67 5.74
CA TYR D 114 -14.65 43.73 4.95
C TYR D 114 -14.56 44.18 3.50
N GLU D 115 -13.35 44.09 2.96
CA GLU D 115 -13.08 44.39 1.56
C GLU D 115 -12.74 43.09 0.85
N MET D 116 -13.40 42.83 -0.28
CA MET D 116 -13.03 41.70 -1.11
C MET D 116 -12.70 42.15 -2.52
N LYS D 117 -11.66 41.53 -3.09
CA LYS D 117 -11.31 41.75 -4.48
C LYS D 117 -12.29 41.03 -5.40
N LEU D 118 -12.82 41.76 -6.37
CA LEU D 118 -13.54 41.14 -7.48
C LEU D 118 -12.56 40.41 -8.39
N MET D 119 -13.11 39.77 -9.43
CA MET D 119 -12.33 39.17 -10.49
C MET D 119 -13.04 39.39 -11.81
N ASP D 120 -12.27 39.37 -12.90
CA ASP D 120 -12.71 39.88 -14.20
C ASP D 120 -13.14 38.72 -15.08
N LEU D 121 -14.45 38.45 -15.07
CA LEU D 121 -15.02 37.27 -15.71
C LEU D 121 -16.04 37.69 -16.76
N ASP D 122 -16.21 36.86 -17.77
CA ASP D 122 -17.27 37.01 -18.76
C ASP D 122 -18.05 35.71 -18.86
N VAL D 123 -19.36 35.82 -19.07
CA VAL D 123 -20.29 34.76 -18.71
C VAL D 123 -21.25 34.51 -19.86
N GLU D 124 -21.60 33.24 -20.06
CA GLU D 124 -22.49 32.78 -21.11
C GLU D 124 -23.88 32.52 -20.54
N GLN D 125 -24.89 33.18 -21.07
CA GLN D 125 -26.23 33.10 -20.50
C GLN D 125 -27.26 33.45 -21.57
N LEU D 126 -28.46 32.91 -21.41
CA LEU D 126 -29.61 33.23 -22.25
C LEU D 126 -30.86 33.46 -21.41
N GLY D 127 -31.76 34.28 -21.94
CA GLY D 127 -33.04 34.56 -21.30
C GLY D 127 -33.91 33.33 -21.12
N ILE D 128 -34.29 33.06 -19.87
CA ILE D 128 -34.87 31.77 -19.50
C ILE D 128 -36.24 31.60 -20.17
N PRO D 129 -36.54 30.43 -20.74
CA PRO D 129 -37.88 30.17 -21.25
C PRO D 129 -38.86 29.85 -20.12
N GLU D 130 -40.14 30.11 -20.37
CA GLU D 130 -41.19 29.62 -19.47
C GLU D 130 -42.45 29.25 -20.25
N GLN D 131 -43.25 28.38 -19.64
CA GLN D 131 -44.50 27.91 -20.20
C GLN D 131 -45.49 27.69 -19.06
N GLU D 132 -46.77 27.63 -19.42
CA GLU D 132 -47.82 27.20 -18.49
C GLU D 132 -47.79 25.68 -18.39
N TYR D 133 -47.05 25.19 -17.39
CA TYR D 133 -46.78 23.77 -17.26
C TYR D 133 -48.05 23.00 -16.91
N SER D 134 -48.20 21.82 -17.52
CA SER D 134 -49.40 21.01 -17.39
C SER D 134 -49.65 20.55 -15.96
N CYS D 135 -48.61 20.45 -15.13
CA CYS D 135 -48.78 20.15 -13.70
C CYS D 135 -48.04 21.17 -12.85
N VAL D 136 -48.67 21.58 -11.75
CA VAL D 136 -47.99 22.33 -10.70
C VAL D 136 -48.36 21.75 -9.34
N VAL D 137 -47.38 21.59 -8.46
CA VAL D 137 -47.60 21.02 -7.13
C VAL D 137 -46.98 21.93 -6.08
N LYS D 138 -47.77 22.25 -5.05
CA LYS D 138 -47.31 23.04 -3.92
C LYS D 138 -47.21 22.13 -2.70
N MET D 139 -46.11 22.24 -1.96
CA MET D 139 -45.87 21.34 -0.83
C MET D 139 -45.12 22.06 0.28
N PRO D 140 -45.28 21.62 1.53
CA PRO D 140 -44.30 21.99 2.56
C PRO D 140 -42.92 21.45 2.20
N SER D 141 -41.93 22.34 2.20
CA SER D 141 -40.61 22.00 1.70
C SER D 141 -39.96 20.87 2.49
N GLY D 142 -40.17 20.85 3.81
CA GLY D 142 -39.56 19.80 4.63
C GLY D 142 -39.99 18.40 4.22
N GLU D 143 -41.22 18.26 3.74
CA GLU D 143 -41.68 16.96 3.28
C GLU D 143 -40.96 16.54 2.01
N PHE D 144 -40.86 17.46 1.05
CA PHE D 144 -40.13 17.16 -0.18
C PHE D 144 -38.66 16.83 0.08
N ALA D 145 -38.04 17.56 1.00
CA ALA D 145 -36.66 17.24 1.39
C ALA D 145 -36.54 15.84 1.96
N ARG D 146 -37.45 15.46 2.86
CA ARG D 146 -37.39 14.09 3.39
C ARG D 146 -37.65 13.05 2.31
N ILE D 147 -38.59 13.33 1.40
CA ILE D 147 -38.88 12.40 0.31
C ILE D 147 -37.64 12.17 -0.55
N CYS D 148 -36.99 13.25 -0.98
CA CYS D 148 -35.80 13.11 -1.81
C CYS D 148 -34.68 12.39 -1.08
N ARG D 149 -34.49 12.67 0.22
CA ARG D 149 -33.48 11.94 0.97
C ARG D 149 -33.82 10.45 1.05
N ASP D 150 -35.08 10.13 1.28
CA ASP D 150 -35.48 8.72 1.38
C ASP D 150 -35.26 7.98 0.08
N LEU D 151 -35.70 8.54 -1.04
CA LEU D 151 -35.45 7.89 -2.32
C LEU D 151 -33.96 7.84 -2.69
N SER D 152 -33.19 8.86 -2.33
CA SER D 152 -31.75 8.80 -2.56
C SER D 152 -31.07 7.69 -1.77
N HIS D 153 -31.61 7.36 -0.59
CA HIS D 153 -31.13 6.18 0.11
C HIS D 153 -31.29 4.90 -0.71
N ILE D 154 -32.45 4.71 -1.34
CA ILE D 154 -32.65 3.44 -2.06
C ILE D 154 -31.87 3.39 -3.36
N GLY D 155 -31.85 4.46 -4.14
CA GLY D 155 -31.37 4.28 -5.50
C GLY D 155 -31.23 5.56 -6.30
N ASP D 156 -30.97 5.35 -7.59
CA ASP D 156 -30.51 6.41 -8.48
C ASP D 156 -31.57 7.48 -8.75
N ALA D 157 -32.77 7.07 -9.14
CA ALA D 157 -33.66 8.02 -9.80
C ALA D 157 -35.10 7.75 -9.41
N VAL D 158 -35.92 8.80 -9.54
CA VAL D 158 -37.33 8.77 -9.17
C VAL D 158 -38.15 9.00 -10.43
N VAL D 159 -39.31 8.35 -10.50
CA VAL D 159 -40.36 8.69 -11.44
C VAL D 159 -41.47 9.41 -10.69
N ILE D 160 -41.88 10.56 -11.24
CA ILE D 160 -42.81 11.49 -10.64
C ILE D 160 -44.08 11.48 -11.48
N SER D 161 -45.22 11.25 -10.83
CA SER D 161 -46.52 11.11 -11.47
C SER D 161 -47.52 11.98 -10.73
N CYS D 162 -48.36 12.70 -11.48
CA CYS D 162 -49.39 13.53 -10.89
C CYS D 162 -50.77 13.06 -11.33
N ALA D 163 -51.73 13.20 -10.41
CA ALA D 163 -53.11 12.85 -10.71
C ALA D 163 -54.03 13.74 -9.88
N LYS D 164 -55.31 13.69 -10.22
CA LYS D 164 -56.31 14.52 -9.54
C LYS D 164 -56.38 14.20 -8.05
N ASP D 165 -56.21 12.94 -7.68
CA ASP D 165 -56.32 12.57 -6.27
C ASP D 165 -55.05 12.86 -5.47
N GLY D 166 -53.88 12.75 -6.08
CA GLY D 166 -52.65 12.89 -5.31
C GLY D 166 -51.43 12.85 -6.21
N VAL D 167 -50.30 13.21 -5.61
CA VAL D 167 -49.01 13.22 -6.29
C VAL D 167 -48.19 12.04 -5.79
N LYS D 168 -47.53 11.36 -6.72
CA LYS D 168 -46.95 10.05 -6.47
C LYS D 168 -45.50 10.03 -6.94
N PHE D 169 -44.65 9.39 -6.14
CA PHE D 169 -43.23 9.23 -6.44
C PHE D 169 -42.89 7.77 -6.31
N SER D 170 -42.02 7.27 -7.19
CA SER D 170 -41.62 5.87 -7.10
C SER D 170 -40.20 5.70 -7.59
N ALA D 171 -39.51 4.70 -7.04
CA ALA D 171 -38.14 4.44 -7.43
C ALA D 171 -37.79 2.99 -7.13
N SER D 172 -36.69 2.53 -7.71
CA SER D 172 -36.25 1.16 -7.50
C SER D 172 -34.73 1.08 -7.59
N GLY D 173 -34.17 0.07 -6.94
CA GLY D 173 -32.75 -0.16 -6.91
C GLY D 173 -32.44 -1.57 -6.46
N GLU D 174 -31.15 -1.82 -6.24
CA GLU D 174 -30.68 -3.18 -6.02
C GLU D 174 -31.37 -3.83 -4.83
N LEU D 175 -31.60 -3.09 -3.76
CA LEU D 175 -32.17 -3.73 -2.58
C LEU D 175 -33.68 -3.83 -2.63
N GLY D 176 -34.37 -2.99 -3.42
CA GLY D 176 -35.81 -3.00 -3.37
C GLY D 176 -36.40 -1.88 -4.20
N ASN D 177 -37.70 -1.69 -4.01
CA ASN D 177 -38.43 -0.65 -4.71
C ASN D 177 -39.43 -0.01 -3.75
N GLY D 178 -39.81 1.23 -4.07
CA GLY D 178 -40.59 2.02 -3.15
C GLY D 178 -41.49 3.04 -3.80
N ASN D 179 -42.68 3.21 -3.23
CA ASN D 179 -43.73 4.05 -3.78
C ASN D 179 -44.33 4.91 -2.68
N ILE D 180 -44.64 6.16 -3.01
CA ILE D 180 -45.17 7.14 -2.07
C ILE D 180 -46.27 7.91 -2.78
N LYS D 181 -47.34 8.22 -2.06
CA LYS D 181 -48.31 9.20 -2.50
C LYS D 181 -48.62 10.20 -1.38
N LEU D 182 -48.74 11.46 -1.77
CA LEU D 182 -49.39 12.49 -0.94
C LEU D 182 -50.71 12.87 -1.58
N SER D 183 -51.79 12.72 -0.83
CA SER D 183 -53.11 13.14 -1.28
C SER D 183 -53.26 14.66 -1.21
N GLN D 184 -54.10 15.20 -2.08
CA GLN D 184 -54.59 16.56 -1.91
C GLN D 184 -55.33 16.68 -0.57
N THR D 185 -55.12 17.80 0.11
CA THR D 185 -55.80 18.04 1.37
C THR D 185 -57.28 18.27 1.15
N SER D 186 -58.10 17.64 2.00
CA SER D 186 -59.55 17.70 1.85
C SER D 186 -60.11 19.04 2.30
N ASN D 187 -59.54 19.61 3.35
CA ASN D 187 -59.91 20.96 3.81
C ASN D 187 -58.73 21.53 4.57
N VAL D 188 -58.22 22.66 4.10
CA VAL D 188 -57.00 23.24 4.69
C VAL D 188 -57.30 23.75 6.09
N ASP D 189 -56.52 23.27 7.05
CA ASP D 189 -56.55 23.77 8.42
C ASP D 189 -55.63 24.98 8.59
N LYS D 190 -54.42 24.90 8.07
CA LYS D 190 -53.54 26.06 7.98
C LYS D 190 -52.67 25.94 6.74
N GLU D 191 -52.35 27.10 6.15
CA GLU D 191 -51.85 27.16 4.78
C GLU D 191 -50.43 26.61 4.64
N GLU D 192 -49.65 26.57 5.72
CA GLU D 192 -48.28 26.08 5.61
C GLU D 192 -48.23 24.58 5.34
N GLU D 193 -49.27 23.85 5.74
CA GLU D 193 -49.26 22.39 5.66
C GLU D 193 -50.04 21.85 4.48
N ALA D 194 -50.79 22.70 3.77
CA ALA D 194 -51.59 22.25 2.64
C ALA D 194 -50.72 21.76 1.50
N VAL D 195 -51.02 20.56 1.01
CA VAL D 195 -50.46 20.02 -0.22
C VAL D 195 -51.51 20.21 -1.30
N THR D 196 -51.16 20.89 -2.38
CA THR D 196 -52.18 21.16 -3.41
C THR D 196 -51.62 21.00 -4.81
N ILE D 197 -52.50 20.63 -5.73
CA ILE D 197 -52.13 20.20 -7.06
C ILE D 197 -52.98 20.93 -8.09
N GLU D 198 -52.35 21.35 -9.18
CA GLU D 198 -53.02 21.68 -10.43
C GLU D 198 -52.63 20.63 -11.46
N MET D 199 -53.64 20.21 -12.23
CA MET D 199 -53.56 18.99 -13.05
C MET D 199 -54.43 19.21 -14.28
N ASN D 200 -53.80 19.64 -15.38
CA ASN D 200 -54.51 19.73 -16.65
C ASN D 200 -54.50 18.38 -17.38
N GLU D 201 -53.36 17.70 -17.37
CA GLU D 201 -53.21 16.42 -18.06
C GLU D 201 -52.26 15.55 -17.25
N PRO D 202 -52.47 14.23 -17.24
CA PRO D 202 -51.52 13.35 -16.55
C PRO D 202 -50.10 13.54 -17.09
N VAL D 203 -49.14 13.58 -16.18
CA VAL D 203 -47.73 13.70 -16.51
C VAL D 203 -46.95 12.66 -15.72
N GLN D 204 -45.99 12.02 -16.35
CA GLN D 204 -45.00 11.21 -15.67
C GLN D 204 -43.63 11.49 -16.24
N LEU D 205 -42.63 11.65 -15.37
CA LEU D 205 -41.26 11.86 -15.83
C LEU D 205 -40.26 11.24 -14.87
N THR D 206 -39.06 10.99 -15.37
CA THR D 206 -37.97 10.43 -14.58
C THR D 206 -36.90 11.49 -14.33
N PHE D 207 -36.36 11.52 -13.11
CA PHE D 207 -35.32 12.45 -12.74
C PHE D 207 -34.24 11.78 -11.88
N ALA D 208 -33.00 12.23 -12.07
CA ALA D 208 -31.85 11.77 -11.31
C ALA D 208 -31.77 12.51 -9.98
N LEU D 209 -31.73 11.78 -8.88
CA LEU D 209 -31.96 12.36 -7.56
C LEU D 209 -30.82 13.24 -7.08
N ARG D 210 -29.61 13.07 -7.61
CA ARG D 210 -28.47 13.92 -7.22
C ARG D 210 -28.83 15.41 -7.26
N TYR D 211 -29.51 15.84 -8.32
CA TYR D 211 -29.74 17.26 -8.50
C TYR D 211 -30.93 17.77 -7.69
N LEU D 212 -31.98 16.99 -7.51
CA LEU D 212 -32.97 17.37 -6.50
C LEU D 212 -32.33 17.46 -5.12
N ASN D 213 -31.45 16.52 -4.79
CA ASN D 213 -30.78 16.53 -3.50
C ASN D 213 -29.76 17.65 -3.37
N PHE D 214 -29.46 18.36 -4.45
CA PHE D 214 -28.82 19.67 -4.28
C PHE D 214 -29.84 20.80 -4.19
N PHE D 215 -30.84 20.80 -5.06
CA PHE D 215 -31.81 21.90 -5.06
C PHE D 215 -32.46 22.07 -3.71
N THR D 216 -32.63 20.97 -2.96
CA THR D 216 -33.18 21.03 -1.62
C THR D 216 -32.35 21.86 -0.64
N LYS D 217 -31.10 22.17 -0.97
CA LYS D 217 -30.28 22.95 -0.04
C LYS D 217 -30.87 24.31 0.29
N ALA D 218 -31.74 24.85 -0.54
CA ALA D 218 -32.44 26.10 -0.23
C ALA D 218 -33.53 25.94 0.84
N THR D 219 -33.79 24.73 1.33
CA THR D 219 -34.93 24.50 2.22
C THR D 219 -35.04 25.48 3.37
N PRO D 220 -33.99 25.86 4.07
CA PRO D 220 -34.12 26.88 5.13
C PRO D 220 -34.59 28.22 4.64
N LEU D 221 -34.57 28.48 3.33
CA LEU D 221 -34.91 29.79 2.81
C LEU D 221 -36.40 30.04 2.69
N SER D 222 -37.22 29.01 2.59
CA SER D 222 -38.66 29.23 2.42
C SER D 222 -39.43 27.98 2.81
N SER D 223 -40.51 28.18 3.57
CA SER D 223 -41.26 27.08 4.16
C SER D 223 -41.98 26.21 3.15
N THR D 224 -42.28 26.71 1.95
CA THR D 224 -43.00 25.93 0.95
C THR D 224 -42.28 25.95 -0.39
N VAL D 225 -42.35 24.82 -1.09
CA VAL D 225 -41.72 24.61 -2.39
C VAL D 225 -42.79 24.37 -3.44
N THR D 226 -42.46 24.71 -4.70
CA THR D 226 -43.35 24.45 -5.82
C THR D 226 -42.62 23.72 -6.94
N LEU D 227 -43.28 22.70 -7.50
CA LEU D 227 -42.75 21.92 -8.60
C LEU D 227 -43.61 22.16 -9.83
N SER D 228 -42.98 22.54 -10.94
CA SER D 228 -43.67 22.83 -12.18
C SER D 228 -43.16 21.87 -13.24
N MET D 229 -44.06 21.08 -13.82
CA MET D 229 -43.68 19.91 -14.61
C MET D 229 -44.63 19.75 -15.78
N SER D 230 -44.08 19.31 -16.90
CA SER D 230 -44.88 18.99 -18.08
C SER D 230 -44.07 18.04 -18.95
N ALA D 231 -44.77 17.36 -19.85
CA ALA D 231 -44.09 16.53 -20.83
C ALA D 231 -43.22 17.39 -21.76
N ASP D 232 -42.11 16.81 -22.20
CA ASP D 232 -41.24 17.41 -23.20
C ASP D 232 -40.71 18.79 -22.76
N VAL D 233 -40.48 18.98 -21.47
CA VAL D 233 -39.88 20.23 -21.01
C VAL D 233 -39.11 19.98 -19.72
N PRO D 234 -38.06 20.76 -19.43
CA PRO D 234 -37.41 20.65 -18.12
C PRO D 234 -38.37 20.87 -16.97
N LEU D 235 -38.19 20.09 -15.91
CA LEU D 235 -38.76 20.42 -14.61
C LEU D 235 -38.21 21.75 -14.12
N VAL D 236 -39.09 22.56 -13.52
CA VAL D 236 -38.68 23.68 -12.70
C VAL D 236 -39.02 23.40 -11.25
N VAL D 237 -38.05 23.57 -10.36
CA VAL D 237 -38.28 23.63 -8.93
C VAL D 237 -38.12 25.09 -8.51
N GLU D 238 -39.12 25.63 -7.82
CA GLU D 238 -39.12 27.05 -7.49
C GLU D 238 -39.37 27.28 -6.01
N TYR D 239 -38.54 28.15 -5.43
CA TYR D 239 -38.72 28.73 -4.11
C TYR D 239 -38.98 30.23 -4.25
N LYS D 240 -39.87 30.75 -3.41
CA LYS D 240 -40.14 32.17 -3.34
C LYS D 240 -39.57 32.73 -2.04
N ILE D 241 -38.88 33.86 -2.14
CA ILE D 241 -38.02 34.36 -1.08
C ILE D 241 -38.63 35.66 -0.61
N ALA D 242 -39.41 35.56 0.47
CA ALA D 242 -40.16 36.65 1.06
C ALA D 242 -40.94 37.43 0.00
N ASP D 243 -40.92 38.76 0.13
CA ASP D 243 -41.39 39.63 -0.93
C ASP D 243 -40.46 39.61 -2.13
N MET D 244 -39.19 39.91 -1.89
CA MET D 244 -38.34 40.53 -2.90
C MET D 244 -37.79 39.59 -3.96
N GLY D 245 -37.83 38.27 -3.78
CA GLY D 245 -37.06 37.47 -4.71
C GLY D 245 -37.55 36.05 -4.92
N HIS D 246 -36.84 35.35 -5.81
CA HIS D 246 -37.18 33.95 -6.06
C HIS D 246 -35.97 33.20 -6.60
N LEU D 247 -35.94 31.88 -6.34
CA LEU D 247 -34.89 31.01 -6.83
C LEU D 247 -35.49 29.85 -7.63
N LYS D 248 -35.10 29.75 -8.90
CA LYS D 248 -35.59 28.74 -9.83
C LYS D 248 -34.46 27.81 -10.26
N TYR D 249 -34.65 26.51 -10.08
CA TYR D 249 -33.76 25.51 -10.68
C TYR D 249 -34.45 24.88 -11.87
N TYR D 250 -33.73 24.79 -13.00
CA TYR D 250 -34.18 24.14 -14.22
C TYR D 250 -33.38 22.86 -14.42
N LEU D 251 -34.09 21.74 -14.60
CA LEU D 251 -33.47 20.43 -14.77
C LEU D 251 -34.22 19.64 -15.82
N ALA D 252 -33.50 19.15 -16.83
CA ALA D 252 -34.10 18.29 -17.85
C ALA D 252 -34.34 16.87 -17.34
N PRO D 253 -35.40 16.21 -17.82
CA PRO D 253 -35.70 14.85 -17.37
C PRO D 253 -34.66 13.84 -17.82
N LYS D 254 -34.58 12.75 -17.06
CA LYS D 254 -33.89 11.56 -17.53
C LYS D 254 -34.63 10.93 -18.70
N ILE D 255 -33.88 10.47 -19.69
CA ILE D 255 -34.44 10.09 -20.99
C ILE D 255 -34.50 8.58 -21.10
N GLU D 256 -35.66 8.06 -21.48
CA GLU D 256 -35.88 6.62 -21.66
C GLU D 256 -35.70 6.16 -23.10
N ASP D 257 -35.53 7.09 -24.04
CA ASP D 257 -35.51 6.77 -25.46
C ASP D 257 -34.48 5.71 -25.82
N GLU D 258 -33.42 5.59 -25.01
CA GLU D 258 -32.34 4.67 -25.33
C GLU D 258 -32.83 3.25 -25.61
N GLU D 259 -33.92 2.83 -24.99
CA GLU D 259 -34.56 1.58 -25.38
C GLU D 259 -34.99 1.64 -26.84
P 2DA E 24 19.38 1.62 -7.29
OP1 2DA E 24 19.82 3.06 -7.13
OP2 2DA E 24 20.13 1.09 -8.50
O5' 2DA E 24 20.22 0.92 -6.11
C5' 2DA E 24 20.63 -0.44 -6.37
C4' 2DA E 24 20.61 -1.28 -5.13
O4' 2DA E 24 19.27 -1.82 -4.94
C3' 2DA E 24 21.51 -2.49 -5.19
C2' 2DA E 24 20.84 -3.46 -4.23
C1' 2DA E 24 19.37 -3.07 -4.27
N9 2DA E 24 18.51 -4.02 -4.98
C8 2DA E 24 18.11 -3.93 -6.29
N7 2DA E 24 17.37 -4.93 -6.69
C5 2DA E 24 17.35 -5.79 -5.60
C6 2DA E 24 16.77 -7.05 -5.40
N6 2DA E 24 16.07 -7.69 -6.32
N1 2DA E 24 16.96 -7.64 -4.20
C2 2DA E 24 17.67 -6.99 -3.26
N3 2DA E 24 18.26 -5.80 -3.34
C4 2DA E 24 18.06 -5.24 -4.54
FE1 SF4 G . 30.76 -23.60 19.39
FE2 SF4 G . 32.45 -25.75 19.41
FE3 SF4 G . 33.45 -23.23 19.05
FE4 SF4 G . 31.98 -24.40 17.08
S1 SF4 G . 33.99 -25.09 17.87
S2 SF4 G . 31.78 -22.28 17.84
S3 SF4 G . 30.48 -25.58 18.31
S4 SF4 G . 32.40 -24.03 20.91
N1 DDS H . 18.67 -11.62 -4.99
C2 DDS H . 19.08 -11.41 -3.73
N3 DDS H . 19.74 -10.37 -3.22
C4 DDS H . 19.99 -9.46 -4.17
C5 DDS H . 19.66 -9.54 -5.51
C6 DDS H . 18.96 -10.67 -5.92
N6 DDS H . 18.55 -10.88 -7.18
N7 DDS H . 20.09 -8.42 -6.17
C8 DDS H . 20.70 -7.69 -5.26
N9 DDS H . 20.69 -8.29 -4.01
PA DDS H . 24.16 -4.75 -6.20
PB DDS H . 26.78 -6.11 -5.80
PG DDS H . 27.99 -5.31 -8.34
C1' DDS H . 21.22 -7.74 -2.78
O1A DDS H . 23.33 -4.70 -7.44
O1B DDS H . 27.32 -4.95 -5.06
O1G DDS H . 28.27 -3.95 -7.74
C2' DDS H . 22.46 -8.46 -2.28
O2A DDS H . 24.62 -3.49 -5.60
O2B DDS H . 26.60 -7.41 -5.14
O2G DDS H . 29.19 -5.88 -9.07
C3' DDS H . 23.57 -7.70 -2.96
O3A DDS H . 25.43 -5.67 -6.55
O3B DDS H . 27.71 -6.30 -7.09
O3G DDS H . 26.73 -5.34 -9.16
C4' DDS H . 23.06 -6.29 -2.82
O4' DDS H . 21.65 -6.41 -3.09
C5' DDS H . 23.72 -5.29 -3.73
O5' DDS H . 23.42 -5.63 -5.09
#